data_6K3F
#
_entry.id   6K3F
#
_cell.length_a   91.170
_cell.length_b   127.910
_cell.length_c   206.040
_cell.angle_alpha   90.000
_cell.angle_beta   90.040
_cell.angle_gamma   90.000
#
_symmetry.space_group_name_H-M   'C 1 2 1'
#
loop_
_entity.id
_entity.type
_entity.pdbx_description
1 polymer Beta-arrestin-2
2 polymer 'Peptide from Atypical chemokine receptor 3'
3 water water
#
loop_
_entity_poly.entity_id
_entity_poly.type
_entity_poly.pdbx_seq_one_letter_code
_entity_poly.pdbx_strand_id
1 'polypeptide(L)'
;MGSSHHHHHHSSGLVPRGSHMMGEKPGTRVFKKSSPNCKLTVYLGKRDFVDHLDKVDPVDGVVLVDPDYLKDRKVFVTLT
CAFRYGREDLDVLGLSFRKDLFIATYQAFPPMPNPPRPPTRLQDRLLKKLGQHAHPFFFTIPQNLPCSVTLQPGPEDTGK
ACGVDFEIRAFCAKSIEEKSHKRNSVRLIIRKVQFAPETPGPQPSAETTRHFLMSDRRSLHLEASLDKELYYHGEPLNVN
VHVTNNSAKTVKKIRVSVRQYADICLFSTAQYKCPVAQLEQDDQVSPSSTFCKVYTITPLLSDNREKRGLALDGQLKHED
TNLASSTIVKEGANKEVLGILVSYRVKVKLVVSRGGDVSVELPFVLMHPKPHDHITL
;
A,B,C,D,E,F
2 'polypeptide(L)' IFKY(SEP)AK(TPO)GL(TPO)KLID U,V,W,X,Y,Z
#
# COMPACT_ATOMS: atom_id res chain seq x y z
N ARG A 29 -24.71 54.63 34.37
CA ARG A 29 -25.42 54.90 35.62
C ARG A 29 -24.92 54.01 36.76
N VAL A 30 -24.90 54.56 37.96
CA VAL A 30 -24.43 53.88 39.16
C VAL A 30 -25.56 53.03 39.71
N PHE A 31 -25.20 51.95 40.42
CA PHE A 31 -26.18 51.04 40.99
C PHE A 31 -25.72 50.59 42.36
N LYS A 32 -26.68 50.36 43.25
CA LYS A 32 -26.42 49.96 44.61
C LYS A 32 -27.05 48.61 44.90
N LYS A 33 -26.38 47.84 45.76
CA LYS A 33 -26.97 46.64 46.34
C LYS A 33 -27.06 46.81 47.86
N SER A 34 -28.25 46.52 48.39
CA SER A 34 -28.58 46.69 49.80
C SER A 34 -28.92 45.35 50.42
N SER A 35 -28.40 45.11 51.61
CA SER A 35 -28.75 43.94 52.37
C SER A 35 -30.05 44.18 53.14
N PRO A 36 -30.90 43.16 53.29
CA PRO A 36 -32.16 43.35 54.03
C PRO A 36 -31.99 43.84 55.46
N ASN A 37 -30.77 43.84 55.99
CA ASN A 37 -30.49 44.43 57.30
C ASN A 37 -30.14 45.90 57.20
N CYS A 38 -30.28 46.51 56.02
CA CYS A 38 -30.06 47.93 55.76
C CYS A 38 -28.79 48.45 56.43
N LYS A 39 -27.79 47.57 56.57
CA LYS A 39 -26.56 47.89 57.26
C LYS A 39 -25.45 48.29 56.29
N LEU A 40 -25.16 47.45 55.31
CA LEU A 40 -24.18 47.74 54.28
C LEU A 40 -24.89 47.94 52.94
N THR A 41 -24.38 48.87 52.15
CA THR A 41 -24.83 49.09 50.78
C THR A 41 -23.59 49.33 49.93
N VAL A 42 -23.60 48.84 48.70
CA VAL A 42 -22.46 49.02 47.80
C VAL A 42 -22.91 49.76 46.56
N TYR A 43 -22.19 50.84 46.22
CA TYR A 43 -22.48 51.70 45.08
C TYR A 43 -21.36 51.61 44.07
N LEU A 44 -21.70 51.20 42.85
CA LEU A 44 -20.72 50.87 41.82
C LEU A 44 -21.15 51.43 40.47
N GLY A 45 -20.17 51.60 39.58
CA GLY A 45 -20.41 52.18 38.29
C GLY A 45 -20.82 51.22 37.19
N LYS A 46 -20.03 50.16 36.99
CA LYS A 46 -20.23 49.26 35.88
C LYS A 46 -20.05 47.82 36.36
N ARG A 47 -20.95 46.93 35.95
CA ARG A 47 -20.76 45.51 36.23
C ARG A 47 -19.76 44.90 35.26
N ASP A 48 -19.81 45.29 33.99
CA ASP A 48 -18.82 44.86 33.01
C ASP A 48 -17.57 45.71 33.14
N PHE A 49 -16.46 45.10 33.54
CA PHE A 49 -15.18 45.81 33.61
C PHE A 49 -14.30 45.38 32.45
N VAL A 50 -13.60 46.36 31.87
CA VAL A 50 -12.85 46.17 30.63
C VAL A 50 -11.49 45.59 30.94
N ASP A 51 -11.27 44.33 30.57
CA ASP A 51 -9.95 43.75 30.67
C ASP A 51 -9.07 44.32 29.57
N HIS A 52 -8.43 45.46 29.85
CA HIS A 52 -7.48 46.04 28.90
C HIS A 52 -6.30 45.09 28.73
N LEU A 53 -5.37 45.42 27.83
CA LEU A 53 -4.19 44.57 27.65
C LEU A 53 -3.08 44.97 28.62
N ASP A 54 -2.62 46.22 28.53
CA ASP A 54 -1.58 46.66 29.46
C ASP A 54 -2.08 46.70 30.88
N LYS A 55 -3.32 47.09 31.10
CA LYS A 55 -3.89 47.12 32.43
C LYS A 55 -5.14 46.25 32.45
N VAL A 56 -5.88 46.36 33.54
CA VAL A 56 -7.21 45.77 33.66
C VAL A 56 -8.14 46.96 33.86
N ASP A 57 -9.44 46.72 34.00
CA ASP A 57 -10.31 47.77 34.48
C ASP A 57 -10.46 47.63 35.98
N PRO A 58 -9.99 48.58 36.77
CA PRO A 58 -10.11 48.48 38.21
C PRO A 58 -11.50 48.86 38.69
N VAL A 59 -11.83 48.39 39.87
CA VAL A 59 -13.12 48.70 40.49
C VAL A 59 -13.06 50.07 41.14
N ASP A 60 -14.18 50.77 41.12
CA ASP A 60 -14.41 51.95 41.94
C ASP A 60 -15.74 51.81 42.66
N GLY A 61 -16.13 52.85 43.38
CA GLY A 61 -17.37 52.86 44.12
C GLY A 61 -17.14 53.04 45.60
N VAL A 62 -18.24 53.02 46.35
CA VAL A 62 -18.19 53.19 47.79
C VAL A 62 -19.06 52.15 48.48
N VAL A 63 -18.91 52.05 49.79
CA VAL A 63 -19.75 51.24 50.66
C VAL A 63 -20.34 52.16 51.70
N LEU A 64 -21.66 52.23 51.76
CA LEU A 64 -22.39 53.08 52.68
C LEU A 64 -22.92 52.23 53.81
N VAL A 65 -22.48 52.50 55.03
CA VAL A 65 -22.87 51.72 56.20
C VAL A 65 -23.47 52.65 57.24
N ASP A 66 -24.20 52.05 58.20
CA ASP A 66 -24.86 52.87 59.22
C ASP A 66 -24.13 52.75 60.54
N PRO A 67 -23.83 53.85 61.22
CA PRO A 67 -22.96 53.78 62.40
C PRO A 67 -23.64 53.27 63.67
N ASP A 68 -24.96 53.37 63.77
CA ASP A 68 -25.62 53.06 65.05
C ASP A 68 -25.53 51.58 65.39
N TYR A 69 -25.82 50.71 64.42
CA TYR A 69 -25.59 49.27 64.59
C TYR A 69 -24.09 48.98 64.60
N LEU A 70 -23.33 49.72 63.81
CA LEU A 70 -21.92 49.42 63.55
C LEU A 70 -21.06 50.26 64.50
N LYS A 71 -21.05 49.83 65.77
CA LYS A 71 -20.27 50.49 66.83
C LYS A 71 -19.09 49.60 67.16
N ASP A 72 -17.88 50.07 66.86
CA ASP A 72 -16.66 49.26 67.00
C ASP A 72 -16.83 47.93 66.27
N ARG A 73 -17.42 48.00 65.08
CA ARG A 73 -17.64 46.86 64.20
C ARG A 73 -17.10 47.26 62.83
N LYS A 74 -16.11 46.51 62.34
CA LYS A 74 -15.19 47.01 61.34
C LYS A 74 -15.38 46.28 60.01
N VAL A 75 -15.79 47.03 58.97
CA VAL A 75 -16.20 46.51 57.67
C VAL A 75 -14.99 46.38 56.74
N PHE A 76 -15.02 45.36 55.88
CA PHE A 76 -14.04 45.14 54.82
C PHE A 76 -14.76 44.98 53.49
N VAL A 77 -13.98 44.96 52.40
CA VAL A 77 -14.54 44.76 51.07
C VAL A 77 -13.54 43.98 50.22
N THR A 78 -14.08 43.10 49.36
CA THR A 78 -13.28 42.10 48.67
C THR A 78 -13.77 41.86 47.24
N LEU A 79 -12.89 41.24 46.45
CA LEU A 79 -13.15 40.84 45.06
C LEU A 79 -12.76 39.38 44.92
N THR A 80 -13.73 38.51 44.69
CA THR A 80 -13.51 37.08 44.53
C THR A 80 -13.51 36.72 43.05
N CYS A 81 -12.33 36.37 42.52
CA CYS A 81 -12.24 35.71 41.23
C CYS A 81 -12.49 34.22 41.47
N ALA A 82 -13.53 33.67 40.85
CA ALA A 82 -13.96 32.34 41.23
C ALA A 82 -14.25 31.49 40.00
N PHE A 83 -14.25 30.19 40.24
CA PHE A 83 -14.41 29.16 39.22
C PHE A 83 -15.49 28.21 39.73
N ARG A 84 -16.64 28.19 39.08
CA ARG A 84 -17.71 27.26 39.42
C ARG A 84 -17.69 26.11 38.42
N TYR A 85 -17.87 24.87 38.90
CA TYR A 85 -17.98 23.77 37.95
C TYR A 85 -18.97 22.68 38.38
N GLY A 86 -20.05 23.05 39.07
CA GLY A 86 -21.04 22.05 39.40
C GLY A 86 -22.07 22.48 40.42
N ARG A 87 -22.45 21.57 41.31
CA ARG A 87 -23.49 21.84 42.28
C ARG A 87 -22.89 22.41 43.56
N GLU A 88 -23.73 23.16 44.28
CA GLU A 88 -23.23 23.94 45.41
C GLU A 88 -22.79 23.05 46.56
N ASP A 89 -23.73 22.30 47.14
CA ASP A 89 -23.43 21.50 48.32
C ASP A 89 -22.88 20.12 48.01
N LEU A 90 -23.11 19.60 46.80
CA LEU A 90 -22.73 18.23 46.46
C LEU A 90 -21.22 18.09 46.29
N ASP A 91 -20.66 18.76 45.28
CA ASP A 91 -19.23 18.68 45.02
C ASP A 91 -18.42 19.26 46.18
N VAL A 92 -19.08 19.92 47.13
CA VAL A 92 -18.43 20.41 48.32
C VAL A 92 -18.21 19.29 49.32
N LEU A 93 -19.21 18.41 49.52
CA LEU A 93 -19.05 17.36 50.51
C LEU A 93 -18.19 16.25 49.92
N GLY A 94 -17.07 16.64 49.33
CA GLY A 94 -16.03 15.74 48.91
C GLY A 94 -14.75 16.18 49.59
N LEU A 95 -13.63 16.13 48.87
CA LEU A 95 -12.35 16.52 49.44
C LEU A 95 -11.93 17.94 49.09
N SER A 96 -12.67 18.62 48.21
CA SER A 96 -12.24 19.92 47.72
C SER A 96 -13.44 20.78 47.35
N PHE A 97 -13.16 22.03 47.00
CA PHE A 97 -14.18 22.97 46.57
C PHE A 97 -13.61 23.73 45.35
N ARG A 98 -14.35 24.75 44.90
CA ARG A 98 -13.89 25.66 43.86
C ARG A 98 -12.61 26.35 44.26
N LYS A 99 -11.63 26.35 43.34
CA LYS A 99 -10.38 27.06 43.53
C LYS A 99 -10.61 28.54 43.24
N ASP A 100 -10.74 29.37 44.28
CA ASP A 100 -10.78 30.80 44.04
C ASP A 100 -9.42 31.23 43.51
N LEU A 101 -9.33 31.46 42.20
CA LEU A 101 -8.05 31.80 41.59
C LEU A 101 -7.47 33.08 42.16
N PHE A 102 -8.27 33.91 42.82
CA PHE A 102 -7.82 35.18 43.37
C PHE A 102 -8.87 35.72 44.32
N ILE A 103 -8.40 36.42 45.36
CA ILE A 103 -9.29 37.16 46.24
C ILE A 103 -8.58 38.41 46.75
N ALA A 104 -9.18 39.57 46.48
CA ALA A 104 -8.66 40.85 46.93
C ALA A 104 -9.20 41.17 48.31
N THR A 105 -8.48 42.03 49.04
CA THR A 105 -8.88 42.43 50.37
C THR A 105 -8.48 43.88 50.58
N TYR A 106 -9.46 44.73 50.93
CA TYR A 106 -9.10 46.07 51.37
C TYR A 106 -10.05 46.51 52.48
N GLN A 107 -9.49 47.24 53.43
CA GLN A 107 -10.17 47.54 54.69
C GLN A 107 -10.94 48.85 54.55
N ALA A 108 -12.26 48.71 54.54
CA ALA A 108 -13.27 49.75 54.57
C ALA A 108 -13.33 50.33 55.98
N PHE A 109 -14.54 50.62 56.47
CA PHE A 109 -15.02 51.62 57.42
C PHE A 109 -13.99 52.19 58.41
N PRO A 110 -13.10 51.42 59.04
CA PRO A 110 -11.99 52.06 59.77
C PRO A 110 -10.71 52.14 58.94
N PRO A 111 -10.61 53.09 57.99
CA PRO A 111 -9.42 53.12 57.14
C PRO A 111 -8.16 53.44 57.93
N MET A 112 -7.26 52.47 58.02
CA MET A 112 -5.94 52.69 58.58
C MET A 112 -5.31 53.89 57.87
N PRO A 113 -4.70 54.84 58.60
CA PRO A 113 -5.08 56.25 58.40
C PRO A 113 -5.38 56.60 56.95
N ASN A 114 -6.69 56.63 56.65
CA ASN A 114 -7.38 57.10 55.46
C ASN A 114 -6.52 57.04 54.20
N PRO A 115 -6.17 55.84 53.71
CA PRO A 115 -5.14 55.75 52.67
C PRO A 115 -5.68 55.62 51.25
N PRO A 116 -6.71 56.39 50.80
CA PRO A 116 -6.94 56.42 49.35
C PRO A 116 -6.31 57.61 48.65
N ARG A 117 -4.97 57.67 48.53
CA ARG A 117 -4.33 58.84 47.94
C ARG A 117 -4.96 59.26 46.61
N PRO A 118 -5.20 58.36 45.64
CA PRO A 118 -6.11 58.71 44.55
C PRO A 118 -7.54 58.28 44.83
N PRO A 119 -8.50 59.20 44.82
CA PRO A 119 -9.91 58.80 44.70
C PRO A 119 -10.34 58.75 43.23
N THR A 120 -11.61 58.46 42.97
CA THR A 120 -12.11 58.24 41.62
C THR A 120 -13.32 59.14 41.36
N ARG A 121 -13.51 59.49 40.08
CA ARG A 121 -14.63 60.37 39.71
C ARG A 121 -15.97 59.78 40.10
N LEU A 122 -16.12 58.46 40.00
CA LEU A 122 -17.32 57.81 40.54
C LEU A 122 -17.43 58.04 42.04
N GLN A 123 -16.31 57.87 42.75
CA GLN A 123 -16.33 58.12 44.19
C GLN A 123 -16.56 59.60 44.49
N ASP A 124 -16.09 60.50 43.62
CA ASP A 124 -16.40 61.92 43.80
C ASP A 124 -17.88 62.19 43.62
N ARG A 125 -18.53 61.50 42.68
CA ARG A 125 -19.96 61.71 42.52
C ARG A 125 -20.76 61.06 43.64
N LEU A 126 -20.23 59.99 44.24
CA LEU A 126 -20.97 59.30 45.29
C LEU A 126 -20.84 59.97 46.65
N LEU A 127 -19.63 60.45 47.00
CA LEU A 127 -19.36 60.89 48.36
C LEU A 127 -20.18 62.10 48.76
N LYS A 128 -20.55 62.94 47.79
CA LYS A 128 -21.25 64.19 48.08
C LYS A 128 -22.76 64.06 47.96
N LYS A 129 -23.25 63.25 47.03
CA LYS A 129 -24.67 62.91 47.02
C LYS A 129 -25.03 62.06 48.23
N LEU A 130 -24.22 61.05 48.52
CA LEU A 130 -24.40 60.27 49.74
C LEU A 130 -23.80 61.02 50.93
N GLY A 131 -24.03 60.47 52.12
CA GLY A 131 -23.69 61.14 53.35
C GLY A 131 -22.20 61.11 53.66
N GLN A 132 -21.87 61.65 54.84
CA GLN A 132 -20.51 61.68 55.32
C GLN A 132 -19.95 60.31 55.66
N HIS A 133 -20.79 59.28 55.70
CA HIS A 133 -20.38 57.95 56.14
C HIS A 133 -19.96 57.03 55.00
N ALA A 134 -20.08 57.46 53.74
CA ALA A 134 -19.68 56.61 52.62
C ALA A 134 -18.17 56.34 52.66
N HIS A 135 -17.79 55.10 52.42
CA HIS A 135 -16.39 54.68 52.51
C HIS A 135 -15.92 54.15 51.16
N PRO A 136 -14.96 54.79 50.51
CA PRO A 136 -14.59 54.39 49.15
C PRO A 136 -13.79 53.09 49.13
N PHE A 137 -13.86 52.43 47.98
CA PHE A 137 -13.08 51.22 47.75
C PHE A 137 -12.70 51.15 46.27
N PHE A 138 -11.73 50.29 45.99
CA PHE A 138 -11.03 50.29 44.70
C PHE A 138 -10.22 49.01 44.60
N PHE A 139 -10.36 48.26 43.50
CA PHE A 139 -9.87 46.88 43.44
C PHE A 139 -8.96 46.68 42.23
N THR A 140 -7.66 46.54 42.50
CA THR A 140 -6.70 46.16 41.48
C THR A 140 -6.81 44.66 41.20
N ILE A 141 -6.98 44.30 39.93
CA ILE A 141 -7.13 42.92 39.51
C ILE A 141 -5.81 42.43 38.93
N PRO A 142 -5.23 41.35 39.44
CA PRO A 142 -4.13 40.69 38.72
C PRO A 142 -4.62 40.09 37.42
N GLN A 143 -3.88 40.32 36.34
CA GLN A 143 -4.31 39.91 35.00
C GLN A 143 -3.87 38.49 34.64
N ASN A 144 -3.34 37.72 35.60
CA ASN A 144 -3.22 36.28 35.41
C ASN A 144 -4.50 35.55 35.75
N LEU A 145 -5.60 36.30 35.72
CA LEU A 145 -6.96 35.85 35.89
C LEU A 145 -7.64 35.83 34.54
N PRO A 146 -8.19 34.70 34.10
CA PRO A 146 -8.97 34.69 32.86
C PRO A 146 -10.32 35.35 33.04
N CYS A 147 -11.17 35.27 32.02
CA CYS A 147 -12.37 36.08 31.96
C CYS A 147 -13.59 35.35 32.55
N SER A 148 -14.72 36.05 32.55
CA SER A 148 -15.98 35.51 33.06
C SER A 148 -16.67 34.80 31.90
N VAL A 149 -16.62 33.47 31.91
CA VAL A 149 -17.16 32.65 30.85
C VAL A 149 -17.82 31.44 31.47
N THR A 150 -18.99 31.06 30.93
CA THR A 150 -19.74 29.91 31.41
C THR A 150 -20.15 29.04 30.25
N LEU A 151 -20.14 27.73 30.46
CA LEU A 151 -20.66 26.81 29.46
C LEU A 151 -22.12 27.10 29.17
N GLN A 152 -22.54 26.81 27.95
CA GLN A 152 -23.96 26.76 27.65
C GLN A 152 -24.48 25.36 28.01
N PRO A 153 -25.43 25.26 28.92
CA PRO A 153 -25.89 23.93 29.35
C PRO A 153 -26.62 23.17 28.26
N GLY A 154 -27.02 21.94 28.58
CA GLY A 154 -27.87 21.17 27.71
C GLY A 154 -29.33 21.60 27.84
N PRO A 155 -30.23 20.87 27.20
CA PRO A 155 -31.65 21.18 27.35
C PRO A 155 -32.27 20.47 28.53
N GLU A 156 -31.67 19.33 28.90
CA GLU A 156 -32.27 18.36 29.82
C GLU A 156 -31.59 18.30 31.17
N ASP A 157 -30.34 18.74 31.27
CA ASP A 157 -29.65 18.79 32.56
C ASP A 157 -30.15 20.02 33.32
N THR A 158 -30.77 19.79 34.48
CA THR A 158 -31.40 20.87 35.23
C THR A 158 -30.43 21.47 36.26
N GLY A 159 -29.98 20.65 37.20
CA GLY A 159 -28.99 21.07 38.17
C GLY A 159 -27.58 20.74 37.74
N LYS A 160 -27.07 21.46 36.74
CA LYS A 160 -25.70 21.30 36.27
C LYS A 160 -25.14 22.69 35.97
N ALA A 161 -23.90 22.94 36.38
CA ALA A 161 -23.34 24.28 36.27
C ALA A 161 -21.84 24.21 36.01
N CYS A 162 -21.32 25.28 35.40
CA CYS A 162 -19.89 25.54 35.27
C CYS A 162 -19.65 26.91 34.65
N GLY A 163 -18.51 27.52 34.95
CA GLY A 163 -18.15 28.82 34.43
C GLY A 163 -17.25 29.60 35.38
N VAL A 164 -16.38 30.42 34.80
CA VAL A 164 -15.55 31.35 35.57
C VAL A 164 -16.34 32.64 35.76
N ASP A 165 -16.11 33.32 36.89
CA ASP A 165 -16.78 34.60 37.11
C ASP A 165 -15.95 35.45 38.06
N PHE A 166 -16.36 36.71 38.17
CA PHE A 166 -15.78 37.67 39.11
C PHE A 166 -16.94 38.27 39.90
N GLU A 167 -16.88 38.14 41.23
CA GLU A 167 -17.88 38.73 42.09
C GLU A 167 -17.16 39.60 43.10
N ILE A 168 -17.88 40.50 43.76
CA ILE A 168 -17.29 41.30 44.83
C ILE A 168 -18.29 41.43 45.97
N ARG A 169 -17.76 41.44 47.20
CA ARG A 169 -18.58 41.45 48.40
C ARG A 169 -18.16 42.60 49.31
N ALA A 170 -19.12 43.09 50.08
CA ALA A 170 -18.86 43.94 51.23
C ALA A 170 -19.28 43.17 52.49
N PHE A 171 -18.48 43.23 53.54
CA PHE A 171 -18.82 42.36 54.68
C PHE A 171 -18.18 42.90 55.94
N CYS A 172 -18.45 42.22 57.05
CA CYS A 172 -17.69 42.38 58.29
C CYS A 172 -18.04 41.28 59.28
N ALA A 173 -17.02 40.62 59.80
CA ALA A 173 -17.15 39.74 60.94
C ALA A 173 -16.36 40.34 62.10
N LYS A 174 -16.80 40.03 63.32
CA LYS A 174 -16.09 40.50 64.51
C LYS A 174 -14.60 40.15 64.43
N SER A 175 -14.30 38.92 64.03
CA SER A 175 -12.92 38.53 63.80
C SER A 175 -12.34 39.25 62.59
N ILE A 176 -11.02 39.41 62.58
CA ILE A 176 -10.31 40.20 61.58
C ILE A 176 -10.37 39.49 60.22
N GLU A 177 -9.91 40.18 59.17
CA GLU A 177 -10.27 39.88 57.78
C GLU A 177 -10.14 38.41 57.39
N GLU A 178 -9.42 37.60 58.17
CA GLU A 178 -9.24 36.20 57.80
C GLU A 178 -10.57 35.44 57.85
N LYS A 179 -11.36 35.65 58.89
CA LYS A 179 -12.61 34.92 59.06
C LYS A 179 -13.79 35.78 58.63
N SER A 180 -14.78 35.14 58.02
CA SER A 180 -15.96 35.84 57.54
C SER A 180 -17.12 34.85 57.45
N HIS A 181 -18.31 35.39 57.21
CA HIS A 181 -19.56 34.65 57.28
C HIS A 181 -20.58 35.31 56.36
N LYS A 182 -21.85 35.22 56.73
CA LYS A 182 -22.97 35.67 55.91
C LYS A 182 -23.74 36.81 56.60
N ARG A 183 -24.93 37.12 56.08
CA ARG A 183 -25.96 37.93 56.72
C ARG A 183 -25.67 39.42 56.75
N ASN A 184 -24.40 39.79 56.68
CA ASN A 184 -23.99 41.18 56.45
C ASN A 184 -23.27 41.31 55.14
N SER A 185 -22.84 40.18 54.58
CA SER A 185 -22.15 40.16 53.31
C SER A 185 -23.12 40.57 52.20
N VAL A 186 -22.73 41.58 51.45
CA VAL A 186 -23.49 42.14 50.35
C VAL A 186 -22.79 41.72 49.08
N ARG A 187 -23.51 41.01 48.22
CA ARG A 187 -22.98 40.35 47.04
C ARG A 187 -23.13 41.29 45.85
N LEU A 188 -22.30 41.06 44.83
CA LEU A 188 -22.63 41.56 43.50
C LEU A 188 -21.76 40.87 42.46
N ILE A 189 -22.39 40.41 41.38
CA ILE A 189 -21.65 39.88 40.25
C ILE A 189 -21.11 41.03 39.41
N ILE A 190 -19.90 40.87 38.90
CA ILE A 190 -19.35 41.73 37.86
C ILE A 190 -18.78 40.82 36.78
N ARG A 191 -18.17 41.43 35.77
CA ARG A 191 -17.54 40.66 34.71
C ARG A 191 -16.17 41.26 34.41
N LYS A 192 -15.37 40.50 33.67
CA LYS A 192 -14.08 40.96 33.15
C LYS A 192 -13.91 40.31 31.78
N VAL A 193 -14.34 41.02 30.74
CA VAL A 193 -14.28 40.50 29.37
C VAL A 193 -12.95 40.86 28.76
N GLN A 194 -12.40 39.95 27.94
CA GLN A 194 -11.08 40.09 27.35
C GLN A 194 -11.13 40.99 26.11
N PHE A 195 -9.99 41.60 25.79
CA PHE A 195 -9.93 42.58 24.71
C PHE A 195 -8.68 42.34 23.86
N ALA A 196 -8.76 42.79 22.58
CA ALA A 196 -7.87 42.33 21.51
C ALA A 196 -6.56 43.12 21.47
N PRO A 197 -5.46 42.49 21.08
CA PRO A 197 -4.24 43.23 20.82
C PRO A 197 -4.30 44.06 19.55
N GLU A 198 -3.49 45.11 19.52
CA GLU A 198 -3.30 45.91 18.33
C GLU A 198 -2.84 45.07 17.15
N THR A 199 -1.99 44.08 17.42
CA THR A 199 -1.39 43.28 16.36
C THR A 199 -2.33 42.13 15.98
N PRO A 200 -2.61 41.94 14.69
CA PRO A 200 -3.48 40.83 14.30
C PRO A 200 -2.73 39.51 14.13
N GLY A 201 -1.42 39.58 13.90
CA GLY A 201 -0.65 38.40 13.64
C GLY A 201 -0.48 38.13 12.16
N PRO A 202 -0.33 36.85 11.79
CA PRO A 202 0.03 36.53 10.40
C PRO A 202 -1.12 36.68 9.42
N GLN A 203 -0.88 36.22 8.18
CA GLN A 203 -1.95 36.01 7.22
C GLN A 203 -2.25 34.51 7.19
N PRO A 204 -3.12 34.02 8.06
CA PRO A 204 -3.32 32.57 8.16
C PRO A 204 -4.08 32.03 6.96
N SER A 205 -3.52 30.99 6.34
CA SER A 205 -4.09 30.39 5.15
C SER A 205 -3.74 28.91 5.16
N ALA A 206 -4.66 28.09 4.68
CA ALA A 206 -4.44 26.66 4.54
C ALA A 206 -4.49 26.30 3.05
N GLU A 207 -3.47 25.63 2.56
CA GLU A 207 -3.46 25.23 1.16
C GLU A 207 -2.73 23.90 1.06
N THR A 208 -3.47 22.85 0.69
CA THR A 208 -2.91 21.51 0.84
C THR A 208 -3.64 20.51 -0.05
N THR A 209 -3.09 19.29 -0.01
CA THR A 209 -3.36 18.18 -0.91
C THR A 209 -3.76 16.94 -0.10
N ARG A 210 -4.49 16.05 -0.75
CA ARG A 210 -4.91 14.78 -0.18
C ARG A 210 -4.49 13.65 -1.11
N HIS A 211 -4.55 12.42 -0.60
CA HIS A 211 -4.33 11.24 -1.42
C HIS A 211 -5.41 10.20 -1.13
N PHE A 212 -5.63 9.33 -2.11
CA PHE A 212 -6.92 8.66 -2.24
C PHE A 212 -6.86 7.14 -2.29
N LEU A 213 -8.00 6.53 -2.64
CA LEU A 213 -8.13 5.10 -2.87
C LEU A 213 -8.26 4.77 -4.35
N MET A 214 -9.18 5.45 -5.06
CA MET A 214 -9.50 5.08 -6.44
C MET A 214 -9.58 6.30 -7.36
N SER A 215 -8.84 7.37 -7.03
CA SER A 215 -8.51 8.36 -8.04
C SER A 215 -7.21 9.03 -7.58
N ASP A 216 -6.08 8.58 -8.16
CA ASP A 216 -4.80 9.12 -7.75
C ASP A 216 -4.60 10.54 -8.27
N ARG A 217 -5.31 10.92 -9.32
CA ARG A 217 -5.37 12.33 -9.67
C ARG A 217 -5.81 13.12 -8.46
N ARG A 218 -5.34 14.36 -8.41
CA ARG A 218 -5.10 15.03 -7.16
C ARG A 218 -6.28 15.84 -6.65
N SER A 219 -7.20 16.18 -7.55
CA SER A 219 -8.62 16.39 -7.32
C SER A 219 -8.95 17.57 -6.43
N LEU A 220 -8.05 17.93 -5.50
CA LEU A 220 -8.28 19.07 -4.63
C LEU A 220 -6.93 19.46 -3.99
N HIS A 221 -6.29 20.47 -4.57
CA HIS A 221 -5.56 21.41 -3.76
C HIS A 221 -6.58 22.41 -3.26
N LEU A 222 -6.46 22.87 -2.03
CA LEU A 222 -7.42 23.90 -1.65
C LEU A 222 -6.79 24.97 -0.78
N GLU A 223 -6.90 26.22 -1.24
CA GLU A 223 -6.32 27.39 -0.57
C GLU A 223 -7.43 28.23 0.05
N ALA A 224 -7.63 28.08 1.35
CA ALA A 224 -8.51 28.96 2.12
C ALA A 224 -7.73 30.20 2.54
N SER A 225 -7.45 31.05 1.54
CA SER A 225 -6.86 32.35 1.81
C SER A 225 -7.92 33.26 2.42
N LEU A 226 -7.46 34.29 3.12
CA LEU A 226 -8.35 35.08 3.97
C LEU A 226 -7.95 36.55 3.85
N ASP A 227 -8.47 37.38 4.77
CA ASP A 227 -8.14 38.81 4.76
C ASP A 227 -7.64 39.30 6.11
N LYS A 228 -8.15 38.75 7.22
CA LYS A 228 -7.78 39.23 8.55
C LYS A 228 -7.55 38.05 9.48
N GLU A 229 -7.15 38.36 10.71
CA GLU A 229 -6.87 37.35 11.73
C GLU A 229 -7.77 37.49 12.95
N LEU A 230 -7.89 38.70 13.53
CA LEU A 230 -8.65 38.92 14.75
C LEU A 230 -9.74 39.94 14.47
N TYR A 231 -10.98 39.47 14.38
CA TYR A 231 -12.13 40.32 14.08
C TYR A 231 -12.78 40.83 15.37
N TYR A 232 -13.97 41.40 15.23
CA TYR A 232 -14.77 41.91 16.34
C TYR A 232 -16.21 41.46 16.15
N HIS A 233 -17.14 42.05 16.90
CA HIS A 233 -18.55 41.66 16.82
C HIS A 233 -19.24 42.48 15.75
N GLY A 234 -19.30 41.93 14.53
CA GLY A 234 -20.01 42.59 13.44
C GLY A 234 -19.23 42.72 12.17
N GLU A 235 -18.06 42.11 12.11
CA GLU A 235 -17.22 42.15 10.91
C GLU A 235 -17.25 40.78 10.24
N PRO A 236 -17.80 40.67 9.02
CA PRO A 236 -18.08 39.34 8.45
C PRO A 236 -16.85 38.51 8.12
N LEU A 237 -17.08 37.29 7.64
CA LEU A 237 -16.03 36.29 7.45
C LEU A 237 -16.02 35.83 6.00
N ASN A 238 -15.20 36.50 5.18
CA ASN A 238 -15.01 36.12 3.78
C ASN A 238 -13.82 35.17 3.68
N VAL A 239 -14.07 33.93 3.27
CA VAL A 239 -13.01 32.96 3.05
C VAL A 239 -12.83 32.80 1.55
N ASN A 240 -11.69 33.31 1.06
CA ASN A 240 -11.26 33.19 -0.32
C ASN A 240 -10.76 31.78 -0.56
N VAL A 241 -11.61 30.86 -1.01
CA VAL A 241 -11.25 29.46 -1.15
C VAL A 241 -11.01 29.17 -2.62
N HIS A 242 -9.76 28.82 -2.94
CA HIS A 242 -9.27 28.55 -4.29
C HIS A 242 -9.06 27.04 -4.41
N VAL A 243 -9.94 26.36 -5.12
CA VAL A 243 -9.76 24.94 -5.36
C VAL A 243 -8.93 24.75 -6.63
N THR A 244 -8.06 23.75 -6.61
CA THR A 244 -7.26 23.33 -7.75
C THR A 244 -7.59 21.87 -8.03
N ASN A 245 -7.82 21.55 -9.31
CA ASN A 245 -8.45 20.31 -9.71
C ASN A 245 -7.65 19.64 -10.83
N ASN A 246 -7.65 18.29 -10.86
CA ASN A 246 -7.09 17.58 -12.01
C ASN A 246 -8.11 16.75 -12.78
N SER A 247 -8.71 15.70 -12.23
CA SER A 247 -9.91 15.26 -12.95
C SER A 247 -11.09 14.76 -12.15
N ALA A 248 -10.89 13.68 -11.40
CA ALA A 248 -12.01 12.79 -11.17
C ALA A 248 -12.72 13.10 -9.86
N LYS A 249 -13.78 12.35 -9.58
CA LYS A 249 -14.55 12.47 -8.35
C LYS A 249 -15.15 13.87 -8.22
N THR A 250 -16.12 14.13 -9.11
CA THR A 250 -16.82 15.41 -9.17
C THR A 250 -17.22 15.91 -7.78
N VAL A 251 -16.87 17.16 -7.50
CA VAL A 251 -17.21 17.80 -6.23
C VAL A 251 -18.62 18.36 -6.32
N LYS A 252 -19.44 18.06 -5.32
CA LYS A 252 -20.85 18.45 -5.33
C LYS A 252 -21.08 19.86 -4.79
N LYS A 253 -20.47 20.19 -3.65
CA LYS A 253 -20.80 21.42 -2.93
C LYS A 253 -19.64 21.80 -2.03
N ILE A 254 -19.61 23.07 -1.61
CA ILE A 254 -18.61 23.57 -0.66
C ILE A 254 -19.26 24.56 0.31
N ARG A 255 -19.61 24.07 1.49
CA ARG A 255 -20.12 24.81 2.65
C ARG A 255 -18.95 25.36 3.48
N VAL A 256 -19.18 26.49 4.13
CA VAL A 256 -18.21 27.08 5.05
C VAL A 256 -18.91 27.29 6.38
N SER A 257 -18.38 26.64 7.42
CA SER A 257 -19.08 26.39 8.68
C SER A 257 -18.18 26.78 9.83
N VAL A 258 -18.54 27.80 10.59
CA VAL A 258 -17.64 28.33 11.61
C VAL A 258 -17.70 27.44 12.85
N ARG A 259 -16.53 26.94 13.26
CA ARG A 259 -16.41 25.92 14.30
C ARG A 259 -16.00 26.57 15.62
N GLN A 260 -16.97 26.81 16.50
CA GLN A 260 -16.62 27.24 17.86
C GLN A 260 -16.08 26.07 18.66
N TYR A 261 -14.94 26.28 19.30
CA TYR A 261 -14.33 25.29 20.18
C TYR A 261 -14.74 25.60 21.61
N ALA A 262 -15.51 24.70 22.22
CA ALA A 262 -16.04 24.92 23.57
C ALA A 262 -15.13 24.20 24.57
N ASP A 263 -14.03 24.85 24.92
CA ASP A 263 -13.07 24.27 25.85
C ASP A 263 -13.64 24.19 27.26
N ILE A 264 -13.26 23.13 27.98
CA ILE A 264 -13.51 23.01 29.42
C ILE A 264 -12.29 22.36 30.04
N CYS A 265 -11.84 22.89 31.17
CA CYS A 265 -10.83 22.25 32.00
C CYS A 265 -11.43 22.06 33.39
N LEU A 266 -11.91 20.84 33.68
CA LEU A 266 -12.44 20.55 35.00
C LEU A 266 -11.63 19.47 35.71
N PHE A 267 -11.63 18.25 35.20
CA PHE A 267 -10.80 17.14 35.63
C PHE A 267 -10.02 16.59 34.47
N SER A 268 -10.61 16.66 33.28
CA SER A 268 -9.93 16.57 32.01
C SER A 268 -10.33 17.78 31.18
N THR A 269 -9.54 18.08 30.18
CA THR A 269 -9.97 19.12 29.24
C THR A 269 -11.16 18.60 28.44
N ALA A 270 -11.83 19.51 27.71
CA ALA A 270 -12.99 19.09 26.90
C ALA A 270 -13.48 20.14 25.89
N GLN A 271 -13.65 19.73 24.63
CA GLN A 271 -14.33 20.51 23.60
C GLN A 271 -15.66 19.87 23.22
N TYR A 272 -16.59 20.72 22.80
CA TYR A 272 -17.85 20.27 22.24
C TYR A 272 -18.04 21.06 20.95
N LYS A 273 -17.61 20.48 19.83
CA LYS A 273 -17.78 21.12 18.54
C LYS A 273 -19.27 21.27 18.23
N CYS A 274 -19.63 22.46 17.76
CA CYS A 274 -20.95 22.70 17.19
C CYS A 274 -20.91 24.01 16.41
N PRO A 275 -21.31 23.98 15.14
CA PRO A 275 -21.17 25.17 14.27
C PRO A 275 -22.12 26.28 14.69
N VAL A 276 -21.55 27.46 14.96
CA VAL A 276 -22.36 28.62 15.32
C VAL A 276 -23.16 29.12 14.12
N ALA A 277 -22.56 29.10 12.93
CA ALA A 277 -23.21 29.57 11.73
C ALA A 277 -22.44 29.03 10.53
N GLN A 278 -23.18 28.68 9.48
CA GLN A 278 -22.58 28.01 8.33
C GLN A 278 -23.40 28.35 7.09
N LEU A 279 -22.71 28.69 6.00
CA LEU A 279 -23.39 29.10 4.79
C LEU A 279 -22.75 28.44 3.59
N GLU A 280 -23.52 28.32 2.51
CA GLU A 280 -23.04 27.64 1.32
C GLU A 280 -23.85 28.07 0.12
N GLN A 281 -23.21 27.94 -1.05
CA GLN A 281 -23.83 28.13 -2.35
C GLN A 281 -23.46 26.93 -3.21
N ASP A 282 -24.16 26.76 -4.33
CA ASP A 282 -24.00 25.58 -5.18
C ASP A 282 -23.02 25.79 -6.34
N ASP A 283 -22.02 26.65 -6.16
CA ASP A 283 -21.07 26.91 -7.24
C ASP A 283 -20.29 25.65 -7.55
N GLN A 284 -20.60 25.04 -8.69
CA GLN A 284 -20.01 23.77 -9.09
C GLN A 284 -18.79 24.00 -9.98
N VAL A 285 -17.85 23.04 -9.95
CA VAL A 285 -16.53 23.21 -10.54
C VAL A 285 -16.14 21.98 -11.35
N SER A 286 -15.16 22.16 -12.23
CA SER A 286 -14.83 21.28 -13.34
C SER A 286 -13.49 20.55 -13.16
N PRO A 287 -13.25 19.47 -13.94
CA PRO A 287 -12.02 18.68 -13.79
C PRO A 287 -10.80 19.14 -14.59
N SER A 288 -9.64 19.30 -13.93
CA SER A 288 -8.36 19.79 -14.47
C SER A 288 -8.15 21.29 -14.62
N SER A 289 -8.53 22.08 -13.61
CA SER A 289 -8.06 23.45 -13.51
C SER A 289 -8.31 24.00 -12.11
N THR A 290 -8.27 25.32 -11.95
CA THR A 290 -8.46 25.96 -10.66
C THR A 290 -9.67 26.87 -10.65
N PHE A 291 -10.48 26.76 -9.60
CA PHE A 291 -11.60 27.64 -9.28
C PHE A 291 -11.28 28.44 -8.02
N CYS A 292 -12.17 29.37 -7.69
CA CYS A 292 -12.09 30.13 -6.45
C CYS A 292 -13.40 30.85 -6.20
N LYS A 293 -13.98 30.63 -5.03
CA LYS A 293 -15.12 31.41 -4.56
C LYS A 293 -14.74 32.07 -3.25
N VAL A 294 -15.27 33.26 -2.99
CA VAL A 294 -15.22 33.83 -1.66
C VAL A 294 -16.55 33.53 -0.99
N TYR A 295 -16.50 32.75 0.09
CA TYR A 295 -17.70 32.39 0.81
C TYR A 295 -17.79 33.20 2.09
N THR A 296 -18.94 33.83 2.30
CA THR A 296 -19.11 34.82 3.36
C THR A 296 -20.03 34.27 4.44
N ILE A 297 -19.52 34.21 5.67
CA ILE A 297 -20.30 33.80 6.82
C ILE A 297 -20.50 35.01 7.73
N THR A 298 -21.66 35.04 8.38
CA THR A 298 -21.94 35.98 9.46
C THR A 298 -22.48 35.21 10.66
N PRO A 299 -21.71 35.04 11.73
CA PRO A 299 -22.23 34.40 12.94
C PRO A 299 -22.99 35.40 13.80
N LEU A 300 -24.29 35.20 13.93
CA LEU A 300 -25.15 36.07 14.71
C LEU A 300 -25.50 35.43 16.04
N LEU A 301 -26.03 36.24 16.95
CA LEU A 301 -26.50 35.75 18.24
C LEU A 301 -27.96 35.29 18.17
N SER A 302 -28.86 36.21 17.78
CA SER A 302 -30.29 35.93 17.83
C SER A 302 -30.73 34.84 16.86
N ASP A 303 -29.85 34.37 15.98
CA ASP A 303 -30.15 33.20 15.18
C ASP A 303 -29.80 31.91 15.90
N ASN A 304 -28.79 31.95 16.78
CA ASN A 304 -28.48 30.85 17.69
C ASN A 304 -29.09 31.08 19.06
N ARG A 305 -30.03 32.02 19.17
CA ARG A 305 -30.75 32.26 20.42
C ARG A 305 -31.82 31.18 20.58
N GLU A 306 -31.93 30.65 21.81
CA GLU A 306 -32.71 29.46 22.13
C GLU A 306 -32.10 28.22 21.45
N LYS A 307 -30.81 27.98 21.70
CA LYS A 307 -30.10 26.84 21.16
C LYS A 307 -29.12 26.33 22.22
N ARG A 308 -28.81 25.03 22.13
CA ARG A 308 -27.96 24.36 23.12
C ARG A 308 -26.49 24.45 22.77
N GLY A 309 -25.66 24.64 23.79
CA GLY A 309 -24.23 24.46 23.69
C GLY A 309 -23.48 25.45 22.83
N LEU A 310 -23.77 26.74 23.00
CA LEU A 310 -23.03 27.81 22.34
C LEU A 310 -22.44 28.72 23.41
N ALA A 311 -21.12 28.81 23.47
CA ALA A 311 -20.46 29.66 24.44
C ALA A 311 -20.75 31.13 24.12
N LEU A 312 -21.45 31.79 25.04
CA LEU A 312 -21.76 33.21 24.92
C LEU A 312 -20.94 33.99 25.91
N ASP A 313 -20.64 35.24 25.56
CA ASP A 313 -20.08 36.15 26.55
C ASP A 313 -21.03 36.24 27.73
N GLY A 314 -20.48 36.44 28.92
CA GLY A 314 -21.29 36.58 30.11
C GLY A 314 -22.33 37.67 29.96
N GLN A 315 -23.29 37.74 30.88
CA GLN A 315 -24.25 38.82 30.84
C GLN A 315 -24.45 39.38 32.25
N LEU A 316 -25.14 40.51 32.32
CA LEU A 316 -25.58 41.08 33.58
C LEU A 316 -27.05 40.71 33.75
N LYS A 317 -27.27 39.48 34.20
CA LYS A 317 -28.45 38.91 34.82
C LYS A 317 -29.66 38.77 33.89
N HIS A 318 -29.80 39.67 32.92
CA HIS A 318 -30.76 39.48 31.85
C HIS A 318 -30.33 40.24 30.60
N GLU A 319 -29.43 41.20 30.77
CA GLU A 319 -29.16 42.15 29.69
C GLU A 319 -28.49 41.44 28.54
N ASP A 320 -28.66 42.02 27.35
CA ASP A 320 -28.27 41.33 26.13
C ASP A 320 -26.76 41.14 26.07
N THR A 321 -26.34 39.90 25.88
CA THR A 321 -24.96 39.51 25.69
C THR A 321 -24.72 39.26 24.21
N ASN A 322 -23.57 38.67 23.88
CA ASN A 322 -23.22 38.30 22.52
C ASN A 322 -22.48 36.97 22.57
N LEU A 323 -21.98 36.52 21.43
CA LEU A 323 -21.17 35.31 21.40
C LEU A 323 -19.88 35.52 22.19
N ALA A 324 -19.39 34.44 22.79
CA ALA A 324 -18.21 34.54 23.64
C ALA A 324 -16.98 34.93 22.82
N SER A 325 -16.11 35.69 23.45
CA SER A 325 -14.83 36.02 22.84
C SER A 325 -13.88 34.84 22.94
N SER A 326 -12.96 34.75 21.99
CA SER A 326 -11.91 33.75 22.08
C SER A 326 -11.03 34.02 23.28
N THR A 327 -10.79 33.00 24.08
CA THR A 327 -9.88 33.06 25.20
C THR A 327 -8.52 32.52 24.77
N ILE A 328 -7.45 33.19 25.20
CA ILE A 328 -6.08 32.78 24.89
C ILE A 328 -5.39 32.40 26.19
N VAL A 329 -4.38 31.54 26.06
CA VAL A 329 -3.64 30.99 27.20
C VAL A 329 -2.22 31.53 27.16
N LYS A 330 -1.72 32.01 28.30
CA LYS A 330 -0.39 32.60 28.36
C LYS A 330 0.69 31.57 28.01
N GLU A 331 1.79 32.07 27.45
CA GLU A 331 2.85 31.26 26.86
C GLU A 331 3.73 30.62 27.94
N GLY A 332 3.12 29.75 28.73
CA GLY A 332 3.87 29.08 29.76
C GLY A 332 3.62 29.66 31.13
N ALA A 333 2.82 28.94 31.91
CA ALA A 333 2.59 29.24 33.32
C ALA A 333 2.77 27.95 34.11
N ASN A 334 2.76 28.08 35.43
CA ASN A 334 2.94 26.91 36.28
C ASN A 334 1.71 26.01 36.23
N LYS A 335 0.52 26.58 36.39
CA LYS A 335 -0.72 25.82 36.48
C LYS A 335 -1.51 25.99 35.19
N GLU A 336 -1.96 24.87 34.61
CA GLU A 336 -2.79 24.95 33.41
C GLU A 336 -4.02 25.81 33.68
N VAL A 337 -4.48 26.50 32.65
CA VAL A 337 -5.59 27.44 32.79
C VAL A 337 -6.89 26.66 32.80
N LEU A 338 -7.66 26.79 33.88
CA LEU A 338 -8.92 26.11 34.05
C LEU A 338 -10.06 27.03 33.63
N GLY A 339 -10.98 26.52 32.84
CA GLY A 339 -12.18 27.25 32.52
C GLY A 339 -12.74 26.83 31.18
N ILE A 340 -13.57 27.70 30.64
CA ILE A 340 -13.98 27.63 29.24
C ILE A 340 -12.99 28.49 28.46
N LEU A 341 -12.17 27.85 27.65
CA LEU A 341 -11.12 28.54 26.90
C LEU A 341 -11.60 28.62 25.46
N VAL A 342 -12.43 29.63 25.19
CA VAL A 342 -13.16 29.71 23.94
C VAL A 342 -12.20 29.99 22.78
N SER A 343 -12.34 29.25 21.69
CA SER A 343 -11.71 29.55 20.43
C SER A 343 -12.71 29.26 19.32
N TYR A 344 -12.38 29.69 18.11
CA TYR A 344 -13.25 29.51 16.96
C TYR A 344 -12.44 29.01 15.77
N ARG A 345 -13.15 28.73 14.67
CA ARG A 345 -12.52 28.43 13.39
C ARG A 345 -13.59 28.38 12.30
N VAL A 346 -13.22 28.83 11.10
CA VAL A 346 -13.98 28.57 9.88
C VAL A 346 -13.53 27.21 9.35
N LYS A 347 -14.30 26.16 9.65
CA LYS A 347 -14.18 24.90 8.94
C LYS A 347 -14.68 25.09 7.51
N VAL A 348 -13.97 24.53 6.55
CA VAL A 348 -14.36 24.65 5.14
C VAL A 348 -14.61 23.25 4.62
N LYS A 349 -15.90 22.88 4.54
CA LYS A 349 -16.41 21.54 4.25
C LYS A 349 -17.04 21.48 2.87
N LEU A 350 -16.88 20.34 2.20
CA LEU A 350 -17.43 20.12 0.88
C LEU A 350 -18.17 18.79 0.87
N VAL A 351 -18.89 18.56 -0.21
CA VAL A 351 -19.51 17.27 -0.51
C VAL A 351 -19.08 16.89 -1.91
N VAL A 352 -18.54 15.68 -2.07
CA VAL A 352 -17.93 15.26 -3.33
C VAL A 352 -18.46 13.89 -3.71
N SER A 353 -18.76 13.71 -5.00
CA SER A 353 -19.37 12.46 -5.48
C SER A 353 -18.65 11.25 -4.92
N ARG A 354 -19.42 10.34 -4.32
CA ARG A 354 -20.88 10.44 -4.33
C ARG A 354 -21.47 11.18 -3.12
N GLY A 355 -20.68 12.02 -2.47
CA GLY A 355 -21.18 12.74 -1.32
C GLY A 355 -20.35 12.71 -0.05
N GLY A 356 -19.06 12.37 -0.17
CA GLY A 356 -18.12 12.51 0.92
C GLY A 356 -18.06 13.92 1.47
N ASP A 357 -18.14 14.04 2.79
CA ASP A 357 -18.35 15.30 3.50
C ASP A 357 -17.03 15.73 4.14
N VAL A 358 -16.22 16.47 3.39
CA VAL A 358 -14.81 16.61 3.69
C VAL A 358 -14.34 18.06 3.69
N SER A 359 -13.45 18.40 4.61
CA SER A 359 -13.19 19.79 4.95
C SER A 359 -11.74 19.97 5.37
N VAL A 360 -11.44 21.18 5.85
CA VAL A 360 -10.27 21.41 6.71
C VAL A 360 -10.55 22.56 7.67
N GLU A 361 -9.65 22.72 8.65
CA GLU A 361 -9.73 23.73 9.69
C GLU A 361 -8.40 24.48 9.77
N LEU A 362 -8.43 25.61 10.48
CA LEU A 362 -7.32 26.54 10.65
C LEU A 362 -7.32 27.09 12.08
N PRO A 363 -6.40 27.99 12.45
CA PRO A 363 -6.66 28.86 13.61
C PRO A 363 -7.15 30.27 13.26
N PHE A 364 -8.08 30.83 14.06
CA PHE A 364 -8.36 32.27 14.06
C PHE A 364 -9.22 32.61 15.27
N VAL A 365 -9.12 33.87 15.71
CA VAL A 365 -9.46 34.28 17.08
C VAL A 365 -10.39 35.48 17.06
N LEU A 366 -11.41 35.46 17.92
CA LEU A 366 -12.42 36.52 18.01
C LEU A 366 -12.34 37.20 19.38
N MET A 367 -12.27 38.52 19.38
CA MET A 367 -12.08 39.29 20.61
C MET A 367 -12.93 40.55 20.55
N HIS A 368 -12.67 41.47 21.48
CA HIS A 368 -13.32 42.77 21.61
C HIS A 368 -12.36 43.89 21.22
N PRO A 369 -12.89 45.08 20.92
CA PRO A 369 -12.09 46.31 21.04
C PRO A 369 -12.34 46.99 22.39
N LYS A 370 -11.28 47.61 22.94
CA LYS A 370 -11.27 47.96 24.37
C LYS A 370 -11.41 49.45 24.63
N PRO A 371 -12.47 49.91 25.31
CA PRO A 371 -12.59 51.35 25.59
C PRO A 371 -11.34 51.94 26.25
N LYS B 3 -15.35 26.66 54.92
CA LYS B 3 -14.72 26.00 53.78
C LYS B 3 -14.96 26.79 52.48
N TYR B 4 -16.05 27.54 52.42
CA TYR B 4 -16.33 28.38 51.25
C TYR B 4 -17.46 29.41 51.42
N SEP B 5 -18.23 29.60 50.35
CA SEP B 5 -19.31 30.59 50.31
CB SEP B 5 -19.13 31.52 49.12
OG SEP B 5 -20.23 32.40 48.99
C SEP B 5 -20.70 29.92 50.27
O SEP B 5 -20.80 28.71 50.44
P SEP B 5 -19.86 33.83 49.63
O1P SEP B 5 -18.48 34.37 48.99
O2P SEP B 5 -21.05 34.85 49.30
O3P SEP B 5 -19.70 33.70 51.23
N ALA B 6 -21.75 30.68 50.01
CA ALA B 6 -23.10 30.12 50.13
C ALA B 6 -24.09 30.50 49.03
N LYS B 7 -25.36 30.16 49.26
CA LYS B 7 -26.41 30.27 48.24
C LYS B 7 -27.21 31.58 48.33
N TPO B 8 -28.17 31.74 47.42
CA TPO B 8 -28.52 33.07 46.90
CB TPO B 8 -27.84 33.22 45.56
CG2 TPO B 8 -28.08 31.91 44.81
OG1 TPO B 8 -28.37 34.31 44.79
P TPO B 8 -27.31 34.56 43.61
O1P TPO B 8 -25.85 34.09 44.12
O2P TPO B 8 -27.67 33.80 42.40
O3P TPO B 8 -27.24 36.13 43.28
C TPO B 8 -30.01 33.40 46.76
O TPO B 8 -30.88 32.60 47.13
N GLY B 9 -30.29 34.58 46.21
CA GLY B 9 -31.65 35.00 45.90
C GLY B 9 -31.91 36.48 45.62
N LEU B 10 -31.53 36.95 44.42
CA LEU B 10 -31.93 38.27 43.88
C LEU B 10 -31.31 38.53 42.50
N TPO B 11 -30.48 39.59 42.42
CA TPO B 11 -29.85 40.17 41.22
CB TPO B 11 -28.46 39.51 40.97
CG2 TPO B 11 -28.47 37.97 40.97
OG1 TPO B 11 -27.89 39.96 39.74
P TPO B 11 -27.03 41.29 40.08
O1P TPO B 11 -26.02 41.65 38.88
O2P TPO B 11 -26.18 41.08 41.43
O3P TPO B 11 -27.95 42.44 40.24
C TPO B 11 -30.67 40.14 39.91
O TPO B 11 -30.81 39.11 39.26
N LYS B 12 -31.20 41.31 39.52
CA LYS B 12 -32.04 41.42 38.33
C LYS B 12 -32.07 42.82 37.68
N LEU B 13 -32.65 43.79 38.39
CA LEU B 13 -32.92 45.10 37.81
C LEU B 13 -31.70 46.01 37.87
N ILE B 14 -31.57 46.88 36.88
CA ILE B 14 -30.50 47.86 36.84
C ILE B 14 -30.96 49.15 36.17
N ASP B 15 -31.03 50.25 36.93
CA ASP B 15 -31.23 51.56 36.32
C ASP B 15 -30.30 52.60 36.95
N ARG C 29 16.45 -7.82 9.34
CA ARG C 29 16.35 -6.89 8.22
C ARG C 29 16.77 -5.48 8.65
N VAL C 30 18.02 -5.17 8.36
CA VAL C 30 18.65 -3.91 8.75
C VAL C 30 18.49 -2.91 7.62
N PHE C 31 18.38 -1.61 7.95
CA PHE C 31 18.18 -0.59 6.94
C PHE C 31 19.02 0.64 7.26
N LYS C 32 19.35 1.40 6.21
CA LYS C 32 20.22 2.56 6.35
C LYS C 32 19.59 3.80 5.74
N LYS C 33 20.05 4.95 6.21
CA LYS C 33 19.98 6.21 5.50
C LYS C 33 21.41 6.67 5.28
N SER C 34 21.91 6.49 4.06
CA SER C 34 23.20 7.07 3.72
C SER C 34 23.02 8.57 3.57
N SER C 35 23.51 9.32 4.56
CA SER C 35 23.25 10.74 4.63
C SER C 35 23.55 11.37 3.29
N PRO C 36 22.74 12.31 2.84
CA PRO C 36 22.89 12.86 1.50
C PRO C 36 24.32 13.14 1.06
N ASN C 37 25.14 13.61 1.98
CA ASN C 37 26.45 14.13 1.65
C ASN C 37 27.58 13.13 1.91
N CYS C 38 27.26 11.84 2.01
CA CYS C 38 28.20 10.76 2.28
C CYS C 38 29.11 11.04 3.48
N LYS C 39 28.59 11.73 4.50
CA LYS C 39 29.30 11.88 5.77
C LYS C 39 28.75 10.95 6.84
N LEU C 40 27.48 11.10 7.20
CA LEU C 40 26.93 10.46 8.40
C LEU C 40 25.82 9.49 8.00
N THR C 41 26.21 8.28 7.62
CA THR C 41 25.25 7.26 7.20
C THR C 41 24.77 6.48 8.41
N VAL C 42 23.46 6.45 8.62
CA VAL C 42 22.87 5.93 9.85
C VAL C 42 22.26 4.56 9.58
N TYR C 43 22.73 3.54 10.28
CA TYR C 43 22.25 2.16 10.14
C TYR C 43 21.47 1.77 11.38
N LEU C 44 20.26 1.25 11.16
CA LEU C 44 19.32 0.92 12.22
C LEU C 44 18.67 -0.43 11.94
N GLY C 45 18.12 -1.02 13.01
CA GLY C 45 17.36 -2.25 12.90
C GLY C 45 15.94 -2.08 12.38
N LYS C 46 15.10 -1.39 13.16
CA LYS C 46 13.66 -1.38 12.93
C LYS C 46 13.12 0.04 12.97
N ARG C 47 12.12 0.32 12.13
CA ARG C 47 11.47 1.63 12.13
C ARG C 47 10.25 1.68 13.04
N ASP C 48 9.58 0.55 13.27
CA ASP C 48 8.58 0.48 14.32
C ASP C 48 9.26 0.00 15.59
N PHE C 49 9.41 0.89 16.57
CA PHE C 49 9.91 0.52 17.88
C PHE C 49 8.74 0.30 18.82
N VAL C 50 8.83 -0.73 19.64
CA VAL C 50 7.72 -1.18 20.47
C VAL C 50 7.54 -0.26 21.66
N ASP C 51 6.32 0.22 21.86
CA ASP C 51 5.97 0.84 23.13
C ASP C 51 5.57 -0.26 24.09
N HIS C 52 6.53 -0.73 24.88
CA HIS C 52 6.23 -1.74 25.89
C HIS C 52 5.56 -1.08 27.10
N LEU C 53 5.16 -1.91 28.06
CA LEU C 53 4.57 -1.41 29.29
C LEU C 53 5.63 -1.17 30.36
N ASP C 54 6.37 -2.21 30.72
CA ASP C 54 7.46 -2.06 31.68
C ASP C 54 8.52 -1.10 31.15
N LYS C 55 8.86 -1.21 29.87
CA LYS C 55 9.88 -0.37 29.27
C LYS C 55 9.36 0.29 28.00
N VAL C 56 10.26 0.88 27.23
CA VAL C 56 9.99 1.28 25.86
C VAL C 56 10.90 0.42 24.99
N ASP C 57 10.82 0.55 23.67
CA ASP C 57 11.83 -0.03 22.80
C ASP C 57 12.88 1.03 22.53
N PRO C 58 14.09 0.89 23.05
CA PRO C 58 15.12 1.90 22.82
C PRO C 58 15.72 1.76 21.43
N VAL C 59 16.44 2.78 21.02
CA VAL C 59 17.10 2.75 19.72
C VAL C 59 18.45 2.09 19.86
N ASP C 60 18.87 1.39 18.81
CA ASP C 60 20.18 0.74 18.75
C ASP C 60 20.70 0.89 17.32
N GLY C 61 21.47 1.96 17.07
CA GLY C 61 21.94 2.24 15.74
C GLY C 61 23.43 2.58 15.75
N VAL C 62 24.00 2.67 14.55
CA VAL C 62 25.34 3.20 14.38
C VAL C 62 25.33 4.23 13.26
N VAL C 63 26.42 4.97 13.16
CA VAL C 63 26.59 6.04 12.18
C VAL C 63 27.99 5.90 11.60
N LEU C 64 28.08 5.45 10.34
CA LEU C 64 29.31 5.43 9.59
C LEU C 64 29.64 6.85 9.13
N VAL C 65 30.73 7.40 9.64
CA VAL C 65 31.19 8.71 9.19
C VAL C 65 32.58 8.55 8.58
N ASP C 66 32.90 9.41 7.62
CA ASP C 66 34.15 9.38 6.88
C ASP C 66 35.13 10.42 7.43
N PRO C 67 36.39 10.04 7.58
CA PRO C 67 37.34 10.83 8.38
C PRO C 67 38.06 11.95 7.65
N ASP C 68 37.69 12.31 6.43
CA ASP C 68 38.47 13.26 5.66
C ASP C 68 37.98 14.69 5.78
N TYR C 69 36.69 14.92 5.57
CA TYR C 69 36.11 16.25 5.78
C TYR C 69 35.57 16.42 7.18
N LEU C 70 35.51 15.35 7.96
CA LEU C 70 35.17 15.37 9.38
C LEU C 70 36.44 15.42 10.24
N LYS C 71 37.32 16.37 10.00
CA LYS C 71 38.54 16.50 10.79
C LYS C 71 38.33 17.63 11.80
N ASP C 72 38.31 17.26 13.08
CA ASP C 72 37.82 18.11 14.16
C ASP C 72 36.46 18.71 13.81
N ARG C 73 35.60 17.85 13.25
CA ARG C 73 34.18 18.12 13.08
C ARG C 73 33.45 17.05 13.87
N LYS C 74 32.65 17.46 14.85
CA LYS C 74 32.23 16.57 15.92
C LYS C 74 30.81 16.07 15.71
N VAL C 75 30.66 14.75 15.53
CA VAL C 75 29.38 14.12 15.23
C VAL C 75 28.58 13.90 16.50
N PHE C 76 27.27 14.08 16.41
CA PHE C 76 26.36 13.77 17.50
C PHE C 76 25.18 12.97 16.95
N VAL C 77 24.11 12.85 17.73
CA VAL C 77 22.89 12.22 17.24
C VAL C 77 21.75 12.62 18.16
N THR C 78 20.53 12.66 17.63
CA THR C 78 19.36 13.07 18.40
C THR C 78 18.17 12.18 18.06
N LEU C 79 17.18 12.25 18.94
CA LEU C 79 15.82 11.75 18.69
C LEU C 79 14.86 12.90 18.98
N THR C 80 14.23 13.44 17.93
CA THR C 80 13.34 14.58 18.06
C THR C 80 11.89 14.12 17.97
N CYS C 81 11.38 13.63 19.10
CA CYS C 81 9.96 13.32 19.21
C CYS C 81 9.15 14.61 19.11
N ALA C 82 8.21 14.66 18.17
CA ALA C 82 7.57 15.94 17.87
C ALA C 82 6.10 15.79 17.51
N PHE C 83 5.31 16.73 18.03
CA PHE C 83 3.92 16.93 17.64
C PHE C 83 3.87 17.76 16.35
N ARG C 84 2.89 17.48 15.50
CA ARG C 84 2.66 18.26 14.29
C ARG C 84 1.17 18.57 14.21
N TYR C 85 0.83 19.84 14.04
CA TYR C 85 -0.59 20.17 13.85
C TYR C 85 -0.80 21.29 12.83
N GLY C 86 0.07 21.42 11.83
CA GLY C 86 -0.12 22.47 10.85
C GLY C 86 0.92 22.64 9.75
N ARG C 87 1.00 23.85 9.20
CA ARG C 87 1.90 24.17 8.10
C ARG C 87 3.27 24.57 8.62
N GLU C 88 4.28 24.42 7.77
CA GLU C 88 5.64 24.64 8.22
C GLU C 88 5.94 26.12 8.40
N ASP C 89 6.05 26.85 7.29
CA ASP C 89 6.53 28.21 7.34
C ASP C 89 5.46 29.18 7.82
N LEU C 90 4.19 28.77 7.76
CA LEU C 90 3.11 29.61 8.28
C LEU C 90 3.07 29.58 9.79
N ASP C 91 2.99 28.38 10.38
CA ASP C 91 3.08 28.26 11.83
C ASP C 91 4.46 28.64 12.34
N VAL C 92 5.45 28.78 11.46
CA VAL C 92 6.72 29.40 11.84
C VAL C 92 6.49 30.86 12.25
N LEU C 93 5.87 31.64 11.39
CA LEU C 93 5.70 33.08 11.62
C LEU C 93 4.46 33.39 12.47
N GLY C 94 4.35 32.73 13.62
CA GLY C 94 3.28 33.01 14.56
C GLY C 94 3.82 33.49 15.89
N LEU C 95 3.63 32.69 16.93
CA LEU C 95 4.32 32.92 18.20
C LEU C 95 4.92 31.63 18.71
N SER C 96 4.33 30.51 18.33
CA SER C 96 4.76 29.17 18.71
C SER C 96 5.25 28.41 17.50
N PHE C 97 5.81 27.21 17.72
CA PHE C 97 5.94 26.34 16.56
C PHE C 97 5.21 25.01 16.70
N ARG C 98 5.74 24.09 17.51
CA ARG C 98 5.24 22.71 17.50
C ARG C 98 5.11 22.09 18.88
N LYS C 99 5.87 22.55 19.88
CA LYS C 99 5.97 21.86 21.15
C LYS C 99 6.53 20.44 20.94
N ASP C 100 7.81 20.41 20.56
CA ASP C 100 8.54 19.16 20.47
C ASP C 100 8.43 18.43 21.80
N LEU C 101 7.71 17.30 21.80
CA LEU C 101 7.40 16.62 23.05
C LEU C 101 8.67 16.21 23.80
N PHE C 102 9.75 15.96 23.06
CA PHE C 102 10.95 15.42 23.67
C PHE C 102 12.08 15.45 22.65
N ILE C 103 13.32 15.59 23.14
CA ILE C 103 14.51 15.54 22.31
C ILE C 103 15.68 14.94 23.10
N ALA C 104 16.24 13.84 22.60
CA ALA C 104 17.44 13.25 23.20
C ALA C 104 18.65 13.55 22.33
N THR C 105 19.78 13.80 22.98
CA THR C 105 21.02 14.15 22.29
C THR C 105 22.17 13.38 22.90
N TYR C 106 22.97 12.70 22.06
CA TYR C 106 24.09 11.92 22.55
C TYR C 106 25.30 12.07 21.63
N GLN C 107 26.48 12.01 22.25
CA GLN C 107 27.75 12.39 21.63
C GLN C 107 28.39 11.17 21.00
N ALA C 108 28.24 11.04 19.68
CA ALA C 108 28.89 9.95 18.96
C ALA C 108 30.38 10.20 18.79
N PHE C 109 30.74 11.27 18.08
CA PHE C 109 32.13 11.58 17.82
C PHE C 109 32.48 12.99 18.29
N PRO C 110 33.62 13.17 18.97
CA PRO C 110 34.53 12.09 19.33
C PRO C 110 34.08 11.47 20.65
N PRO C 111 34.25 10.17 20.79
CA PRO C 111 33.67 9.51 21.95
C PRO C 111 34.26 9.97 23.28
N MET C 112 33.46 10.68 24.07
CA MET C 112 33.75 10.79 25.50
C MET C 112 33.87 9.37 26.03
N PRO C 113 34.67 9.11 27.07
CA PRO C 113 35.65 8.01 26.96
C PRO C 113 35.06 6.69 26.49
N ASN C 114 34.87 6.62 25.15
CA ASN C 114 34.45 5.49 24.33
C ASN C 114 33.26 4.78 24.97
N PRO C 115 32.06 5.35 24.85
CA PRO C 115 30.98 5.01 25.77
C PRO C 115 30.08 3.87 25.33
N PRO C 116 30.38 3.08 24.26
CA PRO C 116 29.55 1.87 24.10
C PRO C 116 30.02 0.76 25.02
N ARG C 117 29.36 0.60 26.17
CA ARG C 117 29.71 -0.55 27.02
C ARG C 117 28.88 -1.80 26.73
N PRO C 118 27.54 -1.75 26.76
CA PRO C 118 26.76 -2.94 26.34
C PRO C 118 26.31 -2.83 24.89
N PRO C 119 27.15 -3.19 23.93
CA PRO C 119 26.74 -3.06 22.53
C PRO C 119 25.65 -4.04 22.17
N THR C 120 24.77 -3.60 21.28
CA THR C 120 23.79 -4.49 20.68
C THR C 120 24.49 -5.45 19.71
N ARG C 121 23.93 -6.65 19.57
CA ARG C 121 24.48 -7.56 18.57
C ARG C 121 24.13 -7.12 17.15
N LEU C 122 23.20 -6.19 16.98
CA LEU C 122 23.12 -5.47 15.71
C LEU C 122 24.22 -4.42 15.62
N GLN C 123 24.52 -3.75 16.73
CA GLN C 123 25.71 -2.92 16.80
C GLN C 123 26.98 -3.74 16.79
N ASP C 124 26.89 -5.05 17.03
CA ASP C 124 28.01 -5.95 16.82
C ASP C 124 28.05 -6.51 15.40
N ARG C 125 26.92 -6.52 14.69
CA ARG C 125 26.93 -6.93 13.29
C ARG C 125 27.41 -5.80 12.39
N LEU C 126 27.01 -4.56 12.70
CA LEU C 126 27.35 -3.43 11.83
C LEU C 126 28.81 -3.02 11.95
N LEU C 127 29.34 -3.02 13.17
CA LEU C 127 30.71 -2.54 13.38
C LEU C 127 31.73 -3.40 12.65
N LYS C 128 31.46 -4.70 12.54
CA LYS C 128 32.33 -5.59 11.79
C LYS C 128 31.94 -5.69 10.32
N LYS C 129 30.67 -5.42 10.01
CA LYS C 129 30.26 -5.32 8.62
C LYS C 129 30.85 -4.07 7.95
N LEU C 130 30.84 -2.95 8.65
CA LEU C 130 31.23 -1.67 8.09
C LEU C 130 32.72 -1.40 8.34
N GLY C 131 33.14 -0.15 8.11
CA GLY C 131 34.50 0.25 8.41
C GLY C 131 34.66 0.70 9.86
N GLN C 132 35.92 0.69 10.32
CA GLN C 132 36.24 0.93 11.72
C GLN C 132 35.65 2.22 12.28
N HIS C 133 35.27 3.17 11.41
CA HIS C 133 34.83 4.48 11.84
C HIS C 133 33.42 4.50 12.42
N ALA C 134 32.69 3.39 12.34
CA ALA C 134 31.28 3.37 12.74
C ALA C 134 31.11 3.74 14.21
N HIS C 135 30.20 4.67 14.48
CA HIS C 135 29.99 5.23 15.81
C HIS C 135 28.60 4.88 16.31
N PRO C 136 28.46 4.14 17.41
CA PRO C 136 27.12 3.74 17.85
C PRO C 136 26.28 4.89 18.40
N PHE C 137 25.02 4.58 18.73
CA PHE C 137 24.09 5.50 19.38
C PHE C 137 22.89 4.69 19.87
N PHE C 138 22.26 5.21 20.93
CA PHE C 138 21.30 4.46 21.72
C PHE C 138 20.46 5.42 22.56
N PHE C 139 19.13 5.37 22.41
CA PHE C 139 18.22 6.31 23.06
C PHE C 139 17.17 5.53 23.84
N THR C 140 17.04 5.82 25.13
CA THR C 140 16.01 5.24 25.98
C THR C 140 14.90 6.27 26.23
N ILE C 141 13.69 5.94 25.82
CA ILE C 141 12.55 6.86 25.85
C ILE C 141 11.95 6.93 27.25
N PRO C 142 11.53 8.12 27.72
CA PRO C 142 10.91 8.23 29.04
C PRO C 142 9.50 7.68 29.11
N GLN C 143 8.83 7.87 30.25
CA GLN C 143 7.50 7.34 30.50
C GLN C 143 6.38 8.35 30.30
N ASN C 144 6.70 9.58 29.88
CA ASN C 144 5.69 10.63 29.77
C ASN C 144 5.40 11.01 28.32
N LEU C 145 5.64 10.09 27.37
CA LEU C 145 5.47 10.39 25.96
C LEU C 145 4.27 9.64 25.40
N PRO C 146 3.33 10.32 24.75
CA PRO C 146 2.37 9.61 23.90
C PRO C 146 3.04 9.02 22.67
N CYS C 147 2.24 8.29 21.90
CA CYS C 147 2.75 7.47 20.81
C CYS C 147 2.74 8.24 19.49
N SER C 148 2.98 7.54 18.39
CA SER C 148 2.93 8.11 17.05
C SER C 148 1.53 7.89 16.50
N VAL C 149 0.70 8.92 16.56
CA VAL C 149 -0.67 8.85 16.06
C VAL C 149 -0.95 10.10 15.22
N THR C 150 -1.62 9.90 14.09
CA THR C 150 -1.87 10.95 13.12
C THR C 150 -3.36 11.05 12.84
N LEU C 151 -3.90 12.27 12.90
CA LEU C 151 -5.27 12.49 12.45
C LEU C 151 -5.41 12.06 10.99
N GLN C 152 -6.58 11.57 10.62
CA GLN C 152 -6.72 11.29 9.21
C GLN C 152 -7.10 12.56 8.47
N PRO C 153 -6.43 12.88 7.40
CA PRO C 153 -6.91 13.91 6.48
C PRO C 153 -8.26 13.52 5.87
N GLY C 154 -8.84 14.39 5.07
CA GLY C 154 -9.98 14.01 4.29
C GLY C 154 -9.65 13.93 2.81
N PRO C 155 -10.67 13.72 1.97
CA PRO C 155 -10.51 13.98 0.54
C PRO C 155 -10.25 15.43 0.15
N GLU C 156 -10.44 16.41 1.04
CA GLU C 156 -10.47 17.80 0.61
C GLU C 156 -9.69 18.69 1.56
N ASP C 157 -8.75 19.47 1.01
CA ASP C 157 -7.93 20.41 1.76
C ASP C 157 -7.24 19.72 2.92
N THR C 158 -6.76 18.50 2.69
CA THR C 158 -6.48 17.55 3.76
C THR C 158 -5.03 17.65 4.25
N GLY C 159 -4.65 18.87 4.65
CA GLY C 159 -3.30 19.08 5.15
C GLY C 159 -3.09 20.09 6.25
N LYS C 160 -4.11 20.38 7.07
CA LYS C 160 -3.81 21.03 8.34
C LYS C 160 -3.25 19.91 9.21
N ALA C 161 -2.11 19.38 8.77
CA ALA C 161 -1.71 18.03 9.12
C ALA C 161 -1.44 17.92 10.61
N CYS C 162 -1.93 16.84 11.21
CA CYS C 162 -1.73 16.59 12.61
C CYS C 162 -1.10 15.21 12.78
N GLY C 163 -0.53 14.98 13.95
CA GLY C 163 0.12 13.72 14.21
C GLY C 163 1.40 13.84 15.01
N VAL C 164 1.58 12.94 15.96
CA VAL C 164 2.87 12.82 16.64
C VAL C 164 3.78 11.94 15.79
N ASP C 165 5.09 12.14 15.93
CA ASP C 165 6.03 11.21 15.33
C ASP C 165 7.30 11.18 16.15
N PHE C 166 8.06 10.11 15.96
CA PHE C 166 9.39 9.97 16.52
C PHE C 166 10.38 9.94 15.36
N GLU C 167 11.37 10.83 15.42
CA GLU C 167 12.33 10.98 14.35
C GLU C 167 13.72 11.05 14.96
N ILE C 168 14.71 10.62 14.18
CA ILE C 168 16.05 10.37 14.70
C ILE C 168 17.06 10.85 13.67
N ARG C 169 18.03 11.65 14.13
CA ARG C 169 18.87 12.46 13.24
C ARG C 169 20.31 12.51 13.73
N ALA C 170 21.23 12.40 12.79
CA ALA C 170 22.64 12.66 13.01
C ALA C 170 23.00 14.06 12.52
N PHE C 171 24.01 14.68 13.13
CA PHE C 171 24.35 16.04 12.74
C PHE C 171 25.75 16.39 13.25
N CYS C 172 26.30 17.46 12.67
CA CYS C 172 27.55 18.03 13.17
C CYS C 172 27.64 19.49 12.72
N ALA C 173 27.36 20.42 13.62
CA ALA C 173 27.67 21.82 13.43
C ALA C 173 28.87 22.18 14.28
N LYS C 174 29.60 23.23 13.87
CA LYS C 174 30.78 23.64 14.61
C LYS C 174 30.45 23.85 16.08
N SER C 175 29.50 24.73 16.36
CA SER C 175 29.08 24.96 17.74
C SER C 175 28.61 23.67 18.39
N ILE C 176 28.65 23.65 19.72
CA ILE C 176 28.45 22.45 20.52
C ILE C 176 26.99 21.99 20.42
N GLU C 177 26.71 20.79 20.95
CA GLU C 177 25.47 20.07 20.73
C GLU C 177 24.20 20.92 20.94
N GLU C 178 24.31 22.06 21.60
CA GLU C 178 23.19 22.97 21.80
C GLU C 178 22.98 23.90 20.61
N LYS C 179 23.78 23.77 19.55
CA LYS C 179 23.51 24.49 18.31
C LYS C 179 23.68 23.54 17.13
N SER C 180 22.87 23.76 16.10
CA SER C 180 22.89 22.94 14.89
C SER C 180 22.22 23.70 13.77
N HIS C 181 22.21 23.09 12.59
CA HIS C 181 21.60 23.60 11.38
C HIS C 181 21.17 22.41 10.53
N LYS C 182 21.01 22.59 9.22
CA LYS C 182 20.58 21.48 8.38
C LYS C 182 21.66 20.88 7.49
N ARG C 183 22.78 21.58 7.25
CA ARG C 183 23.67 21.04 6.21
C ARG C 183 24.44 19.75 6.64
N ASN C 184 24.15 19.09 7.75
CA ASN C 184 24.73 17.77 8.00
C ASN C 184 23.71 16.74 8.42
N SER C 185 22.48 17.14 8.72
CA SER C 185 21.57 16.32 9.49
C SER C 185 20.98 15.19 8.65
N VAL C 186 20.87 14.03 9.27
CA VAL C 186 20.34 12.81 8.69
C VAL C 186 19.11 12.44 9.48
N ARG C 187 17.95 12.51 8.83
CA ARG C 187 16.65 12.36 9.46
C ARG C 187 15.99 11.07 8.98
N LEU C 188 15.53 10.26 9.92
CA LEU C 188 14.92 8.98 9.57
C LEU C 188 13.70 8.79 10.47
N ILE C 189 12.49 8.85 9.91
CA ILE C 189 11.31 8.74 10.73
C ILE C 189 11.13 7.29 11.18
N ILE C 190 10.76 7.13 12.45
CA ILE C 190 10.38 5.86 13.02
C ILE C 190 9.03 6.06 13.70
N ARG C 191 8.56 5.03 14.39
CA ARG C 191 7.33 5.15 15.14
C ARG C 191 7.49 4.56 16.53
N LYS C 192 6.51 4.86 17.38
CA LYS C 192 6.32 4.20 18.66
C LYS C 192 4.81 4.02 18.79
N VAL C 193 4.35 2.78 18.69
CA VAL C 193 2.93 2.47 18.70
C VAL C 193 2.56 1.87 20.05
N GLN C 194 1.51 2.41 20.68
CA GLN C 194 1.03 1.88 21.94
C GLN C 194 0.57 0.43 21.79
N PHE C 195 0.59 -0.29 22.90
CA PHE C 195 0.23 -1.70 22.90
C PHE C 195 -0.51 -2.03 24.19
N ALA C 196 -1.48 -2.93 24.07
CA ALA C 196 -2.45 -3.12 25.14
C ALA C 196 -1.86 -3.88 26.32
N PRO C 197 -2.39 -3.64 27.52
CA PRO C 197 -1.87 -4.33 28.71
C PRO C 197 -2.25 -5.80 28.81
N GLU C 198 -1.92 -6.37 29.95
CA GLU C 198 -1.92 -7.81 30.22
C GLU C 198 -3.27 -8.33 30.69
N THR C 199 -4.09 -7.47 31.30
CA THR C 199 -5.38 -7.88 31.84
C THR C 199 -6.46 -6.95 31.31
N PRO C 200 -7.56 -7.47 30.78
CA PRO C 200 -8.71 -6.62 30.46
C PRO C 200 -9.66 -6.50 31.64
N GLY C 201 -10.40 -5.39 31.63
CA GLY C 201 -11.31 -5.08 32.71
C GLY C 201 -12.55 -5.96 32.70
N PRO C 202 -13.36 -5.85 33.76
CA PRO C 202 -14.53 -6.73 33.87
C PRO C 202 -15.52 -6.48 32.74
N GLN C 203 -16.30 -7.52 32.44
CA GLN C 203 -17.23 -7.56 31.31
C GLN C 203 -18.20 -6.38 31.36
N PRO C 204 -18.07 -5.41 30.44
CA PRO C 204 -18.94 -4.24 30.50
C PRO C 204 -20.26 -4.46 29.77
N SER C 205 -21.33 -4.04 30.42
CA SER C 205 -22.65 -4.02 29.80
C SER C 205 -23.48 -3.01 30.57
N ALA C 206 -23.72 -1.83 29.99
CA ALA C 206 -24.35 -0.77 30.76
C ALA C 206 -25.01 0.28 29.86
N GLU C 207 -26.31 0.55 30.10
CA GLU C 207 -27.08 1.55 29.36
C GLU C 207 -28.44 1.88 29.98
N THR C 208 -29.32 2.54 29.20
CA THR C 208 -30.52 3.26 29.61
C THR C 208 -31.78 2.37 29.63
N THR C 209 -32.83 2.84 30.34
CA THR C 209 -34.17 2.24 30.42
C THR C 209 -35.25 3.05 29.69
N ARG C 210 -35.12 4.38 29.66
CA ARG C 210 -35.90 5.25 28.75
C ARG C 210 -37.40 5.33 29.01
N HIS C 211 -37.80 6.07 30.04
CA HIS C 211 -39.21 6.39 30.26
C HIS C 211 -39.64 7.63 29.48
N PHE C 212 -40.95 7.72 29.22
CA PHE C 212 -41.50 8.67 28.25
C PHE C 212 -42.65 9.49 28.81
N LEU C 213 -43.37 10.21 27.92
CA LEU C 213 -44.50 11.04 28.30
C LEU C 213 -45.84 10.49 27.83
N MET C 214 -45.86 9.54 26.88
CA MET C 214 -47.10 9.06 26.30
C MET C 214 -47.27 7.55 26.27
N SER C 215 -46.19 6.78 26.27
CA SER C 215 -46.27 5.33 26.46
C SER C 215 -45.50 4.96 27.71
N ASP C 216 -46.11 4.12 28.53
CA ASP C 216 -45.86 4.12 29.95
C ASP C 216 -44.81 3.13 30.42
N ARG C 217 -44.83 1.90 29.94
CA ARG C 217 -44.12 0.78 30.56
C ARG C 217 -42.61 1.04 30.63
N ARG C 218 -41.90 0.10 31.26
CA ARG C 218 -40.45 0.16 31.24
C ARG C 218 -39.91 0.20 29.81
N SER C 219 -40.71 -0.22 28.83
CA SER C 219 -40.65 0.31 27.47
C SER C 219 -39.25 0.35 26.90
N LEU C 220 -38.76 -0.81 26.41
CA LEU C 220 -37.38 -1.01 26.01
C LEU C 220 -36.39 -1.14 27.15
N HIS C 221 -36.48 -2.24 27.90
CA HIS C 221 -35.26 -2.76 28.49
C HIS C 221 -34.36 -3.23 27.36
N LEU C 222 -33.07 -2.89 27.44
CA LEU C 222 -32.12 -3.33 26.43
C LEU C 222 -30.85 -3.75 27.13
N GLU C 223 -30.20 -4.80 26.63
CA GLU C 223 -28.88 -5.20 27.10
C GLU C 223 -27.93 -5.40 25.93
N ALA C 224 -27.01 -4.45 25.72
CA ALA C 224 -25.87 -4.70 24.86
C ALA C 224 -24.78 -5.31 25.74
N SER C 225 -24.93 -6.60 26.04
CA SER C 225 -23.90 -7.34 26.72
C SER C 225 -22.76 -7.62 25.75
N LEU C 226 -21.55 -7.67 26.30
CA LEU C 226 -20.35 -7.83 25.49
C LEU C 226 -19.57 -9.02 26.02
N ASP C 227 -18.37 -9.16 25.51
CA ASP C 227 -17.59 -10.34 25.85
C ASP C 227 -16.19 -10.03 26.37
N LYS C 228 -15.53 -9.01 25.83
CA LYS C 228 -14.17 -8.65 26.22
C LYS C 228 -14.09 -7.15 26.46
N GLU C 229 -12.87 -6.67 26.70
CA GLU C 229 -12.71 -5.29 27.15
C GLU C 229 -11.66 -4.51 26.35
N LEU C 230 -10.65 -5.21 25.81
CA LEU C 230 -9.61 -4.56 25.03
C LEU C 230 -9.34 -5.38 23.77
N TYR C 231 -9.72 -4.84 22.61
CA TYR C 231 -9.50 -5.49 21.33
C TYR C 231 -8.35 -4.82 20.58
N TYR C 232 -8.02 -5.41 19.43
CA TYR C 232 -6.92 -4.97 18.57
C TYR C 232 -7.44 -5.02 17.15
N HIS C 233 -6.53 -5.05 16.17
CA HIS C 233 -6.91 -5.09 14.76
C HIS C 233 -6.97 -6.50 14.22
N GLY C 234 -7.45 -7.45 15.02
CA GLY C 234 -7.64 -8.80 14.55
C GLY C 234 -9.04 -9.36 14.74
N GLU C 235 -9.87 -8.72 15.58
CA GLU C 235 -11.12 -9.33 15.99
C GLU C 235 -12.28 -8.35 15.94
N PRO C 236 -13.52 -8.88 15.75
CA PRO C 236 -14.69 -8.02 15.52
C PRO C 236 -15.39 -7.62 16.79
N LEU C 237 -16.56 -7.01 16.63
CA LEU C 237 -17.40 -6.57 17.74
C LEU C 237 -18.74 -7.29 17.64
N ASN C 238 -18.84 -8.43 18.33
CA ASN C 238 -20.14 -9.03 18.65
C ASN C 238 -20.76 -8.29 19.81
N VAL C 239 -22.02 -7.87 19.66
CA VAL C 239 -22.78 -7.22 20.71
C VAL C 239 -24.07 -8.03 20.89
N ASN C 240 -24.20 -8.66 22.06
CA ASN C 240 -25.37 -9.47 22.38
C ASN C 240 -26.43 -8.53 22.94
N VAL C 241 -27.38 -8.13 22.09
CA VAL C 241 -28.41 -7.16 22.45
C VAL C 241 -29.68 -7.90 22.82
N HIS C 242 -30.17 -7.63 24.03
CA HIS C 242 -31.28 -8.32 24.68
C HIS C 242 -32.40 -7.31 24.89
N VAL C 243 -33.40 -7.33 24.02
CA VAL C 243 -34.61 -6.55 24.27
C VAL C 243 -35.45 -7.23 25.33
N THR C 244 -36.02 -6.44 26.24
CA THR C 244 -37.10 -6.88 27.12
C THR C 244 -38.23 -5.89 26.95
N ASN C 245 -39.43 -6.42 26.73
CA ASN C 245 -40.47 -5.72 26.00
C ASN C 245 -41.86 -6.07 26.54
N ASN C 246 -42.69 -5.05 26.62
CA ASN C 246 -44.14 -5.18 26.54
C ASN C 246 -44.57 -3.89 25.86
N SER C 247 -44.80 -3.95 24.56
CA SER C 247 -44.77 -2.74 23.74
C SER C 247 -46.13 -2.07 23.65
N ALA C 248 -46.10 -0.73 23.53
CA ALA C 248 -47.25 0.05 23.09
C ALA C 248 -46.82 1.15 22.12
N LYS C 249 -45.55 1.18 21.73
CA LYS C 249 -45.07 1.96 20.60
C LYS C 249 -44.11 1.06 19.83
N THR C 250 -44.47 0.69 18.61
CA THR C 250 -43.78 -0.40 17.94
C THR C 250 -42.32 -0.04 17.66
N VAL C 251 -41.45 -1.04 17.76
CA VAL C 251 -40.02 -0.79 17.83
C VAL C 251 -39.46 -0.49 16.44
N LYS C 252 -39.42 -1.51 15.57
CA LYS C 252 -38.93 -1.52 14.19
C LYS C 252 -37.41 -1.52 13.97
N LYS C 253 -36.55 -1.15 14.92
CA LYS C 253 -35.15 -1.25 14.52
C LYS C 253 -34.15 -1.12 15.66
N ILE C 254 -33.01 -1.83 15.50
CA ILE C 254 -31.79 -1.69 16.29
C ILE C 254 -30.59 -1.75 15.33
N ARG C 255 -29.95 -0.61 15.09
CA ARG C 255 -28.64 -0.51 14.46
C ARG C 255 -27.58 -0.46 15.57
N VAL C 256 -26.38 -0.97 15.29
CA VAL C 256 -25.28 -0.87 16.26
C VAL C 256 -24.07 -0.27 15.58
N SER C 257 -23.48 0.75 16.21
CA SER C 257 -22.62 1.72 15.54
C SER C 257 -21.38 1.99 16.37
N VAL C 258 -20.22 1.54 15.90
CA VAL C 258 -18.97 1.80 16.60
C VAL C 258 -18.53 3.24 16.31
N ARG C 259 -18.31 4.00 17.37
CA ARG C 259 -18.09 5.43 17.33
C ARG C 259 -16.71 5.76 17.86
N GLN C 260 -15.97 6.57 17.11
CA GLN C 260 -14.65 7.03 17.54
C GLN C 260 -14.75 8.40 18.19
N TYR C 261 -13.97 8.58 19.25
CA TYR C 261 -13.78 9.87 19.89
C TYR C 261 -12.38 10.32 19.50
N ALA C 262 -12.31 11.27 18.57
CA ALA C 262 -11.04 11.84 18.08
C ALA C 262 -10.71 13.05 18.94
N ASP C 263 -10.25 12.76 20.15
CA ASP C 263 -10.24 13.68 21.29
C ASP C 263 -8.92 14.44 21.28
N ILE C 264 -8.89 15.57 20.54
CA ILE C 264 -7.69 16.38 20.32
C ILE C 264 -7.55 17.38 21.44
N CYS C 265 -6.32 17.63 21.94
CA CYS C 265 -6.07 18.58 23.04
C CYS C 265 -4.99 19.60 22.63
N LEU C 266 -5.39 20.70 21.98
CA LEU C 266 -4.43 21.77 21.76
C LEU C 266 -4.64 22.93 22.73
N PHE C 267 -5.80 23.59 22.63
CA PHE C 267 -6.33 24.38 23.72
C PHE C 267 -7.17 23.49 24.61
N SER C 268 -7.87 22.56 23.97
CA SER C 268 -8.90 21.76 24.60
C SER C 268 -8.94 20.36 24.01
N THR C 269 -9.09 19.38 24.91
CA THR C 269 -9.59 18.07 24.55
C THR C 269 -10.85 18.19 23.67
N ALA C 270 -10.86 17.49 22.54
CA ALA C 270 -11.84 17.78 21.50
C ALA C 270 -12.52 16.53 20.96
N GLN C 271 -13.73 16.24 21.44
CA GLN C 271 -14.47 15.07 20.95
C GLN C 271 -15.04 15.36 19.56
N TYR C 272 -14.68 14.51 18.60
CA TYR C 272 -15.17 14.62 17.22
C TYR C 272 -15.79 13.27 16.85
N LYS C 273 -17.11 13.21 16.85
CA LYS C 273 -17.81 11.94 16.62
C LYS C 273 -17.92 11.63 15.14
N CYS C 274 -17.76 10.36 14.80
CA CYS C 274 -18.06 9.79 13.50
C CYS C 274 -17.90 8.28 13.57
N PRO C 275 -18.73 7.52 12.86
CA PRO C 275 -18.73 6.07 13.04
C PRO C 275 -17.75 5.39 12.10
N VAL C 276 -16.88 4.55 12.67
CA VAL C 276 -15.94 3.83 11.81
C VAL C 276 -16.67 2.74 11.03
N ALA C 277 -17.70 2.13 11.64
CA ALA C 277 -18.53 1.13 10.98
C ALA C 277 -19.71 0.81 11.88
N GLN C 278 -20.80 0.35 11.26
CA GLN C 278 -22.02 0.00 11.98
C GLN C 278 -22.83 -0.95 11.13
N LEU C 279 -23.56 -1.83 11.79
CA LEU C 279 -24.35 -2.82 11.06
C LEU C 279 -25.68 -3.07 11.74
N GLU C 280 -26.58 -3.67 10.97
CA GLU C 280 -27.93 -4.01 11.41
C GLU C 280 -28.61 -4.86 10.35
N GLN C 281 -29.36 -5.85 10.79
CA GLN C 281 -30.44 -6.47 10.03
C GLN C 281 -31.72 -5.75 10.45
N ASP C 282 -32.89 -6.32 10.12
CA ASP C 282 -34.16 -5.70 10.51
C ASP C 282 -34.99 -6.61 11.43
N ASP C 283 -34.33 -7.20 12.42
CA ASP C 283 -35.01 -8.06 13.39
C ASP C 283 -36.03 -7.25 14.19
N GLN C 284 -37.27 -7.71 14.18
CA GLN C 284 -38.36 -7.06 14.92
C GLN C 284 -38.68 -7.83 16.20
N VAL C 285 -39.00 -7.10 17.26
CA VAL C 285 -39.43 -7.68 18.52
C VAL C 285 -40.90 -7.31 18.75
N SER C 286 -41.68 -8.28 19.25
CA SER C 286 -43.11 -8.23 19.48
C SER C 286 -43.42 -7.67 20.87
N PRO C 287 -44.64 -7.20 21.11
CA PRO C 287 -45.01 -6.79 22.46
C PRO C 287 -45.09 -7.96 23.43
N SER C 288 -44.64 -7.70 24.66
CA SER C 288 -44.71 -8.62 25.80
C SER C 288 -43.89 -9.90 25.66
N SER C 289 -42.56 -9.78 25.57
CA SER C 289 -41.63 -10.91 25.68
C SER C 289 -40.23 -10.34 25.84
N THR C 290 -39.21 -11.19 25.67
CA THR C 290 -37.82 -10.76 25.62
C THR C 290 -37.13 -11.36 24.41
N PHE C 291 -36.53 -10.48 23.60
CA PHE C 291 -35.84 -10.81 22.35
C PHE C 291 -34.33 -10.72 22.56
N CYS C 292 -33.57 -11.38 21.68
CA CYS C 292 -32.12 -11.27 21.78
C CYS C 292 -31.47 -11.66 20.47
N LYS C 293 -30.46 -10.87 20.08
CA LYS C 293 -29.70 -11.09 18.85
C LYS C 293 -28.26 -10.67 19.10
N VAL C 294 -27.32 -11.33 18.43
CA VAL C 294 -25.93 -10.88 18.44
C VAL C 294 -25.71 -10.10 17.15
N TYR C 295 -25.77 -8.77 17.23
CA TYR C 295 -25.33 -7.96 16.11
C TYR C 295 -23.80 -7.92 16.11
N THR C 296 -23.20 -7.62 14.96
CA THR C 296 -21.75 -7.70 14.93
C THR C 296 -21.19 -6.86 13.79
N ILE C 297 -20.04 -6.23 14.05
CA ILE C 297 -19.39 -5.31 13.12
C ILE C 297 -17.89 -5.61 13.06
N THR C 298 -17.24 -5.15 11.99
CA THR C 298 -15.80 -4.91 11.98
C THR C 298 -15.54 -3.49 11.50
N PRO C 299 -14.81 -2.69 12.26
CA PRO C 299 -14.23 -1.46 11.73
C PRO C 299 -13.04 -1.76 10.86
N LEU C 300 -13.18 -1.50 9.56
CA LEU C 300 -12.07 -1.61 8.62
C LEU C 300 -11.47 -0.24 8.37
N LEU C 301 -10.30 -0.22 7.73
CA LEU C 301 -9.75 1.03 7.25
C LEU C 301 -9.97 1.24 5.76
N SER C 302 -9.83 0.19 4.94
CA SER C 302 -10.06 0.34 3.51
C SER C 302 -11.48 0.79 3.20
N ASP C 303 -12.44 0.49 4.08
CA ASP C 303 -13.77 1.06 3.94
C ASP C 303 -13.82 2.51 4.40
N ASN C 304 -12.97 2.87 5.37
CA ASN C 304 -12.88 4.24 5.87
C ASN C 304 -11.72 5.00 5.26
N ARG C 305 -11.18 4.49 4.15
CA ARG C 305 -10.26 5.24 3.32
C ARG C 305 -11.05 6.26 2.49
N GLU C 306 -10.40 7.37 2.17
CA GLU C 306 -11.03 8.46 1.43
C GLU C 306 -12.21 9.04 2.20
N LYS C 307 -11.96 9.36 3.47
CA LYS C 307 -12.95 9.92 4.37
C LYS C 307 -12.22 10.91 5.25
N ARG C 308 -12.97 11.73 6.00
CA ARG C 308 -12.40 12.87 6.70
C ARG C 308 -12.37 12.65 8.22
N GLY C 309 -11.25 13.04 8.83
CA GLY C 309 -11.17 13.19 10.27
C GLY C 309 -11.35 11.91 11.06
N LEU C 310 -10.75 10.82 10.61
CA LEU C 310 -10.84 9.53 11.28
C LEU C 310 -9.46 9.15 11.78
N ALA C 311 -9.19 9.43 13.06
CA ALA C 311 -7.89 9.17 13.66
C ALA C 311 -7.37 7.80 13.28
N LEU C 312 -6.22 7.77 12.62
CA LEU C 312 -5.52 6.56 12.25
C LEU C 312 -4.22 6.45 13.03
N ASP C 313 -3.78 5.23 13.27
CA ASP C 313 -2.45 5.03 13.81
C ASP C 313 -1.42 5.64 12.87
N GLY C 314 -0.31 6.10 13.45
CA GLY C 314 0.74 6.77 12.70
C GLY C 314 1.22 6.02 11.48
N GLN C 315 1.62 6.76 10.44
CA GLN C 315 2.07 6.20 9.18
C GLN C 315 3.58 6.42 9.01
N LEU C 316 4.23 5.50 8.30
CA LEU C 316 5.64 5.66 7.96
C LEU C 316 5.78 6.23 6.54
N LYS C 317 5.34 7.48 6.43
CA LYS C 317 5.47 8.46 5.34
C LYS C 317 4.67 8.16 4.08
N HIS C 318 4.46 6.89 3.75
CA HIS C 318 3.43 6.52 2.78
C HIS C 318 2.98 5.09 3.00
N GLU C 319 3.64 4.40 3.93
CA GLU C 319 3.33 3.00 4.19
C GLU C 319 1.94 2.89 4.79
N ASP C 320 1.31 1.74 4.56
CA ASP C 320 -0.07 1.56 5.02
C ASP C 320 -0.13 1.57 6.54
N THR C 321 -1.11 2.29 7.08
CA THR C 321 -1.41 2.32 8.50
C THR C 321 -2.77 1.66 8.75
N ASN C 322 -3.24 1.73 9.98
CA ASN C 322 -4.50 1.12 10.37
C ASN C 322 -5.27 2.10 11.25
N LEU C 323 -6.45 1.67 11.69
CA LEU C 323 -7.27 2.53 12.55
C LEU C 323 -6.56 2.78 13.88
N ALA C 324 -6.72 4.00 14.39
CA ALA C 324 -6.03 4.39 15.62
C ALA C 324 -6.41 3.47 16.76
N SER C 325 -5.41 3.02 17.50
CA SER C 325 -5.67 2.28 18.72
C SER C 325 -6.18 3.21 19.81
N SER C 326 -6.87 2.64 20.79
CA SER C 326 -7.30 3.43 21.92
C SER C 326 -6.09 3.99 22.66
N THR C 327 -6.04 5.32 22.74
CA THR C 327 -5.12 5.97 23.66
C THR C 327 -5.77 6.05 25.03
N ILE C 328 -4.94 6.07 26.07
CA ILE C 328 -5.44 6.14 27.44
C ILE C 328 -4.57 7.10 28.24
N VAL C 329 -5.15 7.60 29.33
CA VAL C 329 -4.52 8.63 30.16
C VAL C 329 -4.06 7.98 31.46
N LYS C 330 -2.82 8.29 31.87
CA LYS C 330 -2.23 7.69 33.05
C LYS C 330 -2.97 8.13 34.31
N GLU C 331 -2.79 7.34 35.37
CA GLU C 331 -3.54 7.45 36.62
C GLU C 331 -2.99 8.59 37.49
N GLY C 332 -3.02 9.79 36.93
CA GLY C 332 -2.70 10.97 37.70
C GLY C 332 -1.29 11.48 37.48
N ALA C 333 -1.17 12.47 36.62
CA ALA C 333 0.03 13.27 36.46
C ALA C 333 -0.29 14.69 36.94
N ASN C 334 0.65 15.60 36.74
CA ASN C 334 0.38 16.99 37.06
C ASN C 334 -0.20 17.76 35.88
N LYS C 335 0.26 17.47 34.67
CA LYS C 335 -0.07 18.26 33.49
C LYS C 335 -0.97 17.45 32.57
N GLU C 336 -2.06 18.07 32.09
CA GLU C 336 -2.97 17.42 31.17
C GLU C 336 -2.22 16.95 29.92
N VAL C 337 -2.50 15.73 29.49
CA VAL C 337 -1.87 15.20 28.28
C VAL C 337 -2.42 15.96 27.07
N LEU C 338 -1.53 16.59 26.32
CA LEU C 338 -1.90 17.34 25.13
C LEU C 338 -1.70 16.47 23.89
N GLY C 339 -2.75 16.35 23.08
CA GLY C 339 -2.71 15.55 21.88
C GLY C 339 -4.11 15.09 21.52
N ILE C 340 -4.18 14.08 20.66
CA ILE C 340 -5.44 13.46 20.25
C ILE C 340 -5.62 12.19 21.07
N LEU C 341 -6.77 12.07 21.74
CA LEU C 341 -7.01 11.02 22.72
C LEU C 341 -8.13 10.10 22.23
N VAL C 342 -7.74 9.10 21.44
CA VAL C 342 -8.71 8.30 20.69
C VAL C 342 -9.41 7.33 21.61
N SER C 343 -10.75 7.40 21.64
CA SER C 343 -11.59 6.43 22.34
C SER C 343 -12.55 5.78 21.35
N TYR C 344 -13.24 4.74 21.80
CA TYR C 344 -14.18 4.02 20.92
C TYR C 344 -15.34 3.48 21.73
N ARG C 345 -16.50 3.33 21.07
CA ARG C 345 -17.68 2.83 21.76
C ARG C 345 -18.76 2.37 20.79
N VAL C 346 -19.30 1.18 21.03
CA VAL C 346 -20.51 0.73 20.33
C VAL C 346 -21.73 1.46 20.88
N LYS C 347 -22.22 2.44 20.11
CA LYS C 347 -23.51 3.09 20.35
C LYS C 347 -24.62 2.21 19.79
N VAL C 348 -25.53 1.78 20.65
CA VAL C 348 -26.61 0.88 20.23
C VAL C 348 -27.83 1.74 19.92
N LYS C 349 -27.97 2.09 18.64
CA LYS C 349 -29.07 2.92 18.17
C LYS C 349 -30.29 2.06 17.89
N LEU C 350 -31.45 2.61 18.17
CA LEU C 350 -32.73 2.00 17.90
C LEU C 350 -33.60 3.02 17.18
N VAL C 351 -34.41 2.53 16.26
CA VAL C 351 -35.38 3.35 15.56
C VAL C 351 -36.75 2.85 15.97
N VAL C 352 -37.57 3.76 16.50
CA VAL C 352 -38.90 3.44 17.04
C VAL C 352 -39.94 4.28 16.32
N SER C 353 -41.13 3.73 16.14
CA SER C 353 -42.21 4.49 15.51
C SER C 353 -42.56 5.71 16.37
N ARG C 354 -42.77 6.85 15.71
CA ARG C 354 -42.78 6.93 14.25
C ARG C 354 -41.42 7.32 13.65
N GLY C 355 -40.33 7.01 14.34
CA GLY C 355 -39.02 7.39 13.87
C GLY C 355 -38.05 8.00 14.87
N GLY C 356 -38.37 7.93 16.17
CA GLY C 356 -37.44 8.37 17.19
C GLY C 356 -36.18 7.53 17.20
N ASP C 357 -35.02 8.21 17.26
CA ASP C 357 -33.71 7.57 17.18
C ASP C 357 -33.09 7.49 18.57
N VAL C 358 -33.45 6.45 19.27
CA VAL C 358 -33.08 6.24 20.67
C VAL C 358 -31.73 5.54 20.72
N SER C 359 -30.90 5.84 21.72
CA SER C 359 -29.61 5.14 21.81
C SER C 359 -28.92 5.48 23.13
N VAL C 360 -27.71 4.93 23.29
CA VAL C 360 -26.93 5.08 24.51
C VAL C 360 -25.52 4.58 24.23
N GLU C 361 -24.55 4.98 25.07
CA GLU C 361 -23.16 4.56 24.91
C GLU C 361 -22.58 4.05 26.24
N LEU C 362 -21.44 3.33 26.12
CA LEU C 362 -20.76 2.51 27.12
C LEU C 362 -19.26 2.86 27.09
N PRO C 363 -18.39 2.23 27.90
CA PRO C 363 -16.95 2.20 27.54
C PRO C 363 -16.46 0.93 26.85
N PHE C 364 -15.51 1.05 25.93
CA PHE C 364 -14.65 -0.06 25.52
C PHE C 364 -13.46 0.47 24.73
N VAL C 365 -12.43 -0.37 24.60
CA VAL C 365 -11.07 0.08 24.30
C VAL C 365 -10.46 -0.79 23.19
N LEU C 366 -9.78 -0.14 22.25
CA LEU C 366 -9.09 -0.82 21.15
C LEU C 366 -7.58 -0.60 21.20
N MET C 367 -7.01 -0.65 22.40
CA MET C 367 -5.60 -0.34 22.57
C MET C 367 -4.71 -1.51 22.16
N LYS D 3 9.30 28.44 15.85
CA LYS D 3 9.39 28.26 14.40
C LYS D 3 10.16 26.98 14.04
N TYR D 4 11.23 26.73 14.78
CA TYR D 4 12.18 25.62 14.64
C TYR D 4 12.07 24.57 13.51
N SEP D 5 12.58 24.92 12.33
CA SEP D 5 13.10 23.95 11.34
CB SEP D 5 13.95 22.92 12.08
OG SEP D 5 15.33 23.04 11.72
C SEP D 5 12.14 23.21 10.40
O SEP D 5 10.92 23.38 10.47
P SEP D 5 16.11 24.22 12.50
O1P SEP D 5 16.63 23.68 13.92
O2P SEP D 5 15.20 25.54 12.75
O3P SEP D 5 17.38 24.65 11.61
N ALA D 6 12.71 22.37 9.53
CA ALA D 6 12.00 21.82 8.37
C ALA D 6 12.44 20.41 7.91
N LYS D 7 12.21 20.13 6.63
CA LYS D 7 12.24 18.77 6.07
C LYS D 7 13.26 18.54 4.95
N TPO D 8 13.27 17.32 4.41
CA TPO D 8 13.70 17.05 3.04
CB TPO D 8 14.95 16.11 2.98
CG2 TPO D 8 14.76 15.03 1.91
OG1 TPO D 8 16.12 16.89 2.65
P TPO D 8 17.43 15.98 2.38
O1P TPO D 8 17.42 14.61 3.23
O2P TPO D 8 17.61 15.65 0.82
O3P TPO D 8 18.61 16.77 2.81
C TPO D 8 12.50 16.43 2.33
O TPO D 8 12.16 16.79 1.21
N GLY D 9 11.86 15.49 3.01
CA GLY D 9 10.67 14.83 2.51
C GLY D 9 10.84 13.64 1.60
N LEU D 10 11.56 12.60 2.07
CA LEU D 10 11.40 11.18 1.70
C LEU D 10 12.68 10.33 1.67
N TPO D 11 12.56 9.22 2.40
CA TPO D 11 13.34 8.00 2.27
CB TPO D 11 14.54 7.98 3.17
CG2 TPO D 11 14.37 9.08 4.24
OG1 TPO D 11 14.55 6.64 3.70
P TPO D 11 14.93 6.45 5.25
O1P TPO D 11 15.14 5.00 5.49
O2P TPO D 11 13.78 6.95 6.26
O3P TPO D 11 16.31 7.19 5.57
C TPO D 11 12.34 6.97 2.70
O TPO D 11 11.69 7.17 3.71
N LYS D 12 12.16 5.86 1.98
CA LYS D 12 11.06 4.98 2.35
C LYS D 12 11.50 3.67 2.98
N LEU D 13 12.70 3.22 2.64
CA LEU D 13 13.23 1.95 3.12
C LEU D 13 14.75 2.04 3.20
N ILE D 14 15.43 0.90 3.16
CA ILE D 14 16.89 0.89 3.00
C ILE D 14 17.34 1.89 1.94
N ARG E 29 -19.51 44.81 -16.24
CA ARG E 29 -19.27 45.82 -17.26
C ARG E 29 -19.45 45.23 -18.66
N VAL E 30 -20.00 46.04 -19.57
CA VAL E 30 -20.48 45.58 -20.86
C VAL E 30 -19.63 46.23 -21.96
N PHE E 31 -19.62 45.60 -23.13
CA PHE E 31 -18.90 46.15 -24.28
C PHE E 31 -19.59 45.72 -25.57
N LYS E 32 -19.45 46.56 -26.58
CA LYS E 32 -20.08 46.34 -27.87
C LYS E 32 -19.08 46.60 -28.99
N LYS E 33 -19.45 46.18 -30.19
CA LYS E 33 -18.76 46.57 -31.41
C LYS E 33 -19.77 46.96 -32.47
N SER E 34 -19.53 48.11 -33.10
CA SER E 34 -20.39 48.66 -34.13
C SER E 34 -19.62 48.78 -35.44
N SER E 35 -20.29 48.49 -36.56
CA SER E 35 -19.71 48.48 -37.89
C SER E 35 -19.68 49.89 -38.49
N PRO E 36 -18.78 50.15 -39.44
CA PRO E 36 -18.75 51.47 -40.09
C PRO E 36 -20.02 51.79 -40.86
N ASN E 37 -20.84 50.78 -41.16
CA ASN E 37 -22.19 50.99 -41.67
C ASN E 37 -23.22 51.05 -40.54
N CYS E 38 -22.75 51.00 -39.28
CA CYS E 38 -23.57 50.96 -38.07
C CYS E 38 -24.77 50.04 -38.26
N LYS E 39 -24.58 48.97 -39.02
CA LYS E 39 -25.66 48.06 -39.37
C LYS E 39 -25.82 47.00 -38.30
N LEU E 40 -24.78 46.20 -38.07
CA LEU E 40 -24.76 45.22 -37.01
C LEU E 40 -23.90 45.72 -35.86
N THR E 41 -24.45 45.67 -34.65
CA THR E 41 -23.74 45.92 -33.42
C THR E 41 -23.81 44.64 -32.60
N VAL E 42 -22.79 44.40 -31.77
CA VAL E 42 -22.79 43.22 -30.92
C VAL E 42 -22.50 43.65 -29.49
N TYR E 43 -23.41 43.32 -28.57
CA TYR E 43 -23.26 43.58 -27.14
C TYR E 43 -23.00 42.27 -26.42
N LEU E 44 -21.97 42.23 -25.58
CA LEU E 44 -21.56 41.01 -24.89
C LEU E 44 -21.29 41.29 -23.42
N GLY E 45 -20.97 40.22 -22.69
CA GLY E 45 -20.53 40.36 -21.31
C GLY E 45 -19.04 40.57 -21.10
N LYS E 46 -18.21 39.60 -21.50
CA LYS E 46 -16.83 39.53 -21.07
C LYS E 46 -15.96 38.92 -22.17
N ARG E 47 -14.88 39.60 -22.52
CA ARG E 47 -14.01 39.06 -23.57
C ARG E 47 -13.22 37.87 -23.05
N ASP E 48 -12.93 37.84 -21.75
CA ASP E 48 -12.36 36.65 -21.11
C ASP E 48 -13.47 35.67 -20.78
N PHE E 49 -13.48 34.52 -21.45
CA PHE E 49 -14.40 33.44 -21.12
C PHE E 49 -13.62 32.32 -20.44
N VAL E 50 -14.22 31.71 -19.42
CA VAL E 50 -13.53 30.70 -18.63
C VAL E 50 -13.61 29.37 -19.36
N ASP E 51 -12.47 28.89 -19.85
CA ASP E 51 -12.47 27.52 -20.34
C ASP E 51 -12.57 26.60 -19.13
N HIS E 52 -13.80 26.30 -18.72
CA HIS E 52 -14.02 25.29 -17.70
C HIS E 52 -13.66 23.94 -18.32
N LEU E 53 -13.90 22.86 -17.59
CA LEU E 53 -13.48 21.56 -18.06
C LEU E 53 -14.63 20.57 -18.21
N ASP E 54 -15.42 20.33 -17.16
CA ASP E 54 -16.67 19.60 -17.33
C ASP E 54 -17.50 20.26 -18.40
N LYS E 55 -17.58 21.57 -18.37
CA LYS E 55 -18.16 22.40 -19.40
C LYS E 55 -17.08 23.33 -19.94
N VAL E 56 -17.50 24.31 -20.72
CA VAL E 56 -16.69 25.45 -21.11
C VAL E 56 -17.50 26.69 -20.75
N ASP E 57 -16.99 27.87 -21.07
CA ASP E 57 -17.83 29.05 -20.97
C ASP E 57 -18.50 29.29 -22.31
N PRO E 58 -19.83 29.15 -22.40
CA PRO E 58 -20.51 29.44 -23.67
C PRO E 58 -20.56 30.93 -23.91
N VAL E 59 -20.61 31.29 -25.19
CA VAL E 59 -20.72 32.71 -25.51
C VAL E 59 -22.17 33.14 -25.32
N ASP E 60 -22.37 34.34 -24.79
CA ASP E 60 -23.71 34.92 -24.69
C ASP E 60 -23.67 36.37 -25.13
N GLY E 61 -24.70 36.79 -25.84
CA GLY E 61 -24.83 38.21 -26.16
C GLY E 61 -26.01 38.46 -27.06
N VAL E 62 -26.08 39.70 -27.56
CA VAL E 62 -27.11 40.05 -28.52
C VAL E 62 -26.49 40.81 -29.69
N VAL E 63 -27.18 40.72 -30.84
CA VAL E 63 -26.86 41.47 -32.04
C VAL E 63 -27.95 42.51 -32.24
N LEU E 64 -27.55 43.74 -32.54
CA LEU E 64 -28.44 44.88 -32.71
C LEU E 64 -28.28 45.38 -34.14
N VAL E 65 -29.25 45.08 -34.99
CA VAL E 65 -29.23 45.52 -36.38
C VAL E 65 -30.29 46.60 -36.57
N ASP E 66 -30.27 47.23 -37.73
CA ASP E 66 -31.19 48.30 -38.07
C ASP E 66 -32.28 47.79 -39.02
N PRO E 67 -33.40 48.54 -39.17
CA PRO E 67 -34.56 47.98 -39.88
C PRO E 67 -34.45 47.87 -41.39
N ASP E 68 -34.00 48.94 -42.00
CA ASP E 68 -34.43 49.26 -43.35
C ASP E 68 -33.33 49.15 -44.39
N TYR E 69 -32.05 49.11 -43.98
CA TYR E 69 -31.11 48.41 -44.84
C TYR E 69 -31.36 46.91 -44.75
N LEU E 70 -31.51 46.39 -43.54
CA LEU E 70 -31.78 44.96 -43.37
C LEU E 70 -33.26 44.65 -43.57
N LYS E 71 -33.74 44.97 -44.77
CA LYS E 71 -35.00 44.43 -45.28
C LYS E 71 -34.67 43.24 -46.16
N ASP E 72 -35.14 42.05 -45.77
CA ASP E 72 -35.02 40.85 -46.58
C ASP E 72 -33.57 40.44 -46.81
N ARG E 73 -32.69 40.78 -45.87
CA ARG E 73 -31.33 40.26 -45.83
C ARG E 73 -31.10 39.65 -44.46
N LYS E 74 -30.42 38.51 -44.43
CA LYS E 74 -30.50 37.59 -43.31
C LYS E 74 -29.23 37.64 -42.47
N VAL E 75 -29.38 38.04 -41.21
CA VAL E 75 -28.27 38.19 -40.28
C VAL E 75 -28.01 36.86 -39.57
N PHE E 76 -26.73 36.53 -39.43
CA PHE E 76 -26.28 35.33 -38.73
C PHE E 76 -25.16 35.70 -37.78
N VAL E 77 -24.76 34.74 -36.95
CA VAL E 77 -23.65 34.94 -36.02
C VAL E 77 -22.83 33.66 -35.95
N THR E 78 -21.52 33.83 -35.75
CA THR E 78 -20.56 32.74 -35.81
C THR E 78 -19.49 32.92 -34.74
N LEU E 79 -18.90 31.80 -34.34
CA LEU E 79 -17.72 31.74 -33.49
C LEU E 79 -16.61 31.08 -34.29
N THR E 80 -15.53 31.81 -34.53
CA THR E 80 -14.38 31.31 -35.27
C THR E 80 -13.26 30.98 -34.28
N CYS E 81 -12.94 29.70 -34.14
CA CYS E 81 -11.75 29.28 -33.41
C CYS E 81 -10.66 29.02 -34.44
N ALA E 82 -9.49 29.64 -34.26
CA ALA E 82 -8.52 29.59 -35.35
C ALA E 82 -7.13 29.22 -34.87
N PHE E 83 -6.33 28.73 -35.81
CA PHE E 83 -4.90 28.49 -35.63
C PHE E 83 -4.18 29.40 -36.60
N ARG E 84 -3.27 30.23 -36.07
CA ARG E 84 -2.54 31.23 -36.85
C ARG E 84 -1.06 30.93 -36.71
N TYR E 85 -0.33 30.94 -37.83
CA TYR E 85 1.09 30.65 -37.76
C TYR E 85 1.91 31.51 -38.73
N GLY E 86 1.43 32.70 -39.07
CA GLY E 86 2.19 33.53 -39.99
C GLY E 86 1.42 34.73 -40.48
N ARG E 87 1.66 35.07 -41.74
CA ARG E 87 1.28 36.36 -42.30
C ARG E 87 -0.02 36.28 -43.07
N GLU E 88 -0.67 37.43 -43.20
CA GLU E 88 -2.09 37.47 -43.56
C GLU E 88 -2.33 37.31 -45.06
N ASP E 89 -1.85 38.26 -45.86
CA ASP E 89 -1.85 38.08 -47.31
C ASP E 89 -0.55 37.47 -47.79
N LEU E 90 0.15 36.75 -46.92
CA LEU E 90 1.31 35.96 -47.27
C LEU E 90 1.05 34.48 -47.04
N ASP E 91 0.70 34.06 -45.83
CA ASP E 91 0.73 32.64 -45.53
C ASP E 91 -0.52 31.92 -46.06
N VAL E 92 -1.13 32.43 -47.13
CA VAL E 92 -2.28 31.78 -47.75
C VAL E 92 -1.87 30.88 -48.91
N LEU E 93 -0.57 30.73 -49.19
CA LEU E 93 -0.14 29.62 -50.01
C LEU E 93 0.34 28.46 -49.16
N GLY E 94 -0.29 28.23 -48.02
CA GLY E 94 0.07 27.09 -47.20
C GLY E 94 -0.63 25.82 -47.64
N LEU E 95 -1.17 25.84 -48.87
CA LEU E 95 -2.15 24.91 -49.43
C LEU E 95 -3.51 25.24 -48.84
N SER E 96 -3.56 26.22 -47.94
CA SER E 96 -4.67 26.39 -47.03
C SER E 96 -4.64 27.82 -46.51
N PHE E 97 -5.32 28.03 -45.39
CA PHE E 97 -5.42 29.31 -44.71
C PHE E 97 -5.23 28.97 -43.23
N ARG E 98 -5.64 29.88 -42.35
CA ARG E 98 -5.76 29.49 -40.95
C ARG E 98 -6.68 28.29 -40.89
N LYS E 99 -6.12 27.11 -40.59
CA LYS E 99 -6.93 25.90 -40.56
C LYS E 99 -7.88 25.99 -39.38
N ASP E 100 -9.10 26.44 -39.63
CA ASP E 100 -10.05 26.69 -38.57
C ASP E 100 -10.46 25.35 -37.97
N LEU E 101 -9.85 25.01 -36.84
CA LEU E 101 -10.18 23.77 -36.15
C LEU E 101 -11.67 23.65 -35.88
N PHE E 102 -12.35 24.79 -35.68
CA PHE E 102 -13.77 24.76 -35.44
C PHE E 102 -14.39 26.12 -35.77
N ILE E 103 -15.60 26.07 -36.32
CA ILE E 103 -16.39 27.24 -36.65
C ILE E 103 -17.85 26.93 -36.32
N ALA E 104 -18.50 27.84 -35.61
CA ALA E 104 -19.88 27.67 -35.19
C ALA E 104 -20.76 28.72 -35.85
N THR E 105 -21.98 28.32 -36.21
CA THR E 105 -22.93 29.18 -36.92
C THR E 105 -24.30 29.03 -36.29
N TYR E 106 -24.97 30.14 -36.01
CA TYR E 106 -26.36 30.11 -35.57
C TYR E 106 -27.12 31.28 -36.17
N GLN E 107 -28.42 31.06 -36.35
CA GLN E 107 -29.28 31.85 -37.23
C GLN E 107 -29.88 33.03 -36.45
N ALA E 108 -29.23 34.19 -36.57
CA ALA E 108 -29.66 35.36 -35.81
C ALA E 108 -30.94 35.94 -36.38
N PHE E 109 -30.90 36.44 -37.62
CA PHE E 109 -32.06 37.06 -38.27
C PHE E 109 -32.21 36.53 -39.69
N PRO E 110 -33.43 36.15 -40.10
CA PRO E 110 -34.65 36.26 -39.30
C PRO E 110 -34.64 35.12 -38.30
N PRO E 111 -35.05 35.38 -37.08
CA PRO E 111 -34.67 34.49 -35.99
C PRO E 111 -34.93 33.02 -36.25
N MET E 112 -35.74 32.61 -37.30
CA MET E 112 -35.96 31.17 -37.42
C MET E 112 -36.68 30.66 -36.18
N PRO E 113 -37.80 29.96 -36.30
CA PRO E 113 -38.67 29.75 -35.13
C PRO E 113 -37.89 29.51 -33.85
N ASN E 114 -37.55 30.65 -33.24
CA ASN E 114 -36.32 30.85 -32.45
C ASN E 114 -36.21 29.96 -31.23
N PRO E 115 -35.18 29.14 -31.14
CA PRO E 115 -34.90 28.46 -29.88
C PRO E 115 -33.87 29.19 -29.04
N PRO E 116 -34.11 30.46 -28.64
CA PRO E 116 -33.51 30.80 -27.33
C PRO E 116 -34.44 30.35 -26.20
N ARG E 117 -34.49 29.04 -26.01
CA ARG E 117 -35.32 28.51 -24.92
C ARG E 117 -34.82 29.00 -23.57
N PRO E 118 -33.54 28.89 -23.21
CA PRO E 118 -32.99 29.75 -22.16
C PRO E 118 -32.42 31.04 -22.75
N PRO E 119 -33.10 32.18 -22.57
CA PRO E 119 -32.42 33.46 -22.77
C PRO E 119 -31.62 33.85 -21.54
N THR E 120 -30.52 34.55 -21.78
CA THR E 120 -29.57 34.82 -20.71
C THR E 120 -30.02 36.02 -19.87
N ARG E 121 -29.54 36.04 -18.62
CA ARG E 121 -29.84 37.15 -17.72
C ARG E 121 -29.20 38.45 -18.19
N LEU E 122 -28.02 38.38 -18.80
CA LEU E 122 -27.44 39.58 -19.39
C LEU E 122 -28.11 39.92 -20.71
N GLN E 123 -28.49 38.91 -21.50
CA GLN E 123 -29.34 39.18 -22.65
C GLN E 123 -30.69 39.72 -22.19
N ASP E 124 -31.17 39.28 -21.02
CA ASP E 124 -32.32 39.91 -20.38
C ASP E 124 -32.04 41.38 -20.07
N ARG E 125 -30.81 41.69 -19.64
CA ARG E 125 -30.45 43.07 -19.35
C ARG E 125 -30.32 43.90 -20.62
N LEU E 126 -29.96 43.27 -21.74
CA LEU E 126 -29.73 43.97 -22.99
C LEU E 126 -31.01 44.17 -23.81
N LEU E 127 -31.99 43.29 -23.65
CA LEU E 127 -33.19 43.35 -24.48
C LEU E 127 -34.12 44.49 -24.08
N LYS E 128 -34.23 44.77 -22.78
CA LYS E 128 -35.09 45.86 -22.31
C LYS E 128 -34.38 47.20 -22.30
N LYS E 129 -33.06 47.21 -22.05
CA LYS E 129 -32.29 48.43 -22.16
C LYS E 129 -32.27 48.94 -23.59
N LEU E 130 -31.74 48.12 -24.50
CA LEU E 130 -31.85 48.41 -25.92
C LEU E 130 -33.27 48.10 -26.39
N GLY E 131 -33.52 48.32 -27.66
CA GLY E 131 -34.82 48.01 -28.20
C GLY E 131 -35.16 46.54 -28.11
N GLN E 132 -36.46 46.23 -28.17
CA GLN E 132 -36.86 44.82 -28.11
C GLN E 132 -36.51 44.06 -29.39
N HIS E 133 -35.69 44.77 -30.16
CA HIS E 133 -35.12 44.25 -31.39
C HIS E 133 -34.06 43.18 -31.14
N ALA E 134 -33.31 43.32 -30.04
CA ALA E 134 -32.04 42.61 -29.85
C ALA E 134 -32.17 41.13 -30.14
N HIS E 135 -31.35 40.67 -31.10
CA HIS E 135 -31.34 39.27 -31.51
C HIS E 135 -30.35 38.50 -30.65
N PRO E 136 -30.80 37.66 -29.72
CA PRO E 136 -29.87 36.94 -28.86
C PRO E 136 -29.04 35.94 -29.66
N PHE E 137 -27.89 35.59 -29.09
CA PHE E 137 -27.04 34.57 -29.68
C PHE E 137 -26.14 33.97 -28.61
N PHE E 138 -25.75 32.72 -28.87
CA PHE E 138 -25.25 31.78 -27.87
C PHE E 138 -24.42 30.72 -28.60
N PHE E 139 -23.30 30.33 -27.99
CA PHE E 139 -22.38 29.39 -28.65
C PHE E 139 -21.87 28.36 -27.64
N THR E 140 -22.19 27.09 -27.94
CA THR E 140 -21.53 25.94 -27.33
C THR E 140 -20.17 25.68 -27.98
N ILE E 141 -19.17 25.39 -27.17
CA ILE E 141 -17.84 25.03 -27.65
C ILE E 141 -17.60 23.55 -27.38
N PRO E 142 -17.11 22.78 -28.35
CA PRO E 142 -16.80 21.36 -28.09
C PRO E 142 -15.55 21.18 -27.24
N GLN E 143 -15.11 19.93 -27.10
CA GLN E 143 -14.09 19.59 -26.12
C GLN E 143 -12.70 19.41 -26.72
N ASN E 144 -12.57 19.24 -28.03
CA ASN E 144 -11.29 18.97 -28.66
C ASN E 144 -10.53 20.24 -29.06
N LEU E 145 -10.88 21.39 -28.47
CA LEU E 145 -10.38 22.69 -28.90
C LEU E 145 -9.40 23.27 -27.89
N PRO E 146 -8.42 24.08 -28.35
CA PRO E 146 -7.41 24.63 -27.42
C PRO E 146 -7.77 25.99 -26.87
N CYS E 147 -6.91 26.56 -26.03
CA CYS E 147 -7.08 27.90 -25.49
C CYS E 147 -6.48 28.94 -26.45
N SER E 148 -6.56 30.21 -26.05
CA SER E 148 -6.00 31.30 -26.82
C SER E 148 -4.59 31.59 -26.33
N VAL E 149 -3.59 31.34 -27.17
CA VAL E 149 -2.20 31.45 -26.77
C VAL E 149 -1.34 31.62 -28.02
N THR E 150 -0.36 32.51 -27.93
CA THR E 150 0.46 32.92 -29.07
C THR E 150 1.94 32.80 -28.73
N LEU E 151 2.76 32.71 -29.78
CA LEU E 151 4.21 32.83 -29.62
C LEU E 151 4.61 34.29 -29.61
N GLN E 152 5.36 34.69 -28.59
CA GLN E 152 5.89 36.04 -28.54
C GLN E 152 6.95 36.22 -29.62
N PRO E 153 6.83 37.25 -30.46
CA PRO E 153 7.82 37.43 -31.53
C PRO E 153 9.16 37.89 -31.00
N GLY E 154 10.16 37.99 -31.88
CA GLY E 154 11.43 38.55 -31.50
C GLY E 154 11.35 40.05 -31.37
N PRO E 155 12.37 40.66 -30.77
CA PRO E 155 12.47 42.13 -30.82
C PRO E 155 12.91 42.64 -32.16
N GLU E 156 13.46 41.79 -33.02
CA GLU E 156 14.00 42.17 -34.32
C GLU E 156 13.16 41.70 -35.49
N ASP E 157 12.42 40.60 -35.34
CA ASP E 157 11.59 40.06 -36.40
C ASP E 157 10.24 40.77 -36.38
N THR E 158 9.89 41.41 -37.50
CA THR E 158 8.70 42.24 -37.58
C THR E 158 7.51 41.52 -38.20
N GLY E 159 7.68 40.99 -39.41
CA GLY E 159 6.57 40.38 -40.12
C GLY E 159 6.39 38.91 -39.87
N LYS E 160 6.13 38.53 -38.62
CA LYS E 160 5.88 37.13 -38.26
C LYS E 160 4.89 37.09 -37.09
N ALA E 161 4.18 35.98 -36.97
CA ALA E 161 3.27 35.77 -35.86
C ALA E 161 2.94 34.30 -35.72
N CYS E 162 2.23 33.99 -34.64
CA CYS E 162 1.66 32.68 -34.39
C CYS E 162 0.66 32.82 -33.25
N GLY E 163 -0.17 31.80 -33.07
CA GLY E 163 -1.10 31.81 -31.96
C GLY E 163 -2.52 31.33 -32.22
N VAL E 164 -3.25 31.10 -31.15
CA VAL E 164 -4.66 30.76 -31.21
C VAL E 164 -5.47 32.01 -30.88
N ASP E 165 -6.68 32.08 -31.40
CA ASP E 165 -7.64 33.06 -30.92
C ASP E 165 -9.06 32.55 -31.17
N PHE E 166 -9.95 33.01 -30.30
CA PHE E 166 -11.38 32.77 -30.38
C PHE E 166 -12.05 34.10 -30.66
N GLU E 167 -12.71 34.21 -31.80
CA GLU E 167 -13.35 35.46 -32.17
C GLU E 167 -14.79 35.19 -32.56
N ILE E 168 -15.57 36.25 -32.62
CA ILE E 168 -16.99 36.17 -32.96
C ILE E 168 -17.25 37.11 -34.12
N ARG E 169 -18.17 36.70 -35.01
CA ARG E 169 -18.54 37.51 -36.16
C ARG E 169 -20.06 37.55 -36.27
N ALA E 170 -20.59 38.75 -36.50
CA ALA E 170 -22.02 38.93 -36.74
C ALA E 170 -22.19 39.61 -38.10
N PHE E 171 -22.92 38.98 -39.01
CA PHE E 171 -22.89 39.43 -40.40
C PHE E 171 -24.19 39.09 -41.12
N CYS E 172 -24.22 39.43 -42.41
CA CYS E 172 -25.37 39.13 -43.26
C CYS E 172 -24.94 39.28 -44.72
N ALA E 173 -25.06 38.20 -45.49
CA ALA E 173 -24.67 38.20 -46.89
C ALA E 173 -25.85 37.83 -47.77
N LYS E 174 -25.96 38.52 -48.91
CA LYS E 174 -27.03 38.28 -49.89
C LYS E 174 -26.68 37.04 -50.69
N SER E 175 -27.15 35.91 -50.21
CA SER E 175 -26.53 34.62 -50.49
C SER E 175 -27.39 33.47 -50.01
N ILE E 176 -26.75 32.32 -49.83
CA ILE E 176 -27.27 31.28 -48.94
C ILE E 176 -26.37 31.35 -47.70
N GLU E 177 -26.65 30.53 -46.70
CA GLU E 177 -25.90 30.53 -45.44
C GLU E 177 -24.39 30.41 -45.64
N GLU E 178 -23.95 30.09 -46.86
CA GLU E 178 -22.55 29.75 -47.11
C GLU E 178 -21.67 30.95 -47.42
N LYS E 179 -22.18 31.95 -48.15
CA LYS E 179 -21.33 33.03 -48.63
C LYS E 179 -21.23 34.12 -47.58
N SER E 180 -20.03 34.70 -47.46
CA SER E 180 -19.68 35.52 -46.30
C SER E 180 -18.45 36.37 -46.52
N HIS E 181 -18.54 37.65 -46.17
CA HIS E 181 -17.50 38.66 -46.38
C HIS E 181 -17.51 39.64 -45.23
N LYS E 182 -17.12 40.88 -45.50
CA LYS E 182 -16.93 41.92 -44.50
C LYS E 182 -18.00 43.01 -44.66
N ARG E 183 -17.81 44.11 -43.94
CA ARG E 183 -18.54 45.36 -44.10
C ARG E 183 -19.97 45.28 -43.58
N ASN E 184 -20.46 44.06 -43.39
CA ASN E 184 -21.52 43.75 -42.46
C ASN E 184 -21.03 42.86 -41.36
N SER E 185 -19.94 42.13 -41.62
CA SER E 185 -19.30 41.28 -40.63
C SER E 185 -18.62 42.14 -39.58
N VAL E 186 -19.08 42.00 -38.34
CA VAL E 186 -18.51 42.69 -37.20
C VAL E 186 -17.80 41.65 -36.34
N ARG E 187 -16.53 41.89 -36.03
CA ARG E 187 -15.63 40.89 -35.47
C ARG E 187 -15.13 41.33 -34.11
N LEU E 188 -15.35 40.50 -33.10
CA LEU E 188 -14.86 40.78 -31.75
C LEU E 188 -13.96 39.65 -31.27
N ILE E 189 -12.76 40.01 -30.82
CA ILE E 189 -11.82 39.03 -30.27
C ILE E 189 -12.16 38.81 -28.81
N ILE E 190 -12.45 37.55 -28.44
CA ILE E 190 -12.67 37.18 -27.05
C ILE E 190 -11.64 36.11 -26.71
N ARG E 191 -11.70 35.56 -25.49
CA ARG E 191 -10.71 34.59 -25.05
C ARG E 191 -11.39 33.36 -24.46
N LYS E 192 -10.66 32.26 -24.45
CA LYS E 192 -11.08 31.01 -23.82
C LYS E 192 -9.94 30.44 -22.99
N VAL E 193 -9.37 31.28 -22.12
CA VAL E 193 -8.27 30.84 -21.27
C VAL E 193 -8.78 29.90 -20.19
N GLN E 194 -7.96 28.91 -19.84
CA GLN E 194 -8.35 27.90 -18.84
C GLN E 194 -8.24 28.48 -17.45
N PHE E 195 -9.38 28.71 -16.80
CA PHE E 195 -9.40 28.97 -15.37
C PHE E 195 -9.70 27.67 -14.67
N GLY E 201 -0.24 18.53 -7.75
CA GLY E 201 -0.31 17.10 -7.62
C GLY E 201 -0.10 16.62 -6.19
N PRO E 202 0.51 15.46 -6.02
CA PRO E 202 1.23 15.21 -4.78
C PRO E 202 2.28 16.29 -4.65
N GLN E 203 2.81 16.45 -3.45
CA GLN E 203 3.91 17.41 -3.36
C GLN E 203 5.04 16.87 -4.24
N PRO E 204 5.26 17.46 -5.42
CA PRO E 204 6.02 16.76 -6.45
C PRO E 204 7.51 16.96 -6.25
N SER E 205 8.26 15.87 -6.32
CA SER E 205 9.65 15.91 -5.91
C SER E 205 10.48 14.96 -6.79
N ALA E 206 11.53 15.50 -7.39
CA ALA E 206 12.47 14.73 -8.19
C ALA E 206 13.79 14.66 -7.43
N GLU E 207 14.21 13.44 -7.09
CA GLU E 207 15.44 13.16 -6.36
C GLU E 207 16.24 12.17 -7.20
N THR E 208 17.20 12.67 -7.97
CA THR E 208 17.93 11.84 -8.92
C THR E 208 19.41 11.80 -8.58
N THR E 209 20.01 10.64 -8.84
CA THR E 209 21.45 10.40 -8.84
C THR E 209 22.04 10.74 -10.20
N ARG E 210 23.37 10.77 -10.25
CA ARG E 210 24.09 11.07 -11.49
C ARG E 210 25.40 10.30 -11.48
N HIS E 211 25.52 9.32 -12.38
CA HIS E 211 26.71 8.50 -12.51
C HIS E 211 27.58 9.01 -13.65
N PHE E 212 28.90 9.08 -13.41
CA PHE E 212 29.83 9.76 -14.29
C PHE E 212 30.83 8.76 -14.86
N LEU E 213 31.78 9.29 -15.64
CA LEU E 213 32.94 8.53 -16.08
C LEU E 213 34.20 8.87 -15.31
N MET E 214 34.22 10.00 -14.59
CA MET E 214 35.34 10.36 -13.73
C MET E 214 34.86 10.68 -12.33
N SER E 215 33.97 9.85 -11.79
CA SER E 215 33.61 9.86 -10.37
C SER E 215 32.83 8.58 -10.08
N ASP E 216 32.87 8.16 -8.82
CA ASP E 216 32.18 6.96 -8.36
C ASP E 216 30.93 7.26 -7.55
N ARG E 217 30.99 8.25 -6.68
CA ARG E 217 29.94 8.47 -5.69
C ARG E 217 28.59 8.68 -6.36
N ARG E 218 27.54 8.64 -5.54
CA ARG E 218 26.23 9.10 -5.99
C ARG E 218 26.36 10.48 -6.62
N SER E 219 27.23 11.31 -6.06
CA SER E 219 27.86 12.47 -6.70
C SER E 219 26.90 13.61 -6.95
N LEU E 220 25.61 13.30 -7.05
CA LEU E 220 24.53 14.25 -6.89
C LEU E 220 23.20 13.51 -6.80
N HIS E 221 22.64 13.30 -5.61
CA HIS E 221 21.18 13.25 -5.58
C HIS E 221 20.73 14.69 -5.45
N LEU E 222 19.63 15.01 -6.11
CA LEU E 222 19.17 16.39 -6.11
C LEU E 222 17.65 16.38 -6.02
N GLU E 223 17.10 16.70 -4.85
CA GLU E 223 15.65 16.62 -4.64
C GLU E 223 15.03 18.02 -4.71
N ALA E 224 14.33 18.29 -5.80
CA ALA E 224 13.57 19.53 -5.93
C ALA E 224 12.17 19.31 -5.36
N SER E 225 12.05 19.46 -4.05
CA SER E 225 10.76 19.34 -3.39
C SER E 225 10.04 20.68 -3.41
N LEU E 226 8.71 20.61 -3.42
CA LEU E 226 7.86 21.77 -3.61
C LEU E 226 6.66 21.64 -2.68
N ASP E 227 5.68 22.53 -2.85
CA ASP E 227 4.41 22.39 -2.16
C ASP E 227 3.19 22.64 -3.04
N LYS E 228 3.35 23.18 -4.25
CA LYS E 228 2.24 23.40 -5.16
C LYS E 228 2.64 23.01 -6.57
N GLU E 229 1.66 22.57 -7.35
CA GLU E 229 1.86 22.19 -8.74
C GLU E 229 1.06 23.02 -9.72
N LEU E 230 0.05 23.76 -9.26
CA LEU E 230 -0.72 24.66 -10.10
C LEU E 230 -0.74 26.04 -9.44
N TYR E 231 0.02 26.97 -10.01
CA TYR E 231 0.11 28.34 -9.53
C TYR E 231 -0.65 29.27 -10.47
N TYR E 232 -0.67 30.55 -10.11
CA TYR E 232 -1.30 31.59 -10.91
C TYR E 232 -0.36 32.79 -10.93
N HIS E 233 -0.88 33.92 -11.37
CA HIS E 233 -0.17 35.20 -11.29
C HIS E 233 -0.42 35.79 -9.90
N GLY E 234 0.61 35.75 -9.05
CA GLY E 234 0.50 36.35 -7.74
C GLY E 234 1.09 35.52 -6.60
N GLU E 235 1.47 34.28 -6.90
CA GLU E 235 2.03 33.39 -5.89
C GLU E 235 3.39 32.91 -6.35
N PRO E 236 4.47 33.19 -5.61
CA PRO E 236 5.82 32.98 -6.14
C PRO E 236 6.25 31.52 -6.19
N LEU E 237 7.50 31.29 -6.58
CA LEU E 237 8.03 29.96 -6.87
C LEU E 237 9.22 29.67 -5.96
N ASN E 238 8.97 29.13 -4.78
CA ASN E 238 10.04 28.54 -4.00
C ASN E 238 10.31 27.13 -4.51
N VAL E 239 11.57 26.82 -4.77
CA VAL E 239 11.98 25.46 -5.08
C VAL E 239 12.94 25.02 -3.98
N ASN E 240 12.50 24.07 -3.15
CA ASN E 240 13.29 23.55 -2.04
C ASN E 240 14.23 22.51 -2.62
N VAL E 241 15.43 22.93 -3.01
CA VAL E 241 16.40 22.03 -3.60
C VAL E 241 17.26 21.46 -2.47
N HIS E 242 17.12 20.17 -2.23
CA HIS E 242 17.85 19.41 -1.23
C HIS E 242 19.01 18.73 -1.94
N VAL E 243 20.20 19.26 -1.78
CA VAL E 243 21.39 18.70 -2.39
C VAL E 243 21.86 17.51 -1.56
N THR E 244 22.37 16.49 -2.26
CA THR E 244 22.80 15.24 -1.65
C THR E 244 24.16 14.91 -2.26
N ASN E 245 25.21 15.40 -1.59
CA ASN E 245 26.61 15.15 -1.94
C ASN E 245 27.05 15.56 -3.34
N ASN E 246 27.22 16.86 -3.58
CA ASN E 246 27.94 17.30 -4.78
C ASN E 246 29.39 17.61 -4.40
N SER E 247 30.23 16.57 -4.40
CA SER E 247 31.61 16.68 -3.94
C SER E 247 32.53 15.93 -4.90
N ALA E 248 33.82 15.85 -4.55
CA ALA E 248 34.87 15.19 -5.33
C ALA E 248 35.01 15.87 -6.69
N LYS E 249 34.13 16.83 -6.90
CA LYS E 249 34.10 17.73 -8.05
C LYS E 249 33.37 18.93 -7.48
N THR E 250 34.13 19.97 -7.14
CA THR E 250 33.57 21.15 -6.51
C THR E 250 32.31 21.58 -7.25
N VAL E 251 31.36 22.13 -6.53
CA VAL E 251 30.24 22.76 -7.20
C VAL E 251 30.47 24.25 -7.21
N LYS E 252 30.39 24.82 -8.41
CA LYS E 252 30.19 26.25 -8.49
C LYS E 252 28.93 26.63 -7.77
N LYS E 253 27.76 26.20 -8.29
CA LYS E 253 26.52 26.40 -7.57
C LYS E 253 25.27 25.91 -8.34
N ILE E 254 24.08 26.36 -7.96
CA ILE E 254 22.80 25.79 -8.40
C ILE E 254 21.96 26.92 -8.99
N ARG E 255 21.85 26.98 -10.32
CA ARG E 255 20.85 27.82 -10.96
C ARG E 255 19.48 27.14 -10.95
N VAL E 256 18.43 27.95 -10.86
CA VAL E 256 17.06 27.47 -11.00
C VAL E 256 16.34 28.39 -11.99
N SER E 257 15.76 27.81 -13.04
CA SER E 257 15.35 28.55 -14.22
C SER E 257 14.01 28.03 -14.71
N VAL E 258 13.00 28.89 -14.78
CA VAL E 258 11.69 28.49 -15.25
C VAL E 258 11.65 28.55 -16.77
N ARG E 259 11.33 27.42 -17.39
CA ARG E 259 11.22 27.28 -18.84
C ARG E 259 9.78 27.03 -19.23
N GLN E 260 9.24 27.92 -20.06
CA GLN E 260 8.00 27.60 -20.75
C GLN E 260 8.27 26.61 -21.87
N TYR E 261 7.42 25.59 -21.97
CA TYR E 261 7.33 24.75 -23.15
C TYR E 261 6.29 25.38 -24.08
N ALA E 262 6.76 25.90 -25.21
CA ALA E 262 5.89 26.52 -26.21
C ALA E 262 5.65 25.52 -27.34
N ASP E 263 4.78 24.56 -27.07
CA ASP E 263 4.42 23.54 -28.05
C ASP E 263 3.53 24.14 -29.13
N ILE E 264 3.78 23.77 -30.39
CA ILE E 264 2.97 24.22 -31.52
C ILE E 264 2.75 23.06 -32.46
N CYS E 265 1.49 22.78 -32.80
CA CYS E 265 1.13 21.64 -33.66
C CYS E 265 0.36 22.13 -34.87
N LEU E 266 1.07 22.56 -35.91
CA LEU E 266 0.43 22.82 -37.20
C LEU E 266 0.59 21.63 -38.13
N PHE E 267 1.84 21.33 -38.48
CA PHE E 267 2.23 20.18 -39.27
C PHE E 267 3.04 19.20 -38.45
N SER E 268 3.72 19.71 -37.43
CA SER E 268 4.46 18.94 -36.44
C SER E 268 4.35 19.66 -35.11
N THR E 269 4.31 18.90 -34.02
CA THR E 269 4.39 19.49 -32.69
C THR E 269 5.78 20.09 -32.49
N ALA E 270 5.84 21.24 -31.82
CA ALA E 270 7.10 22.00 -31.79
C ALA E 270 7.20 22.77 -30.49
N GLN E 271 8.04 22.29 -29.58
CA GLN E 271 8.45 23.05 -28.40
C GLN E 271 9.54 24.06 -28.78
N TYR E 272 9.49 25.24 -28.20
CA TYR E 272 10.53 26.26 -28.36
C TYR E 272 10.98 26.72 -26.98
N LYS E 273 12.14 26.24 -26.55
CA LYS E 273 12.62 26.50 -25.20
C LYS E 273 13.10 27.94 -25.05
N CYS E 274 12.71 28.57 -23.94
CA CYS E 274 13.17 29.91 -23.57
C CYS E 274 12.81 30.18 -22.11
N PRO E 275 13.76 30.66 -21.30
CA PRO E 275 13.46 30.89 -19.88
C PRO E 275 12.77 32.23 -19.66
N VAL E 276 11.65 32.21 -18.96
CA VAL E 276 10.96 33.45 -18.62
C VAL E 276 11.66 34.15 -17.46
N ALA E 277 12.15 33.40 -16.47
CA ALA E 277 12.73 34.01 -15.29
C ALA E 277 13.58 32.99 -14.55
N GLN E 278 14.51 33.51 -13.76
CA GLN E 278 15.48 32.69 -13.04
C GLN E 278 16.25 33.60 -12.06
N LEU E 279 16.49 33.12 -10.83
CA LEU E 279 17.13 33.87 -9.72
C LEU E 279 18.08 32.98 -8.93
N GLU E 280 18.86 33.59 -8.00
CA GLU E 280 20.26 33.16 -8.04
C GLU E 280 21.04 33.71 -6.85
N GLN E 281 21.34 32.84 -5.82
CA GLN E 281 22.33 33.25 -4.80
C GLN E 281 23.53 32.28 -4.62
N ASP E 282 24.65 32.78 -4.01
CA ASP E 282 25.92 31.99 -3.92
C ASP E 282 26.06 31.28 -2.55
N ASP E 283 25.35 30.16 -2.41
CA ASP E 283 25.20 29.53 -1.10
C ASP E 283 26.16 28.35 -0.88
N GLN E 284 26.74 27.77 -1.94
CA GLN E 284 27.98 27.00 -1.82
C GLN E 284 27.94 25.73 -0.97
N VAL E 285 27.36 24.65 -1.52
CA VAL E 285 27.40 23.32 -0.92
C VAL E 285 28.83 22.83 -0.77
N SER E 286 29.13 22.05 0.42
CA SER E 286 30.40 21.56 0.96
C SER E 286 30.57 20.06 0.76
N PRO E 287 31.80 19.59 0.57
CA PRO E 287 32.07 18.14 0.55
C PRO E 287 31.85 17.53 1.93
N SER E 288 30.99 16.51 1.99
CA SER E 288 30.51 15.92 3.24
C SER E 288 29.79 16.98 4.09
N SER E 289 28.70 17.50 3.52
CA SER E 289 27.70 18.31 4.23
C SER E 289 26.42 18.43 3.41
N THR E 290 25.28 18.11 4.01
CA THR E 290 24.00 17.90 3.30
C THR E 290 23.26 19.22 3.15
N PHE E 291 23.42 19.89 2.02
CA PHE E 291 22.83 21.21 1.92
C PHE E 291 21.39 21.14 1.44
N CYS E 292 20.67 22.22 1.71
CA CYS E 292 19.30 22.39 1.21
C CYS E 292 18.97 23.87 1.23
N LYS E 293 18.55 24.40 0.08
CA LYS E 293 18.22 25.81 -0.04
C LYS E 293 16.91 25.95 -0.81
N VAL E 294 16.06 26.87 -0.40
CA VAL E 294 14.90 27.23 -1.20
C VAL E 294 15.29 28.43 -2.06
N TYR E 295 15.05 28.32 -3.35
CA TYR E 295 15.32 29.44 -4.25
C TYR E 295 14.00 30.02 -4.74
N THR E 296 13.89 31.35 -4.62
CA THR E 296 12.63 32.07 -4.71
C THR E 296 12.58 32.82 -6.04
N ILE E 297 11.76 32.32 -6.96
CA ILE E 297 11.65 32.86 -8.31
C ILE E 297 10.32 33.57 -8.45
N THR E 298 10.33 34.68 -9.21
CA THR E 298 9.10 35.39 -9.59
C THR E 298 9.16 35.65 -11.08
N PRO E 299 8.49 34.84 -11.90
CA PRO E 299 8.35 35.19 -13.31
C PRO E 299 7.36 36.32 -13.52
N LEU E 300 7.88 37.51 -13.86
CA LEU E 300 7.04 38.66 -14.12
C LEU E 300 6.94 38.91 -15.62
N LEU E 301 5.85 39.55 -16.04
CA LEU E 301 5.67 39.87 -17.45
C LEU E 301 6.47 41.10 -17.85
N SER E 302 6.30 42.21 -17.11
CA SER E 302 6.94 43.46 -17.47
C SER E 302 8.46 43.35 -17.50
N ASP E 303 9.03 42.31 -16.88
CA ASP E 303 10.44 42.01 -17.07
C ASP E 303 10.69 41.27 -18.37
N ASN E 304 9.74 40.41 -18.78
CA ASN E 304 9.81 39.70 -20.05
C ASN E 304 9.06 40.42 -21.16
N ARG E 305 8.69 41.67 -20.93
CA ARG E 305 8.10 42.52 -21.97
C ARG E 305 9.21 42.97 -22.91
N GLU E 306 8.90 42.98 -24.22
CA GLU E 306 9.88 43.22 -25.28
C GLU E 306 10.99 42.17 -25.26
N LYS E 307 10.58 40.93 -25.55
CA LYS E 307 11.50 39.79 -25.58
C LYS E 307 11.19 38.95 -26.81
N ARG E 308 11.74 37.74 -26.87
CA ARG E 308 11.52 36.80 -27.97
C ARG E 308 11.14 35.43 -27.44
N GLY E 309 10.07 34.86 -28.00
CA GLY E 309 9.77 33.45 -27.86
C GLY E 309 9.23 32.96 -26.53
N LEU E 310 8.30 33.71 -25.93
CA LEU E 310 7.67 33.32 -24.68
C LEU E 310 6.17 33.60 -24.76
N ALA E 311 5.37 32.55 -24.82
CA ALA E 311 3.94 32.72 -25.03
C ALA E 311 3.33 33.59 -23.93
N LEU E 312 2.49 34.54 -24.36
CA LEU E 312 1.67 35.35 -23.48
C LEU E 312 0.22 34.92 -23.61
N ASP E 313 -0.59 35.31 -22.63
CA ASP E 313 -2.01 35.04 -22.70
C ASP E 313 -2.65 35.92 -23.77
N GLY E 314 -3.77 35.44 -24.32
CA GLY E 314 -4.53 36.21 -25.28
C GLY E 314 -4.79 37.63 -24.82
N GLN E 315 -4.79 38.58 -25.74
CA GLN E 315 -4.88 39.98 -25.36
C GLN E 315 -5.82 40.71 -26.30
N LEU E 316 -6.31 41.86 -25.84
CA LEU E 316 -7.37 42.60 -26.52
C LEU E 316 -6.82 43.93 -27.01
N LYS E 317 -6.15 43.85 -28.16
CA LYS E 317 -6.00 44.92 -29.15
C LYS E 317 -5.12 46.10 -28.75
N HIS E 318 -5.00 46.42 -27.47
CA HIS E 318 -3.86 47.19 -26.96
C HIS E 318 -3.66 46.95 -25.47
N GLU E 319 -4.67 46.38 -24.82
CA GLU E 319 -4.73 46.39 -23.36
C GLU E 319 -3.74 45.38 -22.78
N ASP E 320 -3.52 45.50 -21.48
CA ASP E 320 -2.50 44.71 -20.82
C ASP E 320 -2.96 43.29 -20.59
N THR E 321 -2.05 42.34 -20.82
CA THR E 321 -2.29 40.92 -20.65
C THR E 321 -1.31 40.38 -19.60
N ASN E 322 -1.26 39.06 -19.47
CA ASN E 322 -0.38 38.40 -18.52
C ASN E 322 0.47 37.36 -19.24
N LEU E 323 1.38 36.74 -18.48
CA LEU E 323 2.13 35.60 -19.01
C LEU E 323 1.19 34.43 -19.23
N ALA E 324 1.43 33.68 -20.30
CA ALA E 324 0.46 32.69 -20.76
C ALA E 324 0.21 31.63 -19.70
N SER E 325 -1.04 31.19 -19.61
CA SER E 325 -1.39 30.04 -18.79
C SER E 325 -0.97 28.75 -19.48
N SER E 326 -0.65 27.76 -18.67
CA SER E 326 -0.42 26.42 -19.20
C SER E 326 -1.74 25.84 -19.69
N THR E 327 -1.71 25.25 -20.88
CA THR E 327 -2.83 24.48 -21.39
C THR E 327 -2.57 22.99 -21.17
N ILE E 328 -3.65 22.23 -21.14
CA ILE E 328 -3.59 20.80 -20.87
C ILE E 328 -4.19 20.06 -22.07
N VAL E 329 -3.84 18.78 -22.18
CA VAL E 329 -4.31 17.92 -23.26
C VAL E 329 -5.31 16.95 -22.65
N LYS E 330 -6.59 17.08 -23.03
CA LYS E 330 -7.63 16.25 -22.44
C LYS E 330 -7.35 14.77 -22.69
N GLU E 331 -7.78 13.96 -21.73
CA GLU E 331 -7.59 12.52 -21.70
C GLU E 331 -8.42 11.86 -22.82
N GLY E 332 -7.78 11.51 -23.91
CA GLY E 332 -8.41 10.69 -24.93
C GLY E 332 -9.37 11.36 -25.88
N ALA E 333 -8.87 12.27 -26.71
CA ALA E 333 -9.64 12.74 -27.85
C ALA E 333 -9.39 11.81 -29.04
N ASN E 334 -10.22 11.97 -30.08
CA ASN E 334 -9.97 11.22 -31.30
C ASN E 334 -8.85 11.85 -32.12
N LYS E 335 -8.89 13.16 -32.29
CA LYS E 335 -7.92 13.88 -33.12
C LYS E 335 -7.09 14.81 -32.24
N GLU E 336 -5.80 14.89 -32.55
CA GLU E 336 -4.87 15.69 -31.77
C GLU E 336 -5.22 17.17 -31.87
N VAL E 337 -4.94 17.90 -30.79
CA VAL E 337 -5.31 19.31 -30.70
C VAL E 337 -4.34 20.14 -31.52
N LEU E 338 -4.88 20.88 -32.49
CA LEU E 338 -4.10 21.84 -33.26
C LEU E 338 -4.16 23.18 -32.54
N GLY E 339 -3.04 23.57 -31.93
CA GLY E 339 -2.96 24.83 -31.23
C GLY E 339 -1.59 24.96 -30.61
N ILE E 340 -1.41 26.05 -29.88
CA ILE E 340 -0.21 26.21 -29.05
C ILE E 340 -0.53 25.66 -27.67
N LEU E 341 0.32 24.76 -27.20
CA LEU E 341 0.07 23.95 -26.00
C LEU E 341 1.14 24.28 -24.97
N VAL E 342 0.90 25.32 -24.20
CA VAL E 342 1.91 25.86 -23.30
C VAL E 342 1.95 25.02 -22.03
N SER E 343 3.17 24.73 -21.57
CA SER E 343 3.41 24.29 -20.20
C SER E 343 4.57 25.11 -19.63
N TYR E 344 4.90 24.88 -18.37
CA TYR E 344 6.09 25.47 -17.76
C TYR E 344 6.82 24.42 -16.96
N ARG E 345 8.02 24.76 -16.50
CA ARG E 345 8.77 23.86 -15.62
C ARG E 345 9.97 24.59 -15.02
N VAL E 346 10.18 24.38 -13.71
CA VAL E 346 11.39 24.82 -13.04
C VAL E 346 12.49 23.79 -13.33
N LYS E 347 13.40 24.13 -14.25
CA LYS E 347 14.63 23.39 -14.42
C LYS E 347 15.60 23.78 -13.33
N VAL E 348 16.23 22.81 -12.68
CA VAL E 348 17.23 23.10 -11.67
C VAL E 348 18.58 22.68 -12.25
N LYS E 349 19.29 23.64 -12.82
CA LYS E 349 20.54 23.39 -13.52
C LYS E 349 21.67 23.65 -12.55
N LEU E 350 22.28 22.57 -12.04
CA LEU E 350 23.46 22.79 -11.19
C LEU E 350 24.68 23.12 -12.07
N VAL E 351 25.76 23.57 -11.43
CA VAL E 351 27.03 23.89 -12.07
C VAL E 351 28.13 23.40 -11.15
N VAL E 352 28.91 22.46 -11.65
CA VAL E 352 29.88 21.69 -10.89
C VAL E 352 31.25 21.95 -11.49
N SER E 353 32.28 21.70 -10.70
CA SER E 353 33.58 22.40 -10.74
C SER E 353 34.09 22.78 -12.11
N ARG E 354 34.10 21.84 -13.03
CA ARG E 354 34.53 22.34 -14.32
C ARG E 354 33.50 23.25 -14.94
N GLY E 355 32.46 23.67 -14.22
CA GLY E 355 31.43 24.47 -14.83
C GLY E 355 30.59 23.64 -15.77
N GLY E 356 30.48 22.34 -15.51
CA GLY E 356 29.58 21.49 -16.25
C GLY E 356 28.20 21.56 -15.62
N ASP E 357 27.22 22.04 -16.37
CA ASP E 357 25.92 22.40 -15.79
C ASP E 357 24.92 21.26 -16.02
N VAL E 358 24.81 20.38 -15.02
CA VAL E 358 23.83 19.30 -15.07
C VAL E 358 22.52 19.82 -14.50
N SER E 359 21.42 19.17 -14.90
CA SER E 359 20.10 19.66 -14.56
C SER E 359 19.10 18.51 -14.52
N VAL E 360 17.85 18.85 -14.20
CA VAL E 360 16.73 17.92 -14.23
C VAL E 360 15.46 18.74 -14.26
N GLU E 361 14.40 18.18 -14.85
CA GLU E 361 13.12 18.85 -15.00
C GLU E 361 12.01 18.00 -14.38
N LEU E 362 10.78 18.52 -14.46
CA LEU E 362 9.58 17.92 -13.88
C LEU E 362 8.37 18.32 -14.72
N PRO E 363 7.14 17.89 -14.36
CA PRO E 363 5.96 18.59 -14.86
C PRO E 363 5.41 19.62 -13.87
N PHE E 364 4.94 20.76 -14.36
CA PHE E 364 4.47 21.84 -13.49
C PHE E 364 3.64 22.80 -14.33
N VAL E 365 2.38 22.99 -13.93
CA VAL E 365 1.33 23.47 -14.82
C VAL E 365 0.68 24.71 -14.21
N LEU E 366 0.56 25.77 -15.00
CA LEU E 366 0.07 27.09 -14.57
C LEU E 366 -1.29 27.37 -15.21
N MET E 367 -2.36 27.05 -14.49
CA MET E 367 -3.70 27.46 -14.91
C MET E 367 -4.13 28.69 -14.12
N HIS E 368 -5.25 29.27 -14.55
CA HIS E 368 -5.80 30.49 -13.96
C HIS E 368 -6.55 30.18 -12.66
N PRO E 369 -6.81 31.21 -11.83
CA PRO E 369 -7.82 31.07 -10.77
C PRO E 369 -9.19 31.59 -11.20
N LYS E 370 -10.26 30.85 -10.89
CA LYS E 370 -11.56 31.00 -11.53
C LYS E 370 -12.57 31.67 -10.62
N PRO E 371 -13.38 32.62 -11.14
CA PRO E 371 -14.43 33.34 -10.40
C PRO E 371 -15.78 32.63 -10.43
N ALA F 6 -10.40 38.28 -42.77
CA ALA F 6 -9.54 39.44 -42.81
C ALA F 6 -9.84 40.39 -41.65
N LYS F 7 -9.51 41.67 -41.84
CA LYS F 7 -9.44 42.63 -40.75
C LYS F 7 -10.24 43.92 -40.99
N TPO F 8 -10.20 44.82 -40.01
CA TPO F 8 -10.56 46.22 -40.20
CB TPO F 8 -11.98 46.51 -39.65
CG2 TPO F 8 -11.93 47.58 -38.53
OG1 TPO F 8 -12.81 46.93 -40.75
P TPO F 8 -14.06 47.89 -40.39
O1P TPO F 8 -15.11 47.73 -41.61
O2P TPO F 8 -14.84 47.47 -39.04
O3P TPO F 8 -13.65 49.31 -40.34
C TPO F 8 -9.51 47.09 -39.53
O TPO F 8 -9.13 48.14 -40.04
N GLY F 9 -9.03 46.61 -38.39
CA GLY F 9 -8.24 47.42 -37.49
C GLY F 9 -8.61 47.07 -36.06
N LEU F 10 -9.34 47.95 -35.39
CA LEU F 10 -9.75 47.70 -34.01
C LEU F 10 -11.03 48.42 -33.58
N TPO F 11 -11.55 47.98 -32.43
CA TPO F 11 -12.07 48.88 -31.41
CB TPO F 11 -13.48 48.53 -30.96
CG2 TPO F 11 -14.36 48.13 -32.16
OG1 TPO F 11 -13.32 47.57 -29.90
P TPO F 11 -14.28 46.27 -29.89
O1P TPO F 11 -13.92 45.28 -31.11
O2P TPO F 11 -13.98 45.57 -28.63
O3P TPO F 11 -15.84 46.68 -29.87
C TPO F 11 -11.09 48.69 -30.27
O TPO F 11 -10.15 47.91 -30.40
N LYS F 12 -11.28 49.38 -29.16
CA LYS F 12 -10.40 49.15 -28.02
C LYS F 12 -11.23 48.83 -26.77
N LEU F 13 -12.51 49.18 -26.83
CA LEU F 13 -13.41 49.00 -25.70
C LEU F 13 -14.84 48.99 -26.25
N ILE F 14 -15.80 49.31 -25.40
CA ILE F 14 -17.10 49.78 -25.86
C ILE F 14 -16.95 50.68 -27.09
N ARG G 29 15.57 -66.60 -1.09
CA ARG G 29 15.51 -68.06 -1.05
C ARG G 29 14.29 -68.51 -0.24
N VAL G 30 13.87 -69.77 -0.45
CA VAL G 30 12.69 -70.30 0.23
C VAL G 30 12.95 -70.30 1.74
N PHE G 31 11.90 -70.07 2.53
CA PHE G 31 12.12 -70.03 3.96
C PHE G 31 10.92 -70.52 4.75
N LYS G 32 11.21 -71.20 5.86
CA LYS G 32 10.22 -71.70 6.79
C LYS G 32 10.21 -70.87 8.06
N LYS G 33 9.09 -70.96 8.76
CA LYS G 33 9.04 -70.65 10.18
C LYS G 33 8.38 -71.81 10.92
N SER G 34 8.97 -72.17 12.04
CA SER G 34 8.48 -73.27 12.88
C SER G 34 8.26 -72.74 14.29
N SER G 35 7.05 -72.93 14.81
CA SER G 35 6.70 -72.50 16.15
C SER G 35 7.28 -73.46 17.19
N PRO G 36 7.54 -72.98 18.41
CA PRO G 36 8.25 -73.79 19.40
C PRO G 36 7.56 -75.12 19.73
N ASN G 37 6.30 -75.31 19.36
CA ASN G 37 5.62 -76.58 19.56
C ASN G 37 5.61 -77.44 18.31
N CYS G 38 6.38 -77.06 17.27
CA CYS G 38 6.47 -77.74 15.99
C CYS G 38 5.10 -78.18 15.49
N LYS G 39 4.08 -77.39 15.81
CA LYS G 39 2.71 -77.71 15.44
C LYS G 39 2.41 -77.21 14.02
N LEU G 40 2.61 -75.92 13.80
CA LEU G 40 2.41 -75.30 12.49
C LEU G 40 3.77 -74.89 11.93
N THR G 41 4.08 -75.34 10.72
CA THR G 41 5.33 -75.03 10.03
C THR G 41 4.98 -74.39 8.69
N VAL G 42 5.28 -73.12 8.52
CA VAL G 42 4.84 -72.38 7.35
C VAL G 42 6.03 -72.19 6.41
N TYR G 43 5.85 -72.58 5.15
CA TYR G 43 6.88 -72.43 4.12
C TYR G 43 6.43 -71.41 3.08
N LEU G 44 7.35 -70.51 2.74
CA LEU G 44 7.06 -69.39 1.85
C LEU G 44 8.21 -69.19 0.87
N GLY G 45 7.94 -68.42 -0.17
CA GLY G 45 8.89 -68.03 -1.17
C GLY G 45 9.40 -66.62 -0.92
N LYS G 46 8.78 -65.64 -1.57
CA LYS G 46 9.17 -64.24 -1.41
C LYS G 46 8.72 -63.70 -0.07
N ARG G 47 9.56 -62.85 0.53
CA ARG G 47 9.13 -62.01 1.65
C ARG G 47 8.75 -60.61 1.21
N ASP G 48 9.32 -60.14 0.10
CA ASP G 48 8.81 -58.96 -0.59
C ASP G 48 7.94 -59.45 -1.75
N PHE G 49 6.65 -59.15 -1.67
CA PHE G 49 5.72 -59.44 -2.76
C PHE G 49 5.50 -58.17 -3.57
N VAL G 50 5.65 -58.27 -4.88
CA VAL G 50 5.70 -57.08 -5.74
C VAL G 50 4.29 -56.54 -5.95
N ASP G 51 4.00 -55.41 -5.32
CA ASP G 51 2.70 -54.75 -5.49
C ASP G 51 2.68 -54.04 -6.83
N HIS G 52 2.11 -54.69 -7.83
CA HIS G 52 1.88 -54.04 -9.12
C HIS G 52 0.76 -53.00 -8.98
N LEU G 53 0.40 -52.37 -10.10
CA LEU G 53 -0.76 -51.50 -10.11
C LEU G 53 -2.04 -52.27 -10.42
N ASP G 54 -2.08 -52.89 -11.61
CA ASP G 54 -3.28 -53.60 -12.05
C ASP G 54 -3.65 -54.70 -11.05
N LYS G 55 -2.66 -55.48 -10.63
CA LYS G 55 -2.82 -56.45 -9.57
C LYS G 55 -1.88 -56.10 -8.43
N VAL G 56 -1.85 -56.97 -7.43
CA VAL G 56 -0.83 -56.99 -6.40
C VAL G 56 -0.09 -58.29 -6.66
N ASP G 57 0.96 -58.58 -5.89
CA ASP G 57 1.50 -59.93 -5.91
C ASP G 57 0.80 -60.76 -4.86
N PRO G 58 0.07 -61.81 -5.24
CA PRO G 58 -0.61 -62.63 -4.25
C PRO G 58 0.37 -63.44 -3.42
N VAL G 59 -0.04 -63.75 -2.20
CA VAL G 59 0.78 -64.59 -1.34
C VAL G 59 0.52 -66.05 -1.67
N ASP G 60 1.57 -66.85 -1.74
CA ASP G 60 1.47 -68.29 -1.94
C ASP G 60 2.36 -69.00 -0.93
N GLY G 61 1.93 -70.17 -0.48
CA GLY G 61 2.78 -70.95 0.40
C GLY G 61 2.06 -72.17 0.95
N VAL G 62 2.72 -72.84 1.89
CA VAL G 62 2.18 -74.08 2.46
C VAL G 62 2.30 -74.06 3.99
N VAL G 63 1.50 -74.92 4.62
CA VAL G 63 1.44 -75.09 6.06
C VAL G 63 1.51 -76.59 6.35
N LEU G 64 2.64 -77.03 6.90
CA LEU G 64 2.80 -78.38 7.42
C LEU G 64 2.37 -78.38 8.88
N VAL G 65 1.20 -78.97 9.16
CA VAL G 65 0.69 -79.05 10.52
C VAL G 65 0.65 -80.52 10.91
N ASP G 66 1.16 -80.81 12.11
CA ASP G 66 1.33 -82.19 12.53
C ASP G 66 -0.02 -82.83 12.83
N PRO G 67 -0.18 -84.12 12.55
CA PRO G 67 -1.49 -84.77 12.75
C PRO G 67 -1.71 -85.33 14.15
N ASP G 68 -0.65 -85.60 14.90
CA ASP G 68 -0.81 -86.33 16.17
C ASP G 68 -1.35 -85.43 17.27
N TYR G 69 -0.77 -84.24 17.45
CA TYR G 69 -1.30 -83.30 18.43
C TYR G 69 -2.65 -82.74 17.97
N LEU G 70 -2.83 -82.63 16.66
CA LEU G 70 -3.96 -81.90 16.07
C LEU G 70 -5.10 -82.86 15.72
N LYS G 71 -5.62 -83.52 16.77
CA LYS G 71 -6.76 -84.42 16.62
C LYS G 71 -8.04 -83.61 16.65
N ASP G 72 -8.72 -83.50 15.50
CA ASP G 72 -9.88 -82.62 15.36
C ASP G 72 -9.56 -81.21 15.86
N ARG G 73 -8.37 -80.74 15.50
CA ARG G 73 -7.94 -79.36 15.73
C ARG G 73 -7.77 -78.70 14.37
N LYS G 74 -8.41 -77.55 14.19
CA LYS G 74 -8.70 -77.02 12.86
C LYS G 74 -7.76 -75.85 12.56
N VAL G 75 -7.00 -75.98 11.45
CA VAL G 75 -5.99 -74.99 11.07
C VAL G 75 -6.62 -73.92 10.20
N PHE G 76 -6.19 -72.67 10.42
CA PHE G 76 -6.60 -71.55 9.58
C PHE G 76 -5.37 -70.69 9.27
N VAL G 77 -5.52 -69.79 8.29
CA VAL G 77 -4.41 -68.91 7.93
C VAL G 77 -4.98 -67.55 7.53
N THR G 78 -4.21 -66.50 7.85
CA THR G 78 -4.64 -65.11 7.67
C THR G 78 -3.49 -64.23 7.23
N LEU G 79 -3.85 -63.12 6.59
CA LEU G 79 -2.96 -62.01 6.25
C LEU G 79 -3.48 -60.76 6.95
N THR G 80 -2.67 -60.18 7.82
CA THR G 80 -3.03 -58.99 8.59
C THR G 80 -2.16 -57.82 8.13
N CYS G 81 -2.79 -56.81 7.54
CA CYS G 81 -2.13 -55.54 7.29
C CYS G 81 -2.45 -54.58 8.44
N ALA G 82 -1.46 -53.78 8.84
CA ALA G 82 -1.69 -52.95 10.00
C ALA G 82 -0.90 -51.65 9.93
N PHE G 83 -1.55 -50.57 10.37
CA PHE G 83 -0.91 -49.30 10.65
C PHE G 83 -0.56 -49.25 12.13
N ARG G 84 0.69 -48.88 12.42
CA ARG G 84 1.22 -48.82 13.79
C ARG G 84 1.60 -47.38 14.11
N TYR G 85 1.32 -46.94 15.34
CA TYR G 85 1.64 -45.55 15.70
C TYR G 85 2.12 -45.38 17.13
N GLY G 86 2.79 -46.37 17.71
CA GLY G 86 3.33 -46.13 19.04
C GLY G 86 3.59 -47.32 19.94
N ARG G 87 3.16 -47.23 21.20
CA ARG G 87 3.49 -48.23 22.21
C ARG G 87 2.41 -49.30 22.29
N GLU G 88 2.83 -50.50 22.71
CA GLU G 88 2.01 -51.70 22.51
C GLU G 88 0.96 -51.89 23.61
N ASP G 89 1.39 -52.12 24.84
CA ASP G 89 0.44 -52.29 25.93
C ASP G 89 -0.18 -50.97 26.35
N LEU G 90 0.47 -49.84 26.01
CA LEU G 90 0.01 -48.54 26.47
C LEU G 90 -1.09 -47.98 25.57
N ASP G 91 -0.84 -47.93 24.26
CA ASP G 91 -1.88 -47.44 23.35
C ASP G 91 -3.14 -48.29 23.39
N VAL G 92 -3.07 -49.49 23.98
CA VAL G 92 -4.26 -50.33 24.07
C VAL G 92 -5.23 -49.78 25.12
N LEU G 93 -4.72 -49.46 26.31
CA LEU G 93 -5.56 -48.91 27.39
C LEU G 93 -5.76 -47.42 27.15
N GLY G 94 -6.45 -47.10 26.06
CA GLY G 94 -6.67 -45.72 25.72
C GLY G 94 -8.07 -45.41 25.22
N LEU G 95 -8.93 -46.42 25.18
CA LEU G 95 -10.25 -46.48 24.51
C LEU G 95 -10.10 -46.80 23.02
N SER G 96 -8.89 -47.01 22.52
CA SER G 96 -8.65 -47.33 21.11
C SER G 96 -7.35 -48.11 21.01
N PHE G 97 -7.25 -49.03 20.04
CA PHE G 97 -6.00 -49.77 19.83
C PHE G 97 -5.39 -49.61 18.43
N ARG G 98 -6.02 -50.17 17.39
CA ARG G 98 -5.51 -50.05 16.02
C ARG G 98 -6.64 -50.22 15.04
N LYS G 99 -6.52 -49.51 13.93
CA LYS G 99 -7.44 -49.70 12.82
C LYS G 99 -6.81 -50.72 11.89
N ASP G 100 -7.22 -51.98 12.06
CA ASP G 100 -6.77 -53.06 11.19
C ASP G 100 -7.43 -52.81 9.84
N LEU G 101 -6.78 -51.96 9.05
CA LEU G 101 -7.34 -51.57 7.76
C LEU G 101 -7.56 -52.78 6.87
N PHE G 102 -6.80 -53.84 7.06
CA PHE G 102 -7.04 -55.06 6.30
C PHE G 102 -6.69 -56.31 7.10
N ILE G 103 -7.53 -57.33 6.92
CA ILE G 103 -7.30 -58.68 7.43
C ILE G 103 -8.07 -59.64 6.54
N ALA G 104 -7.45 -60.77 6.22
CA ALA G 104 -8.07 -61.77 5.37
C ALA G 104 -7.81 -63.16 5.95
N THR G 105 -8.81 -64.04 5.82
CA THR G 105 -8.79 -65.36 6.43
C THR G 105 -9.25 -66.41 5.43
N TYR G 106 -8.53 -67.53 5.35
CA TYR G 106 -9.06 -68.69 4.65
C TYR G 106 -8.66 -69.96 5.41
N GLN G 107 -9.48 -70.99 5.23
CA GLN G 107 -9.53 -72.17 6.10
C GLN G 107 -8.72 -73.29 5.49
N ALA G 108 -7.56 -73.59 6.09
CA ALA G 108 -6.72 -74.67 5.60
C ALA G 108 -7.31 -76.03 5.96
N PHE G 109 -7.39 -76.34 7.25
CA PHE G 109 -7.79 -77.66 7.71
C PHE G 109 -9.01 -77.55 8.63
N PRO G 110 -10.06 -78.36 8.40
CA PRO G 110 -10.12 -79.28 7.27
C PRO G 110 -10.58 -78.60 6.00
N PRO G 111 -10.05 -79.04 4.86
CA PRO G 111 -10.48 -78.47 3.58
C PRO G 111 -11.93 -78.83 3.30
N MET G 112 -12.76 -77.81 3.07
CA MET G 112 -14.11 -77.99 2.56
C MET G 112 -13.98 -78.64 1.19
N PRO G 113 -15.09 -79.08 0.52
CA PRO G 113 -14.94 -79.97 -0.64
C PRO G 113 -13.75 -79.70 -1.56
N ASN G 114 -13.60 -78.48 -2.08
CA ASN G 114 -12.48 -78.14 -2.96
C ASN G 114 -12.01 -76.71 -2.70
N PRO G 115 -11.05 -76.53 -1.80
CA PRO G 115 -10.56 -75.16 -1.52
C PRO G 115 -9.76 -74.57 -2.67
N PRO G 116 -8.67 -75.23 -3.16
CA PRO G 116 -7.92 -74.59 -4.25
C PRO G 116 -8.36 -75.05 -5.63
N ARG G 117 -8.56 -74.12 -6.56
CA ARG G 117 -8.68 -74.52 -7.96
C ARG G 117 -7.30 -74.57 -8.63
N PRO G 118 -6.51 -73.49 -8.66
CA PRO G 118 -5.12 -73.60 -9.12
C PRO G 118 -4.14 -73.71 -7.97
N PRO G 119 -3.25 -74.71 -7.98
CA PRO G 119 -2.12 -74.71 -7.04
C PRO G 119 -0.85 -74.16 -7.68
N THR G 120 -0.09 -73.42 -6.87
CA THR G 120 1.13 -72.78 -7.36
C THR G 120 2.25 -73.80 -7.53
N ARG G 121 3.16 -73.51 -8.45
CA ARG G 121 4.30 -74.40 -8.64
C ARG G 121 5.36 -74.25 -7.56
N LEU G 122 5.34 -73.15 -6.81
CA LEU G 122 6.01 -73.13 -5.52
C LEU G 122 5.40 -74.18 -4.60
N GLN G 123 4.07 -74.18 -4.49
CA GLN G 123 3.39 -75.23 -3.74
C GLN G 123 3.57 -76.59 -4.42
N ASP G 124 3.78 -76.61 -5.73
CA ASP G 124 4.09 -77.86 -6.41
C ASP G 124 5.44 -78.41 -5.97
N ARG G 125 6.41 -77.53 -5.73
CA ARG G 125 7.68 -77.97 -5.17
C ARG G 125 7.52 -78.38 -3.71
N LEU G 126 6.74 -77.63 -2.94
CA LEU G 126 6.67 -77.83 -1.49
C LEU G 126 5.90 -79.10 -1.14
N LEU G 127 4.72 -79.29 -1.72
CA LEU G 127 3.91 -80.47 -1.41
C LEU G 127 4.63 -81.76 -1.77
N LYS G 128 5.44 -81.74 -2.83
CA LYS G 128 6.24 -82.90 -3.19
C LYS G 128 7.45 -83.05 -2.28
N LYS G 129 8.05 -81.93 -1.89
CA LYS G 129 9.16 -81.96 -0.94
C LYS G 129 8.71 -82.51 0.40
N LEU G 130 7.66 -81.92 0.97
CA LEU G 130 7.07 -82.43 2.19
C LEU G 130 6.25 -83.68 1.90
N GLY G 131 5.59 -84.21 2.93
CA GLY G 131 4.79 -85.40 2.77
C GLY G 131 3.37 -85.13 2.32
N GLN G 132 2.43 -85.83 2.93
CA GLN G 132 1.02 -85.84 2.53
C GLN G 132 0.19 -84.75 3.20
N HIS G 133 0.46 -84.47 4.47
CA HIS G 133 -0.42 -83.65 5.28
C HIS G 133 -0.33 -82.15 4.97
N ALA G 134 0.60 -81.73 4.12
CA ALA G 134 0.79 -80.31 3.86
C ALA G 134 -0.47 -79.67 3.28
N HIS G 135 -0.76 -78.45 3.74
CA HIS G 135 -1.98 -77.73 3.36
C HIS G 135 -1.61 -76.41 2.67
N PRO G 136 -2.05 -76.17 1.44
CA PRO G 136 -1.68 -74.92 0.76
C PRO G 136 -2.41 -73.71 1.35
N PHE G 137 -1.91 -72.52 0.99
CA PHE G 137 -2.61 -71.29 1.31
C PHE G 137 -2.15 -70.21 0.33
N PHE G 138 -3.03 -69.22 0.16
CA PHE G 138 -2.95 -68.25 -0.93
C PHE G 138 -3.79 -67.04 -0.57
N PHE G 139 -3.23 -65.84 -0.73
CA PHE G 139 -3.85 -64.63 -0.20
C PHE G 139 -3.94 -63.54 -1.26
N THR G 140 -5.18 -63.09 -1.52
CA THR G 140 -5.48 -61.97 -2.39
C THR G 140 -5.57 -60.69 -1.59
N ILE G 141 -4.86 -59.66 -2.02
CA ILE G 141 -4.88 -58.35 -1.38
C ILE G 141 -5.68 -57.40 -2.27
N PRO G 142 -6.64 -56.66 -1.73
CA PRO G 142 -7.33 -55.63 -2.52
C PRO G 142 -6.43 -54.45 -2.83
N GLN G 143 -6.97 -53.47 -3.54
CA GLN G 143 -6.20 -52.35 -4.05
C GLN G 143 -6.53 -51.03 -3.36
N ASN G 144 -7.27 -51.07 -2.26
CA ASN G 144 -7.37 -49.94 -1.35
C ASN G 144 -6.39 -50.05 -0.19
N LEU G 145 -5.29 -50.78 -0.40
CA LEU G 145 -4.27 -51.02 0.60
C LEU G 145 -2.99 -50.30 0.23
N PRO G 146 -2.44 -49.48 1.12
CA PRO G 146 -1.19 -48.78 0.85
C PRO G 146 0.02 -49.67 1.15
N CYS G 147 1.20 -49.07 1.04
CA CYS G 147 2.46 -49.79 1.11
C CYS G 147 2.79 -50.17 2.55
N SER G 148 3.96 -50.79 2.72
CA SER G 148 4.59 -50.99 4.01
C SER G 148 5.59 -49.85 4.21
N VAL G 149 5.24 -48.88 5.05
CA VAL G 149 6.00 -47.65 5.20
C VAL G 149 6.17 -47.36 6.68
N THR G 150 7.40 -47.02 7.08
CA THR G 150 7.72 -46.68 8.46
C THR G 150 8.47 -45.36 8.50
N LEU G 151 8.16 -44.53 9.48
CA LEU G 151 8.95 -43.33 9.73
C LEU G 151 10.21 -43.71 10.48
N GLN G 152 11.30 -43.00 10.19
CA GLN G 152 12.53 -43.27 10.90
C GLN G 152 12.45 -42.68 12.31
N PRO G 153 12.90 -43.42 13.32
CA PRO G 153 13.00 -42.84 14.66
C PRO G 153 14.05 -41.73 14.70
N GLY G 154 14.13 -41.10 15.86
CA GLY G 154 15.27 -40.27 16.16
C GLY G 154 16.37 -41.12 16.75
N PRO G 155 17.45 -40.49 17.21
CA PRO G 155 18.41 -41.22 18.05
C PRO G 155 18.00 -41.30 19.51
N GLU G 156 17.15 -40.40 19.98
CA GLU G 156 16.82 -40.29 21.39
C GLU G 156 15.46 -40.87 21.75
N ASP G 157 14.51 -40.91 20.82
CA ASP G 157 13.19 -41.49 21.08
C ASP G 157 13.31 -43.01 21.01
N THR G 158 13.37 -43.65 22.19
CA THR G 158 13.64 -45.08 22.27
C THR G 158 12.35 -45.90 22.14
N GLY G 159 11.38 -45.66 23.02
CA GLY G 159 10.11 -46.36 22.94
C GLY G 159 9.07 -45.59 22.17
N LYS G 160 9.29 -45.43 20.86
CA LYS G 160 8.46 -44.55 20.03
C LYS G 160 8.41 -45.12 18.62
N ALA G 161 7.23 -45.50 18.16
CA ALA G 161 7.11 -46.30 16.96
C ALA G 161 6.01 -45.77 16.04
N CYS G 162 6.06 -46.23 14.79
CA CYS G 162 5.05 -46.01 13.76
C CYS G 162 5.43 -46.83 12.54
N GLY G 163 4.46 -47.02 11.65
CA GLY G 163 4.73 -47.72 10.41
C GLY G 163 3.65 -48.67 9.94
N VAL G 164 3.47 -48.79 8.64
CA VAL G 164 2.56 -49.79 8.08
C VAL G 164 3.36 -51.07 7.85
N ASP G 165 2.69 -52.22 7.96
CA ASP G 165 3.32 -53.47 7.63
C ASP G 165 2.27 -54.51 7.25
N PHE G 166 2.76 -55.61 6.69
CA PHE G 166 1.96 -56.78 6.36
C PHE G 166 2.59 -57.98 7.03
N GLU G 167 1.80 -58.73 7.79
CA GLU G 167 2.26 -59.96 8.39
C GLU G 167 1.25 -61.05 8.09
N ILE G 168 1.65 -62.29 8.31
CA ILE G 168 0.84 -63.45 7.94
C ILE G 168 0.92 -64.48 9.05
N ARG G 169 -0.25 -64.91 9.56
CA ARG G 169 -0.31 -65.84 10.69
C ARG G 169 -0.98 -67.15 10.28
N ALA G 170 -0.45 -68.25 10.81
CA ALA G 170 -1.09 -69.56 10.74
C ALA G 170 -1.45 -69.97 12.16
N PHE G 171 -2.69 -70.43 12.38
CA PHE G 171 -3.15 -70.56 13.75
C PHE G 171 -4.20 -71.66 13.89
N CYS G 172 -4.49 -72.00 15.16
CA CYS G 172 -5.42 -73.07 15.51
C CYS G 172 -6.10 -72.72 16.83
N ALA G 173 -7.24 -72.06 16.76
CA ALA G 173 -8.10 -71.95 17.92
C ALA G 173 -9.22 -72.97 17.80
N LYS G 174 -9.69 -73.47 18.94
CA LYS G 174 -10.89 -74.29 18.93
C LYS G 174 -11.97 -73.64 18.08
N SER G 175 -12.18 -72.36 18.30
CA SER G 175 -13.31 -71.64 17.77
C SER G 175 -13.28 -71.61 16.24
N ILE G 176 -14.41 -71.20 15.67
CA ILE G 176 -14.56 -70.99 14.24
C ILE G 176 -13.71 -69.79 13.85
N GLU G 177 -13.64 -69.51 12.55
CA GLU G 177 -12.74 -68.53 11.97
C GLU G 177 -12.93 -67.11 12.51
N GLU G 178 -13.84 -66.95 13.49
CA GLU G 178 -14.08 -65.68 14.16
C GLU G 178 -13.34 -65.57 15.50
N LYS G 179 -12.48 -66.53 15.85
CA LYS G 179 -11.70 -66.32 17.08
C LYS G 179 -10.32 -66.95 16.96
N SER G 180 -9.40 -66.43 17.76
CA SER G 180 -8.01 -66.87 17.83
C SER G 180 -7.43 -66.43 19.16
N HIS G 181 -6.17 -66.82 19.41
CA HIS G 181 -5.46 -66.52 20.65
C HIS G 181 -3.97 -66.43 20.31
N LYS G 182 -3.11 -66.55 21.33
CA LYS G 182 -1.65 -66.54 21.10
C LYS G 182 -0.94 -67.69 21.83
N ARG G 183 -1.05 -68.91 21.29
CA ARG G 183 -0.08 -69.96 21.62
C ARG G 183 0.30 -70.85 20.46
N ASN G 184 -0.54 -71.00 19.44
CA ASN G 184 -0.26 -71.77 18.26
C ASN G 184 0.02 -70.89 17.06
N SER G 185 -0.03 -69.59 17.23
CA SER G 185 0.03 -68.65 16.12
C SER G 185 1.46 -68.51 15.62
N VAL G 186 1.62 -68.57 14.31
CA VAL G 186 2.91 -68.52 13.64
C VAL G 186 2.85 -67.33 12.69
N ARG G 187 3.50 -66.23 13.04
CA ARG G 187 3.47 -65.03 12.23
C ARG G 187 4.78 -64.86 11.47
N LEU G 188 4.70 -64.14 10.36
CA LEU G 188 5.88 -63.80 9.59
C LEU G 188 5.65 -62.44 8.94
N ILE G 189 6.67 -61.58 9.00
CA ILE G 189 6.56 -60.24 8.42
C ILE G 189 6.97 -60.30 6.96
N ILE G 190 6.11 -59.76 6.10
CA ILE G 190 6.40 -59.62 4.68
C ILE G 190 6.20 -58.14 4.36
N ARG G 191 6.35 -57.76 3.09
CA ARG G 191 6.21 -56.37 2.71
C ARG G 191 5.23 -56.22 1.56
N LYS G 192 4.66 -55.03 1.45
CA LYS G 192 3.87 -54.60 0.30
C LYS G 192 4.44 -53.26 -0.14
N VAL G 193 5.16 -53.26 -1.26
CA VAL G 193 5.74 -52.04 -1.80
C VAL G 193 5.13 -51.80 -3.19
N GLN G 194 4.40 -50.70 -3.33
CA GLN G 194 3.94 -50.31 -4.66
C GLN G 194 5.14 -50.05 -5.57
N PHE G 195 4.91 -50.23 -6.86
CA PHE G 195 5.89 -49.86 -7.87
C PHE G 195 5.19 -48.95 -8.90
N ALA G 196 5.96 -48.42 -9.86
CA ALA G 196 5.50 -47.27 -10.64
C ALA G 196 4.58 -47.66 -11.80
N PRO G 197 3.67 -46.76 -12.19
CA PRO G 197 2.94 -46.96 -13.44
C PRO G 197 3.83 -46.85 -14.67
N GLU G 198 3.40 -47.52 -15.75
CA GLU G 198 4.07 -47.41 -17.04
C GLU G 198 4.00 -46.00 -17.59
N THR G 199 3.04 -45.20 -17.13
CA THR G 199 2.87 -43.83 -17.61
C THR G 199 3.54 -42.85 -16.66
N PRO G 200 4.36 -41.94 -17.15
CA PRO G 200 4.75 -40.78 -16.34
C PRO G 200 3.68 -39.71 -16.39
N GLY G 201 3.67 -38.88 -15.35
CA GLY G 201 2.76 -37.77 -15.30
C GLY G 201 3.17 -36.69 -16.26
N PRO G 202 2.36 -35.64 -16.40
CA PRO G 202 2.71 -34.55 -17.32
C PRO G 202 4.01 -33.89 -16.90
N GLN G 203 4.69 -33.32 -17.88
CA GLN G 203 6.05 -32.82 -17.67
C GLN G 203 6.07 -31.65 -16.69
N PRO G 204 6.58 -31.82 -15.46
CA PRO G 204 6.49 -30.75 -14.48
C PRO G 204 7.54 -29.66 -14.68
N SER G 205 7.13 -28.52 -15.22
CA SER G 205 7.96 -27.33 -15.26
C SER G 205 7.29 -26.23 -14.43
N ALA G 206 8.04 -25.17 -14.19
CA ALA G 206 7.59 -24.20 -13.20
C ALA G 206 8.43 -22.92 -13.21
N GLU G 207 7.76 -21.75 -13.23
CA GLU G 207 8.41 -20.46 -13.40
C GLU G 207 7.41 -19.33 -13.16
N THR G 208 7.84 -18.27 -12.47
CA THR G 208 6.94 -17.13 -12.20
C THR G 208 7.74 -15.87 -11.89
N THR G 209 7.01 -14.83 -11.44
CA THR G 209 7.53 -13.57 -10.93
C THR G 209 7.23 -13.45 -9.43
N ARG G 210 8.04 -12.66 -8.74
CA ARG G 210 7.77 -12.27 -7.36
C ARG G 210 7.95 -10.76 -7.23
N HIS G 211 7.17 -10.17 -6.34
CA HIS G 211 7.15 -8.72 -6.15
C HIS G 211 7.49 -8.39 -4.70
N PHE G 212 8.14 -7.25 -4.52
CA PHE G 212 8.87 -6.94 -3.29
C PHE G 212 8.33 -5.64 -2.68
N LEU G 213 9.10 -5.12 -1.71
CA LEU G 213 8.79 -3.86 -1.07
C LEU G 213 9.81 -2.76 -1.39
N MET G 214 10.95 -3.08 -1.98
CA MET G 214 11.90 -2.03 -2.30
C MET G 214 12.41 -2.07 -3.72
N SER G 215 12.46 -3.26 -4.32
CA SER G 215 12.82 -3.41 -5.73
C SER G 215 11.64 -4.01 -6.47
N ASP G 216 11.13 -3.28 -7.46
CA ASP G 216 9.80 -3.55 -8.00
C ASP G 216 9.82 -4.62 -9.09
N ARG G 217 10.71 -4.49 -10.06
CA ARG G 217 10.70 -5.28 -11.28
C ARG G 217 10.89 -6.76 -10.95
N ARG G 218 10.85 -7.60 -12.00
CA ARG G 218 10.77 -9.06 -11.86
C ARG G 218 11.69 -9.59 -10.78
N SER G 219 12.95 -9.14 -10.81
CA SER G 219 14.02 -9.38 -9.85
C SER G 219 14.51 -10.83 -9.92
N LEU G 220 13.64 -11.75 -10.33
CA LEU G 220 13.97 -13.14 -10.68
C LEU G 220 12.76 -13.82 -11.31
N HIS G 221 12.85 -14.19 -12.59
CA HIS G 221 12.14 -15.36 -13.07
C HIS G 221 13.01 -16.57 -12.79
N LEU G 222 12.39 -17.70 -12.52
CA LEU G 222 13.15 -18.93 -12.31
C LEU G 222 12.33 -20.10 -12.81
N GLU G 223 12.73 -20.68 -13.94
CA GLU G 223 12.11 -21.88 -14.45
C GLU G 223 12.89 -23.09 -13.96
N ALA G 224 12.32 -23.83 -13.01
CA ALA G 224 12.87 -25.12 -12.63
C ALA G 224 12.22 -26.20 -13.49
N SER G 225 12.66 -26.26 -14.74
CA SER G 225 12.16 -27.27 -15.65
C SER G 225 12.97 -28.55 -15.50
N LEU G 226 12.36 -29.66 -15.91
CA LEU G 226 12.79 -30.98 -15.50
C LEU G 226 12.81 -31.88 -16.73
N ASP G 227 12.90 -33.19 -16.52
CA ASP G 227 12.78 -34.08 -17.68
C ASP G 227 11.76 -35.21 -17.49
N LYS G 228 11.67 -35.80 -16.31
CA LYS G 228 10.78 -36.92 -16.05
C LYS G 228 10.03 -36.68 -14.75
N GLU G 229 9.12 -37.59 -14.43
CA GLU G 229 8.18 -37.36 -13.32
C GLU G 229 8.14 -38.53 -12.34
N LEU G 230 8.39 -39.75 -12.82
CA LEU G 230 8.46 -40.93 -11.96
C LEU G 230 9.84 -41.57 -12.12
N TYR G 231 10.70 -41.33 -11.14
CA TYR G 231 12.05 -41.89 -11.11
C TYR G 231 12.14 -43.03 -10.10
N TYR G 232 13.28 -43.72 -10.12
CA TYR G 232 13.52 -44.93 -9.34
C TYR G 232 14.70 -44.71 -8.38
N HIS G 233 15.15 -45.80 -7.79
CA HIS G 233 16.37 -45.84 -7.00
C HIS G 233 17.63 -45.98 -7.86
N GLY G 234 17.56 -45.59 -9.13
CA GLY G 234 18.70 -45.77 -10.01
C GLY G 234 19.22 -44.54 -10.74
N GLU G 235 18.38 -43.53 -10.95
CA GLU G 235 18.65 -42.47 -11.90
C GLU G 235 18.48 -41.08 -11.27
N PRO G 236 19.49 -40.20 -11.40
CA PRO G 236 19.59 -39.02 -10.51
C PRO G 236 18.76 -37.81 -10.92
N LEU G 237 18.94 -36.70 -10.21
CA LEU G 237 18.04 -35.54 -10.25
C LEU G 237 18.77 -34.29 -10.72
N ASN G 238 18.70 -33.99 -12.02
CA ASN G 238 19.09 -32.69 -12.51
C ASN G 238 17.88 -31.77 -12.48
N VAL G 239 18.06 -30.55 -11.99
CA VAL G 239 17.01 -29.54 -12.01
C VAL G 239 17.52 -28.38 -12.86
N ASN G 240 16.85 -28.14 -14.00
CA ASN G 240 17.26 -27.12 -14.96
C ASN G 240 16.65 -25.80 -14.53
N VAL G 241 17.42 -24.98 -13.82
CA VAL G 241 16.98 -23.68 -13.33
C VAL G 241 17.40 -22.61 -14.33
N HIS G 242 16.42 -21.93 -14.90
CA HIS G 242 16.62 -20.83 -15.86
C HIS G 242 16.17 -19.54 -15.18
N VAL G 243 17.12 -18.75 -14.71
CA VAL G 243 16.80 -17.45 -14.15
C VAL G 243 16.60 -16.46 -15.30
N THR G 244 15.75 -15.47 -15.07
CA THR G 244 15.55 -14.34 -15.98
C THR G 244 15.56 -13.07 -15.13
N ASN G 245 16.58 -12.24 -15.28
CA ASN G 245 16.91 -11.26 -14.25
C ASN G 245 17.04 -9.86 -14.83
N ASN G 246 16.67 -8.86 -14.04
CA ASN G 246 16.92 -7.43 -14.31
C ASN G 246 17.32 -6.72 -13.02
N SER G 247 18.30 -7.26 -12.31
CA SER G 247 18.46 -7.05 -10.89
C SER G 247 19.08 -5.70 -10.52
N ALA G 248 18.82 -5.33 -9.27
CA ALA G 248 19.64 -4.44 -8.46
C ALA G 248 19.87 -5.00 -7.07
N LYS G 249 19.07 -5.98 -6.64
CA LYS G 249 19.29 -6.69 -5.38
C LYS G 249 20.17 -7.91 -5.64
N THR G 250 21.30 -7.98 -4.94
CA THR G 250 22.27 -9.04 -5.19
C THR G 250 21.73 -10.39 -4.74
N VAL G 251 21.92 -11.41 -5.58
CA VAL G 251 21.53 -12.78 -5.26
C VAL G 251 22.77 -13.52 -4.77
N LYS G 252 22.70 -14.08 -3.56
CA LYS G 252 23.86 -14.77 -3.01
C LYS G 252 24.05 -16.14 -3.65
N LYS G 253 23.01 -16.98 -3.63
CA LYS G 253 23.24 -18.36 -4.03
C LYS G 253 21.95 -19.08 -4.42
N ILE G 254 22.14 -20.27 -5.00
CA ILE G 254 21.06 -21.12 -5.48
C ILE G 254 21.36 -22.54 -4.98
N ARG G 255 20.81 -22.89 -3.82
CA ARG G 255 20.85 -24.23 -3.25
C ARG G 255 19.68 -25.04 -3.80
N VAL G 256 19.83 -26.36 -3.82
CA VAL G 256 18.72 -27.25 -4.17
C VAL G 256 18.72 -28.40 -3.17
N SER G 257 17.58 -28.61 -2.51
CA SER G 257 17.47 -29.54 -1.39
C SER G 257 16.24 -30.41 -1.60
N VAL G 258 16.44 -31.72 -1.77
CA VAL G 258 15.32 -32.63 -1.84
C VAL G 258 14.74 -32.77 -0.43
N ARG G 259 13.54 -32.22 -0.21
CA ARG G 259 12.84 -32.31 1.06
C ARG G 259 11.86 -33.47 1.00
N GLN G 260 12.01 -34.44 1.89
CA GLN G 260 11.10 -35.56 1.97
C GLN G 260 9.86 -35.21 2.78
N TYR G 261 8.70 -35.26 2.14
CA TYR G 261 7.41 -35.15 2.80
C TYR G 261 7.02 -36.49 3.40
N ALA G 262 6.64 -36.50 4.69
CA ALA G 262 6.28 -37.74 5.39
C ALA G 262 4.98 -37.54 6.16
N ASP G 263 3.85 -37.90 5.54
CA ASP G 263 2.53 -37.72 6.14
C ASP G 263 2.24 -38.77 7.21
N ILE G 264 1.51 -38.34 8.23
CA ILE G 264 0.95 -39.24 9.25
C ILE G 264 -0.50 -38.81 9.50
N CYS G 265 -1.45 -39.61 9.00
CA CYS G 265 -2.87 -39.35 9.24
C CYS G 265 -3.38 -40.29 10.33
N LEU G 266 -3.03 -39.97 11.58
CA LEU G 266 -3.44 -40.80 12.71
C LEU G 266 -4.61 -40.21 13.48
N PHE G 267 -4.42 -39.04 14.09
CA PHE G 267 -5.49 -38.22 14.62
C PHE G 267 -5.62 -36.93 13.82
N SER G 268 -4.54 -36.50 13.19
CA SER G 268 -4.56 -35.46 12.17
C SER G 268 -3.35 -35.67 11.27
N THR G 269 -3.44 -35.14 10.06
CA THR G 269 -2.38 -35.24 9.08
C THR G 269 -1.09 -34.59 9.61
N ALA G 270 0.07 -35.07 9.13
CA ALA G 270 1.35 -34.49 9.52
C ALA G 270 2.55 -34.84 8.62
N GLN G 271 3.17 -33.86 7.95
CA GLN G 271 4.45 -34.03 7.28
C GLN G 271 5.58 -33.59 8.21
N TYR G 272 6.74 -34.21 8.04
CA TYR G 272 7.92 -33.90 8.84
C TYR G 272 9.01 -33.46 7.86
N LYS G 273 9.27 -32.17 7.84
CA LYS G 273 10.10 -31.54 6.82
C LYS G 273 11.58 -31.67 7.22
N CYS G 274 12.30 -32.55 6.55
CA CYS G 274 13.71 -32.75 6.82
C CYS G 274 14.39 -33.16 5.52
N PRO G 275 15.51 -32.53 5.17
CA PRO G 275 16.09 -32.70 3.82
C PRO G 275 16.80 -34.02 3.66
N VAL G 276 16.25 -34.89 2.80
CA VAL G 276 16.90 -36.17 2.52
C VAL G 276 18.21 -35.94 1.75
N ALA G 277 18.30 -34.85 1.00
CA ALA G 277 19.54 -34.46 0.36
C ALA G 277 19.53 -32.96 0.13
N GLN G 278 20.72 -32.39 -0.08
CA GLN G 278 20.84 -31.02 -0.54
C GLN G 278 22.25 -30.78 -1.03
N LEU G 279 22.36 -30.08 -2.16
CA LEU G 279 23.64 -29.78 -2.77
C LEU G 279 23.59 -28.36 -3.33
N GLU G 280 24.76 -27.74 -3.43
CA GLU G 280 24.87 -26.45 -4.09
C GLU G 280 26.30 -26.17 -4.49
N GLN G 281 26.45 -25.51 -5.63
CA GLN G 281 27.67 -24.90 -6.14
C GLN G 281 27.60 -23.42 -5.77
N ASP G 282 28.54 -22.60 -6.24
CA ASP G 282 28.55 -21.18 -5.89
C ASP G 282 28.32 -20.25 -7.08
N ASP G 283 27.73 -20.76 -8.16
CA ASP G 283 27.60 -19.99 -9.39
C ASP G 283 26.65 -18.81 -9.24
N GLN G 284 27.13 -17.63 -9.61
CA GLN G 284 26.49 -16.35 -9.32
C GLN G 284 25.89 -15.75 -10.58
N VAL G 285 24.76 -15.07 -10.43
CA VAL G 285 23.98 -14.59 -11.58
C VAL G 285 24.20 -13.09 -11.74
N SER G 286 23.70 -12.55 -12.87
CA SER G 286 23.89 -11.15 -13.22
C SER G 286 22.58 -10.38 -13.23
N PRO G 287 22.59 -9.14 -12.74
CA PRO G 287 21.52 -8.20 -13.09
C PRO G 287 21.32 -8.09 -14.60
N SER G 288 20.04 -8.02 -15.01
CA SER G 288 19.61 -7.66 -16.37
C SER G 288 20.00 -8.70 -17.43
N SER G 289 19.68 -9.96 -17.16
CA SER G 289 19.77 -11.03 -18.16
C SER G 289 19.23 -12.36 -17.63
N THR G 290 19.30 -13.43 -18.43
CA THR G 290 18.66 -14.71 -18.10
C THR G 290 19.69 -15.84 -18.02
N PHE G 291 20.13 -16.17 -16.81
CA PHE G 291 21.11 -17.24 -16.60
C PHE G 291 20.41 -18.59 -16.39
N CYS G 292 21.14 -19.67 -16.67
CA CYS G 292 20.60 -21.01 -16.48
C CYS G 292 21.70 -22.01 -16.14
N LYS G 293 21.40 -22.89 -15.19
CA LYS G 293 22.28 -23.96 -14.75
C LYS G 293 21.41 -25.18 -14.52
N VAL G 294 22.01 -26.37 -14.56
CA VAL G 294 21.38 -27.56 -14.01
C VAL G 294 22.10 -27.92 -12.72
N TYR G 295 21.34 -28.12 -11.65
CA TYR G 295 21.91 -28.55 -10.39
C TYR G 295 21.59 -30.02 -10.18
N THR G 296 22.63 -30.81 -9.91
CA THR G 296 22.57 -32.27 -9.95
C THR G 296 22.64 -32.81 -8.52
N ILE G 297 21.53 -33.40 -8.07
CA ILE G 297 21.39 -33.95 -6.73
C ILE G 297 21.11 -35.44 -6.85
N THR G 298 21.48 -36.18 -5.80
CA THR G 298 21.23 -37.60 -5.67
C THR G 298 21.17 -38.01 -4.20
N PRO G 299 19.98 -38.18 -3.64
CA PRO G 299 19.87 -38.58 -2.22
C PRO G 299 20.26 -40.04 -2.04
N LEU G 300 21.29 -40.27 -1.23
CA LEU G 300 21.83 -41.61 -1.02
C LEU G 300 21.37 -42.19 0.30
N LEU G 301 21.42 -43.51 0.38
CA LEU G 301 20.89 -44.24 1.54
C LEU G 301 21.82 -44.08 2.74
N SER G 302 23.09 -44.46 2.57
CA SER G 302 24.07 -44.39 3.64
C SER G 302 24.53 -42.96 3.93
N ASP G 303 24.04 -41.98 3.18
CA ASP G 303 24.32 -40.58 3.49
C ASP G 303 23.32 -40.00 4.48
N ASN G 304 22.08 -40.51 4.47
CA ASN G 304 21.11 -40.21 5.51
C ASN G 304 21.05 -41.30 6.57
N ARG G 305 22.09 -42.12 6.64
CA ARG G 305 22.21 -43.16 7.65
C ARG G 305 22.48 -42.56 9.01
N GLU G 306 21.99 -43.22 10.06
CA GLU G 306 22.13 -42.78 11.45
C GLU G 306 21.67 -41.34 11.61
N LYS G 307 20.41 -41.10 11.24
CA LYS G 307 19.84 -39.76 11.24
C LYS G 307 18.50 -39.78 11.97
N ARG G 308 17.77 -38.67 11.98
CA ARG G 308 16.47 -38.59 12.63
C ARG G 308 15.38 -38.23 11.62
N GLY G 309 14.29 -38.99 11.65
CA GLY G 309 13.07 -38.61 10.96
C GLY G 309 13.13 -38.59 9.44
N LEU G 310 13.62 -39.66 8.84
CA LEU G 310 13.62 -39.80 7.38
C LEU G 310 12.89 -41.09 7.02
N ALA G 311 11.73 -40.95 6.38
CA ALA G 311 10.96 -42.13 5.97
C ALA G 311 11.82 -43.04 5.11
N LEU G 312 11.94 -44.29 5.53
CA LEU G 312 12.65 -45.32 4.79
C LEU G 312 11.64 -46.34 4.29
N ASP G 313 11.99 -47.03 3.21
CA ASP G 313 11.19 -48.17 2.80
C ASP G 313 11.25 -49.23 3.90
N GLY G 314 10.19 -50.02 4.01
CA GLY G 314 10.13 -51.07 5.01
C GLY G 314 11.34 -51.96 4.93
N GLN G 315 11.74 -52.57 6.06
CA GLN G 315 12.86 -53.48 6.05
C GLN G 315 12.46 -54.77 6.75
N LEU G 316 13.19 -55.83 6.41
CA LEU G 316 12.97 -57.13 7.03
C LEU G 316 13.98 -57.34 8.16
N LYS G 317 13.80 -56.52 9.18
CA LYS G 317 14.28 -56.64 10.56
C LYS G 317 15.77 -56.45 10.78
N HIS G 318 16.60 -56.72 9.76
CA HIS G 318 18.00 -56.29 9.84
C HIS G 318 18.60 -56.12 8.45
N GLU G 319 17.81 -56.44 7.42
CA GLU G 319 18.36 -56.41 6.07
C GLU G 319 18.45 -54.97 5.59
N ASP G 320 19.29 -54.76 4.58
CA ASP G 320 19.54 -53.40 4.12
C ASP G 320 18.38 -52.92 3.25
N THR G 321 17.90 -51.72 3.54
CA THR G 321 16.73 -51.12 2.92
C THR G 321 17.16 -49.87 2.16
N ASN G 322 16.17 -49.09 1.72
CA ASN G 322 16.42 -47.90 0.93
C ASN G 322 15.48 -46.79 1.36
N LEU G 323 15.68 -45.61 0.78
CA LEU G 323 14.82 -44.47 1.08
C LEU G 323 13.39 -44.77 0.63
N ALA G 324 12.43 -44.24 1.39
CA ALA G 324 11.03 -44.63 1.22
C ALA G 324 10.53 -44.32 -0.18
N SER G 325 9.60 -45.15 -0.63
CA SER G 325 8.90 -44.89 -1.89
C SER G 325 7.82 -43.84 -1.67
N SER G 326 7.63 -43.00 -2.68
CA SER G 326 6.50 -42.08 -2.69
C SER G 326 5.21 -42.88 -2.66
N THR G 327 4.40 -42.68 -1.62
CA THR G 327 3.10 -43.31 -1.55
C THR G 327 2.05 -42.35 -2.09
N ILE G 328 0.95 -42.92 -2.59
CA ILE G 328 -0.13 -42.15 -3.18
C ILE G 328 -1.46 -42.63 -2.63
N VAL G 329 -2.39 -41.70 -2.44
CA VAL G 329 -3.73 -41.99 -1.95
C VAL G 329 -4.67 -42.04 -3.15
N LYS G 330 -5.38 -43.15 -3.31
CA LYS G 330 -6.16 -43.38 -4.53
C LYS G 330 -7.23 -42.30 -4.72
N GLU G 331 -7.51 -42.00 -5.99
CA GLU G 331 -8.47 -41.00 -6.45
C GLU G 331 -9.81 -41.01 -5.72
N GLY G 332 -10.58 -42.08 -5.89
CA GLY G 332 -11.98 -42.07 -5.51
C GLY G 332 -12.29 -43.03 -4.38
N ALA G 333 -11.39 -43.11 -3.42
CA ALA G 333 -11.62 -43.94 -2.25
C ALA G 333 -12.66 -43.28 -1.36
N ASN G 334 -13.57 -44.12 -0.82
CA ASN G 334 -14.52 -43.61 0.15
C ASN G 334 -13.82 -43.17 1.41
N LYS G 335 -12.93 -44.00 1.94
CA LYS G 335 -12.20 -43.70 3.16
C LYS G 335 -10.98 -42.84 2.87
N GLU G 336 -10.50 -42.17 3.92
CA GLU G 336 -9.17 -41.59 3.90
C GLU G 336 -8.18 -42.66 4.33
N VAL G 337 -7.20 -42.95 3.48
CA VAL G 337 -6.24 -44.02 3.77
C VAL G 337 -5.42 -43.61 4.99
N LEU G 338 -5.44 -44.45 6.02
CA LEU G 338 -4.67 -44.20 7.25
C LEU G 338 -3.29 -44.83 7.08
N GLY G 339 -2.29 -44.00 6.80
CA GLY G 339 -0.94 -44.48 6.67
C GLY G 339 0.10 -43.42 6.92
N ILE G 340 1.36 -43.76 6.72
CA ILE G 340 2.39 -42.76 6.45
C ILE G 340 2.41 -42.55 4.95
N LEU G 341 2.18 -41.32 4.53
CA LEU G 341 2.03 -40.99 3.12
C LEU G 341 3.28 -40.24 2.70
N VAL G 342 4.22 -40.95 2.09
CA VAL G 342 5.49 -40.36 1.72
C VAL G 342 5.36 -39.70 0.35
N SER G 343 5.74 -38.44 0.27
CA SER G 343 5.98 -37.72 -0.97
C SER G 343 7.34 -37.02 -0.83
N TYR G 344 7.77 -36.31 -1.88
CA TYR G 344 9.00 -35.53 -1.80
C TYR G 344 8.81 -34.24 -2.59
N ARG G 345 9.85 -33.41 -2.59
CA ARG G 345 9.95 -32.31 -3.54
C ARG G 345 11.35 -31.72 -3.50
N VAL G 346 11.91 -31.44 -4.68
CA VAL G 346 13.22 -30.80 -4.81
C VAL G 346 13.03 -29.30 -4.64
N LYS G 347 13.21 -28.81 -3.42
CA LYS G 347 13.04 -27.41 -3.04
C LYS G 347 14.28 -26.62 -3.47
N VAL G 348 14.10 -25.70 -4.42
CA VAL G 348 15.23 -24.91 -4.95
C VAL G 348 15.28 -23.62 -4.13
N LYS G 349 16.16 -23.60 -3.13
CA LYS G 349 16.25 -22.54 -2.15
C LYS G 349 17.39 -21.60 -2.49
N LEU G 350 17.06 -20.36 -2.83
CA LEU G 350 18.03 -19.32 -3.10
C LEU G 350 18.31 -18.49 -1.85
N VAL G 351 19.42 -17.77 -1.90
CA VAL G 351 19.85 -16.81 -0.89
C VAL G 351 20.08 -15.50 -1.62
N VAL G 352 19.42 -14.44 -1.18
CA VAL G 352 19.48 -13.14 -1.86
C VAL G 352 19.99 -12.10 -0.88
N SER G 353 20.91 -11.25 -1.34
CA SER G 353 21.50 -10.24 -0.45
C SER G 353 20.41 -9.38 0.17
N ARG G 354 20.51 -9.13 1.47
CA ARG G 354 21.67 -9.53 2.26
C ARG G 354 21.59 -10.94 2.85
N GLY G 355 20.79 -11.82 2.25
CA GLY G 355 20.73 -13.20 2.72
C GLY G 355 19.38 -13.77 3.08
N GLY G 356 18.31 -13.25 2.49
CA GLY G 356 17.00 -13.89 2.61
C GLY G 356 17.02 -15.25 1.93
N ASP G 357 16.53 -16.26 2.65
CA ASP G 357 16.62 -17.66 2.23
C ASP G 357 15.25 -18.10 1.70
N VAL G 358 15.04 -17.82 0.41
CA VAL G 358 13.72 -17.96 -0.21
C VAL G 358 13.72 -19.13 -1.19
N SER G 359 12.59 -19.82 -1.30
CA SER G 359 12.52 -20.97 -2.19
C SER G 359 11.11 -21.12 -2.72
N VAL G 360 10.86 -22.32 -3.32
CA VAL G 360 9.61 -22.61 -4.00
C VAL G 360 9.57 -24.10 -4.26
N GLU G 361 8.37 -24.64 -4.50
CA GLU G 361 8.20 -26.09 -4.59
C GLU G 361 7.28 -26.47 -5.76
N LEU G 362 7.15 -27.80 -5.95
CA LEU G 362 6.40 -28.49 -7.01
C LEU G 362 5.88 -29.83 -6.48
N PRO G 363 5.20 -30.65 -7.29
CA PRO G 363 5.11 -32.09 -6.97
C PRO G 363 6.17 -32.93 -7.67
N PHE G 364 6.51 -34.10 -7.11
CA PHE G 364 7.52 -35.00 -7.68
C PHE G 364 7.43 -36.37 -7.03
N VAL G 365 7.41 -37.43 -7.82
CA VAL G 365 7.08 -38.77 -7.36
C VAL G 365 8.29 -39.69 -7.49
N LEU G 366 8.50 -40.53 -6.46
CA LEU G 366 9.66 -41.42 -6.38
C LEU G 366 9.24 -42.87 -6.25
N MET G 367 8.29 -43.31 -7.08
CA MET G 367 7.77 -44.66 -6.96
C MET G 367 8.80 -45.69 -7.43
N HIS G 368 8.61 -46.92 -6.96
CA HIS G 368 9.47 -48.04 -7.29
C HIS G 368 9.21 -48.55 -8.72
N PRO G 369 10.20 -49.19 -9.34
CA PRO G 369 9.96 -49.88 -10.61
C PRO G 369 9.69 -51.39 -10.51
N LYS G 370 8.58 -51.88 -11.10
CA LYS G 370 8.19 -53.29 -10.99
C LYS G 370 9.12 -54.20 -11.76
N PRO G 371 9.09 -55.52 -11.49
CA PRO G 371 9.68 -56.46 -12.46
C PRO G 371 8.70 -56.76 -13.60
N LYS H 3 -7.67 -54.05 22.09
CA LYS H 3 -6.64 -54.85 22.77
C LYS H 3 -5.75 -55.54 21.74
N TYR H 4 -6.00 -56.83 21.59
CA TYR H 4 -5.62 -57.63 20.42
C TYR H 4 -4.12 -57.68 20.10
N SEP H 5 -3.40 -58.40 20.95
CA SEP H 5 -2.25 -59.23 20.55
CB SEP H 5 -2.62 -59.94 19.25
OG SEP H 5 -2.97 -61.30 19.51
C SEP H 5 -0.87 -58.58 20.40
O SEP H 5 -0.73 -57.36 20.35
P SEP H 5 -4.29 -61.59 20.41
O1P SEP H 5 -4.17 -63.10 20.95
O2P SEP H 5 -4.50 -60.65 21.70
O3P SEP H 5 -5.62 -61.47 19.50
N ALA H 6 0.14 -59.46 20.33
CA ALA H 6 1.54 -59.06 20.42
C ALA H 6 2.50 -59.98 19.64
N LYS H 7 3.70 -60.15 20.17
CA LYS H 7 4.86 -60.64 19.40
C LYS H 7 5.49 -61.96 19.87
N TPO H 8 6.61 -62.33 19.26
CA TPO H 8 7.58 -63.26 19.85
CB TPO H 8 7.60 -64.62 19.10
CG2 TPO H 8 9.04 -65.03 18.76
OG1 TPO H 8 6.99 -65.63 19.90
P TPO H 8 7.13 -67.11 19.25
O1P TPO H 8 8.49 -67.83 19.75
O2P TPO H 8 6.00 -67.94 19.73
O3P TPO H 8 7.08 -67.06 17.64
C TPO H 8 8.96 -62.61 19.86
O TPO H 8 9.67 -62.66 20.87
N GLY H 9 9.35 -62.00 18.74
CA GLY H 9 10.69 -61.43 18.62
C GLY H 9 11.62 -62.10 17.62
N LEU H 10 11.33 -61.91 16.33
CA LEU H 10 12.27 -62.13 15.22
C LEU H 10 12.49 -63.55 14.72
N TPO H 11 12.35 -63.68 13.40
CA TPO H 11 13.04 -64.65 12.56
CB TPO H 11 12.14 -65.84 12.17
CG2 TPO H 11 10.84 -65.83 12.97
OG1 TPO H 11 11.95 -65.93 10.74
P TPO H 11 10.63 -65.19 10.14
O1P TPO H 11 10.88 -64.98 8.70
O2P TPO H 11 10.37 -63.74 10.80
O3P TPO H 11 9.32 -66.11 10.28
C TPO H 11 13.45 -63.84 11.35
O TPO H 11 12.70 -62.96 10.95
N LYS H 12 14.61 -64.10 10.75
CA LYS H 12 15.05 -63.21 9.68
C LYS H 12 14.99 -63.86 8.31
N LEU H 13 15.17 -65.18 8.28
CA LEU H 13 15.28 -65.92 7.02
C LEU H 13 14.71 -67.30 7.26
N ILE H 14 15.10 -68.25 6.41
CA ILE H 14 14.85 -69.67 6.66
C ILE H 14 15.27 -70.06 8.08
N ARG I 29 -20.11 2.85 2.55
CA ARG I 29 -19.60 3.13 1.22
C ARG I 29 -19.87 1.97 0.28
N VAL I 30 -20.32 2.28 -0.93
CA VAL I 30 -20.82 1.30 -1.87
C VAL I 30 -19.90 1.26 -3.10
N PHE I 31 -19.80 0.10 -3.73
CA PHE I 31 -19.00 -0.02 -4.93
C PHE I 31 -19.63 -1.05 -5.86
N LYS I 32 -19.37 -0.89 -7.15
CA LYS I 32 -19.94 -1.77 -8.15
C LYS I 32 -18.84 -2.36 -9.02
N LYS I 33 -19.09 -3.55 -9.53
CA LYS I 33 -18.42 -4.00 -10.75
C LYS I 33 -19.45 -3.91 -11.86
N SER I 34 -19.26 -2.94 -12.73
CA SER I 34 -20.05 -2.84 -13.95
C SER I 34 -19.38 -3.71 -14.99
N SER I 35 -19.94 -4.88 -15.22
CA SER I 35 -19.46 -5.68 -16.33
C SER I 35 -19.47 -4.81 -17.59
N PRO I 36 -18.41 -4.85 -18.39
CA PRO I 36 -18.35 -4.04 -19.61
C PRO I 36 -19.58 -4.29 -20.45
N ASN I 37 -20.18 -5.42 -20.11
CA ASN I 37 -21.29 -6.00 -20.82
C ASN I 37 -22.56 -5.17 -20.64
N CYS I 38 -22.66 -4.42 -19.54
CA CYS I 38 -23.85 -3.63 -19.21
C CYS I 38 -25.13 -4.46 -19.26
N LYS I 39 -24.98 -5.78 -19.16
CA LYS I 39 -26.09 -6.67 -18.85
C LYS I 39 -26.15 -6.92 -17.35
N LEU I 40 -25.05 -7.37 -16.75
CA LEU I 40 -25.00 -7.58 -15.31
C LEU I 40 -24.05 -6.57 -14.69
N THR I 41 -24.58 -5.71 -13.84
CA THR I 41 -23.80 -4.67 -13.17
C THR I 41 -24.07 -4.75 -11.67
N VAL I 42 -23.12 -5.28 -10.92
CA VAL I 42 -23.40 -5.73 -9.56
C VAL I 42 -22.93 -4.68 -8.55
N TYR I 43 -23.85 -4.28 -7.67
CA TYR I 43 -23.61 -3.30 -6.62
C TYR I 43 -23.53 -4.00 -5.27
N LEU I 44 -22.44 -3.74 -4.54
CA LEU I 44 -22.16 -4.37 -3.27
C LEU I 44 -21.73 -3.32 -2.25
N GLY I 45 -21.98 -3.64 -0.98
CA GLY I 45 -21.59 -2.75 0.11
C GLY I 45 -20.15 -2.88 0.56
N LYS I 46 -19.77 -4.05 1.05
CA LYS I 46 -18.45 -4.25 1.65
C LYS I 46 -17.77 -5.46 1.05
N ARG I 47 -16.45 -5.36 0.86
CA ARG I 47 -15.68 -6.50 0.36
C ARG I 47 -15.42 -7.51 1.48
N ASP I 48 -15.16 -7.04 2.69
CA ASP I 48 -14.99 -7.94 3.83
C ASP I 48 -16.33 -8.10 4.55
N PHE I 49 -16.85 -9.32 4.55
CA PHE I 49 -18.05 -9.64 5.32
C PHE I 49 -17.64 -10.30 6.61
N VAL I 50 -18.15 -9.79 7.72
CA VAL I 50 -17.72 -10.20 9.06
C VAL I 50 -18.30 -11.57 9.35
N ASP I 51 -17.47 -12.60 9.33
CA ASP I 51 -17.92 -13.94 9.69
C ASP I 51 -17.96 -14.01 11.22
N HIS I 52 -19.14 -13.76 11.77
CA HIS I 52 -19.35 -13.81 13.21
C HIS I 52 -19.31 -15.26 13.68
N LEU I 53 -19.52 -15.45 14.98
CA LEU I 53 -19.62 -16.80 15.52
C LEU I 53 -21.01 -17.38 15.32
N ASP I 54 -22.02 -16.73 15.92
CA ASP I 54 -23.37 -17.26 15.88
C ASP I 54 -23.95 -17.22 14.46
N LYS I 55 -23.63 -16.16 13.71
CA LYS I 55 -24.02 -16.09 12.30
C LYS I 55 -22.81 -15.77 11.44
N VAL I 56 -23.05 -15.51 10.16
CA VAL I 56 -22.04 -14.95 9.27
C VAL I 56 -22.54 -13.56 8.91
N ASP I 57 -21.77 -12.80 8.13
CA ASP I 57 -22.30 -11.57 7.58
C ASP I 57 -22.76 -11.84 6.15
N PRO I 58 -24.05 -11.78 5.86
CA PRO I 58 -24.53 -12.09 4.51
C PRO I 58 -24.17 -10.99 3.52
N VAL I 59 -24.37 -11.30 2.24
CA VAL I 59 -23.65 -10.62 1.17
C VAL I 59 -24.33 -9.35 0.66
N ASP I 60 -25.66 -9.28 0.68
CA ASP I 60 -26.46 -8.07 0.47
C ASP I 60 -26.04 -7.18 -0.71
N GLY I 61 -26.41 -7.57 -1.94
CA GLY I 61 -26.26 -6.67 -3.08
C GLY I 61 -27.36 -6.68 -4.13
N VAL I 62 -27.18 -5.92 -5.22
CA VAL I 62 -28.10 -5.96 -6.36
C VAL I 62 -27.30 -6.16 -7.65
N VAL I 63 -28.04 -6.40 -8.73
CA VAL I 63 -27.52 -6.58 -10.08
C VAL I 63 -28.42 -5.79 -11.02
N LEU I 64 -27.93 -4.64 -11.48
CA LEU I 64 -28.61 -3.89 -12.54
C LEU I 64 -28.47 -4.61 -13.86
N VAL I 65 -29.60 -4.89 -14.51
CA VAL I 65 -29.59 -5.59 -15.79
C VAL I 65 -30.30 -4.73 -16.83
N ASP I 66 -29.86 -4.87 -18.11
CA ASP I 66 -30.41 -4.10 -19.23
C ASP I 66 -31.24 -4.99 -20.14
N PRO I 67 -32.33 -4.45 -20.71
CA PRO I 67 -33.38 -5.33 -21.26
C PRO I 67 -33.23 -5.72 -22.72
N ASP I 68 -32.48 -4.97 -23.53
CA ASP I 68 -32.55 -5.15 -24.98
C ASP I 68 -31.70 -6.29 -25.51
N TYR I 69 -30.72 -6.77 -24.75
CA TYR I 69 -30.02 -8.00 -25.11
C TYR I 69 -30.45 -9.19 -24.27
N LEU I 70 -30.95 -8.92 -23.06
CA LEU I 70 -31.40 -9.97 -22.16
C LEU I 70 -32.83 -10.38 -22.50
N LYS I 71 -33.10 -10.62 -23.78
CA LYS I 71 -34.41 -11.09 -24.23
C LYS I 71 -34.46 -12.60 -24.06
N ASP I 72 -35.23 -13.07 -23.08
CA ASP I 72 -35.27 -14.48 -22.71
C ASP I 72 -33.87 -15.02 -22.42
N ARG I 73 -33.01 -14.14 -21.90
CA ARG I 73 -31.75 -14.53 -21.29
C ARG I 73 -31.87 -14.26 -19.80
N LYS I 74 -31.34 -15.16 -18.98
CA LYS I 74 -31.77 -15.27 -17.60
C LYS I 74 -30.62 -15.04 -16.63
N VAL I 75 -30.83 -14.14 -15.67
CA VAL I 75 -29.79 -13.68 -14.76
C VAL I 75 -29.71 -14.61 -13.56
N PHE I 76 -28.50 -15.03 -13.23
CA PHE I 76 -28.19 -15.77 -12.02
C PHE I 76 -26.99 -15.12 -11.33
N VAL I 77 -26.72 -15.55 -10.09
CA VAL I 77 -25.62 -15.00 -9.32
C VAL I 77 -25.25 -16.01 -8.23
N THR I 78 -23.95 -16.16 -8.00
CA THR I 78 -23.42 -17.25 -7.19
C THR I 78 -22.32 -16.75 -6.27
N LEU I 79 -22.09 -17.52 -5.21
CA LEU I 79 -21.01 -17.30 -4.25
C LEU I 79 -20.12 -18.53 -4.26
N THR I 80 -18.89 -18.38 -4.73
CA THR I 80 -17.93 -19.48 -4.79
C THR I 80 -16.98 -19.37 -3.61
N CYS I 81 -17.02 -20.37 -2.73
CA CYS I 81 -16.01 -20.54 -1.68
C CYS I 81 -14.89 -21.37 -2.29
N ALA I 82 -13.83 -20.72 -2.74
CA ALA I 82 -12.80 -21.39 -3.51
C ALA I 82 -11.55 -21.60 -2.68
N PHE I 83 -10.85 -22.69 -2.98
CA PHE I 83 -9.58 -23.04 -2.34
C PHE I 83 -8.54 -23.20 -3.45
N ARG I 84 -7.37 -22.59 -3.26
CA ARG I 84 -6.33 -22.52 -4.28
C ARG I 84 -5.06 -23.11 -3.72
N TYR I 85 -4.37 -23.93 -4.52
CA TYR I 85 -3.02 -24.35 -4.12
C TYR I 85 -2.04 -24.48 -5.29
N GLY I 86 -2.19 -23.69 -6.35
CA GLY I 86 -1.23 -23.83 -7.43
C GLY I 86 -1.46 -23.02 -8.69
N ARG I 87 -0.99 -23.54 -9.82
CA ARG I 87 -1.07 -22.86 -11.10
C ARG I 87 -2.38 -23.19 -11.80
N GLU I 88 -2.93 -22.21 -12.51
CA GLU I 88 -4.32 -22.25 -12.95
C GLU I 88 -4.56 -23.06 -14.20
N ASP I 89 -3.51 -23.49 -14.91
CA ASP I 89 -3.66 -24.44 -16.00
C ASP I 89 -2.69 -25.61 -15.92
N LEU I 90 -1.65 -25.53 -15.10
CA LEU I 90 -0.80 -26.69 -14.85
C LEU I 90 -1.50 -27.69 -13.94
N ASP I 91 -2.01 -27.23 -12.80
CA ASP I 91 -2.81 -28.07 -11.93
C ASP I 91 -4.14 -28.45 -12.56
N VAL I 92 -4.52 -27.79 -13.65
CA VAL I 92 -5.73 -28.17 -14.39
C VAL I 92 -5.49 -29.50 -15.10
N LEU I 93 -4.44 -29.57 -15.92
CA LEU I 93 -4.12 -30.79 -16.62
C LEU I 93 -3.47 -31.77 -15.65
N GLY I 94 -3.98 -32.99 -15.63
CA GLY I 94 -3.64 -33.94 -14.59
C GLY I 94 -4.85 -34.77 -14.26
N LEU I 95 -5.25 -34.82 -12.99
CA LEU I 95 -6.49 -35.51 -12.66
C LEU I 95 -7.29 -34.79 -11.56
N SER I 96 -7.01 -33.51 -11.30
CA SER I 96 -7.59 -32.85 -10.13
C SER I 96 -7.77 -31.36 -10.42
N PHE I 97 -8.62 -30.74 -9.61
CA PHE I 97 -8.83 -29.29 -9.65
C PHE I 97 -8.98 -28.81 -8.20
N ARG I 98 -9.28 -27.53 -8.05
CA ARG I 98 -9.58 -26.95 -6.75
C ARG I 98 -10.84 -27.57 -6.17
N LYS I 99 -10.75 -28.01 -4.92
CA LYS I 99 -11.88 -28.54 -4.17
C LYS I 99 -12.67 -27.35 -3.65
N ASP I 100 -13.61 -26.87 -4.47
CA ASP I 100 -14.42 -25.74 -4.06
C ASP I 100 -15.29 -26.12 -2.87
N LEU I 101 -14.92 -25.61 -1.69
CA LEU I 101 -15.53 -26.05 -0.44
C LEU I 101 -17.00 -25.70 -0.32
N PHE I 102 -17.54 -24.87 -1.22
CA PHE I 102 -18.95 -24.51 -1.20
C PHE I 102 -19.32 -23.66 -2.42
N ILE I 103 -20.56 -23.77 -2.88
CA ILE I 103 -21.07 -22.90 -3.93
C ILE I 103 -22.54 -22.60 -3.67
N ALA I 104 -22.88 -21.33 -3.52
CA ALA I 104 -24.26 -20.87 -3.39
C ALA I 104 -24.73 -20.36 -4.75
N THR I 105 -25.99 -20.67 -5.08
CA THR I 105 -26.53 -20.41 -6.42
C THR I 105 -27.90 -19.74 -6.29
N TYR I 106 -28.02 -18.54 -6.86
CA TYR I 106 -29.21 -17.71 -6.84
C TYR I 106 -29.69 -17.45 -8.25
N GLN I 107 -31.01 -17.34 -8.41
CA GLN I 107 -31.66 -16.91 -9.64
C GLN I 107 -32.24 -15.52 -9.41
N ALA I 108 -31.66 -14.52 -10.06
CA ALA I 108 -32.24 -13.18 -10.00
C ALA I 108 -33.38 -13.04 -11.00
N PHE I 109 -33.08 -13.19 -12.28
CA PHE I 109 -34.06 -13.04 -13.34
C PHE I 109 -34.26 -14.36 -14.08
N PRO I 110 -35.50 -14.76 -14.38
CA PRO I 110 -36.71 -13.97 -14.12
C PRO I 110 -37.18 -14.09 -12.68
N PRO I 111 -37.72 -13.01 -12.15
CA PRO I 111 -38.15 -13.04 -10.75
C PRO I 111 -39.43 -13.84 -10.58
N MET I 112 -39.56 -14.40 -9.39
CA MET I 112 -40.80 -14.96 -8.89
C MET I 112 -41.80 -13.84 -8.78
N PRO I 113 -43.03 -14.10 -8.38
CA PRO I 113 -43.89 -12.99 -8.01
C PRO I 113 -43.39 -12.30 -6.76
N ASN I 114 -42.43 -11.38 -6.95
CA ASN I 114 -41.65 -10.70 -5.91
C ASN I 114 -40.79 -11.66 -5.10
N PRO I 115 -39.67 -12.13 -5.65
CA PRO I 115 -38.75 -12.97 -4.86
C PRO I 115 -38.27 -12.31 -3.58
N PRO I 116 -37.73 -11.03 -3.60
CA PRO I 116 -37.00 -10.53 -2.41
C PRO I 116 -37.95 -10.20 -1.28
N ARG I 117 -37.98 -11.08 -0.28
CA ARG I 117 -38.97 -10.87 0.80
C ARG I 117 -38.41 -10.08 1.98
N PRO I 118 -37.23 -10.45 2.51
CA PRO I 118 -36.46 -9.55 3.46
C PRO I 118 -35.50 -8.62 2.75
N PRO I 119 -35.99 -7.53 2.22
CA PRO I 119 -35.13 -6.73 1.40
C PRO I 119 -34.16 -6.05 2.33
N THR I 120 -32.92 -6.01 1.89
CA THR I 120 -31.95 -5.25 2.62
C THR I 120 -32.20 -3.78 2.36
N ARG I 121 -31.90 -2.97 3.36
CA ARG I 121 -32.00 -1.54 3.26
C ARG I 121 -30.77 -0.91 2.59
N LEU I 122 -29.72 -1.69 2.35
CA LEU I 122 -28.75 -1.32 1.32
C LEU I 122 -29.38 -1.44 -0.05
N GLN I 123 -30.05 -2.56 -0.30
CA GLN I 123 -30.79 -2.72 -1.53
C GLN I 123 -32.16 -2.06 -1.49
N ASP I 124 -32.45 -1.21 -0.49
CA ASP I 124 -33.42 -0.14 -0.71
C ASP I 124 -32.78 1.02 -1.44
N ARG I 125 -31.59 1.39 -0.98
CA ARG I 125 -30.80 2.43 -1.64
C ARG I 125 -30.46 2.03 -3.08
N LEU I 126 -30.17 0.75 -3.31
CA LEU I 126 -29.76 0.28 -4.62
C LEU I 126 -30.94 0.06 -5.57
N LEU I 127 -32.17 0.12 -5.07
CA LEU I 127 -33.35 0.05 -5.93
C LEU I 127 -33.96 1.43 -6.19
N LYS I 128 -33.99 2.30 -5.18
CA LYS I 128 -34.55 3.63 -5.40
C LYS I 128 -33.62 4.49 -6.25
N LYS I 129 -32.30 4.34 -6.08
CA LYS I 129 -31.36 5.05 -6.95
C LYS I 129 -31.37 4.49 -8.35
N LEU I 130 -31.38 3.15 -8.48
CA LEU I 130 -31.30 2.50 -9.78
C LEU I 130 -32.70 2.31 -10.37
N GLY I 131 -32.80 1.52 -11.44
CA GLY I 131 -34.01 1.42 -12.21
C GLY I 131 -34.93 0.30 -11.77
N GLN I 132 -36.06 0.19 -12.48
CA GLN I 132 -37.06 -0.84 -12.19
C GLN I 132 -36.55 -2.24 -12.46
N HIS I 133 -35.50 -2.39 -13.27
CA HIS I 133 -34.94 -3.68 -13.63
C HIS I 133 -33.81 -4.12 -12.69
N ALA I 134 -33.43 -3.28 -11.73
CA ALA I 134 -32.39 -3.67 -10.77
C ALA I 134 -32.87 -4.83 -9.92
N HIS I 135 -31.99 -5.83 -9.74
CA HIS I 135 -32.38 -7.16 -9.28
C HIS I 135 -31.67 -7.55 -7.98
N PRO I 136 -32.37 -7.91 -6.92
CA PRO I 136 -31.71 -8.17 -5.63
C PRO I 136 -31.00 -9.53 -5.57
N PHE I 137 -30.12 -9.67 -4.57
CA PHE I 137 -29.48 -10.94 -4.21
C PHE I 137 -28.78 -10.80 -2.86
N PHE I 138 -28.73 -11.91 -2.09
CA PHE I 138 -28.27 -11.84 -0.70
C PHE I 138 -27.18 -12.81 -0.19
N PHE I 139 -27.23 -14.10 -0.54
CA PHE I 139 -26.14 -15.04 -0.23
C PHE I 139 -25.79 -15.34 1.24
N THR I 140 -26.56 -16.22 1.91
CA THR I 140 -26.18 -16.73 3.24
C THR I 140 -25.06 -17.78 3.18
N ILE I 141 -24.21 -17.79 4.21
CA ILE I 141 -23.08 -18.73 4.34
C ILE I 141 -23.29 -19.73 5.48
N PRO I 142 -22.96 -21.03 5.29
CA PRO I 142 -23.07 -22.01 6.39
C PRO I 142 -21.90 -22.01 7.39
N GLN I 143 -21.90 -23.00 8.28
CA GLN I 143 -21.00 -23.05 9.44
C GLN I 143 -19.85 -24.05 9.28
N ASN I 144 -19.42 -24.33 8.05
CA ASN I 144 -18.31 -25.26 7.84
C ASN I 144 -17.18 -24.65 7.02
N LEU I 145 -17.24 -23.35 6.73
CA LEU I 145 -16.34 -22.73 5.76
C LEU I 145 -15.26 -21.92 6.47
N PRO I 146 -13.99 -22.10 6.10
CA PRO I 146 -12.91 -21.30 6.71
C PRO I 146 -12.81 -19.88 6.16
N CYS I 147 -11.77 -19.15 6.56
CA CYS I 147 -11.59 -17.76 6.15
C CYS I 147 -11.08 -17.65 4.72
N SER I 148 -10.79 -16.42 4.33
CA SER I 148 -9.92 -16.12 3.20
C SER I 148 -8.51 -15.97 3.75
N VAL I 149 -7.70 -17.02 3.59
CA VAL I 149 -6.35 -17.06 4.14
C VAL I 149 -5.40 -17.61 3.09
N THR I 150 -4.25 -16.97 2.94
CA THR I 150 -3.19 -17.44 2.06
C THR I 150 -1.89 -17.56 2.86
N LEU I 151 -0.85 -18.11 2.21
CA LEU I 151 0.51 -18.07 2.74
C LEU I 151 1.16 -16.73 2.43
N GLN I 152 2.48 -16.67 2.56
CA GLN I 152 3.26 -15.63 1.93
C GLN I 152 4.10 -16.23 0.82
N PRO I 153 4.10 -15.65 -0.37
CA PRO I 153 5.01 -16.12 -1.42
C PRO I 153 6.45 -15.89 -1.02
N GLY I 154 7.36 -16.56 -1.71
CA GLY I 154 8.76 -16.27 -1.58
C GLY I 154 9.13 -15.09 -2.45
N PRO I 155 10.28 -14.47 -2.17
CA PRO I 155 10.88 -13.57 -3.17
C PRO I 155 11.43 -14.28 -4.42
N GLU I 156 11.59 -15.60 -4.41
CA GLU I 156 12.13 -16.37 -5.52
C GLU I 156 11.08 -17.33 -6.05
N ASP I 157 11.31 -17.83 -7.27
CA ASP I 157 10.25 -18.28 -8.16
C ASP I 157 10.39 -19.71 -8.62
N THR I 158 9.28 -20.42 -8.61
CA THR I 158 9.03 -21.42 -9.63
C THR I 158 7.57 -21.44 -10.03
N GLY I 159 6.73 -20.60 -9.46
CA GLY I 159 5.36 -20.52 -9.90
C GLY I 159 4.44 -21.25 -8.95
N LYS I 160 3.88 -20.51 -8.01
CA LYS I 160 3.13 -21.12 -6.92
C LYS I 160 2.18 -20.09 -6.34
N ALA I 161 1.03 -20.59 -5.91
CA ALA I 161 0.09 -19.81 -5.11
C ALA I 161 -0.60 -20.78 -4.18
N CYS I 162 -1.33 -20.21 -3.22
CA CYS I 162 -2.22 -20.98 -2.36
C CYS I 162 -3.10 -19.98 -1.63
N GLY I 163 -4.17 -20.50 -1.05
CA GLY I 163 -5.07 -19.69 -0.24
C GLY I 163 -6.55 -19.92 -0.49
N VAL I 164 -7.34 -19.73 0.56
CA VAL I 164 -8.79 -19.73 0.40
C VAL I 164 -9.25 -18.35 -0.01
N ASP I 165 -10.44 -18.29 -0.60
CA ASP I 165 -11.04 -17.01 -0.95
C ASP I 165 -12.54 -17.20 -1.12
N PHE I 166 -13.26 -16.09 -1.05
CA PHE I 166 -14.70 -16.05 -1.31
C PHE I 166 -14.94 -15.06 -2.43
N GLU I 167 -15.72 -15.47 -3.43
CA GLU I 167 -15.94 -14.60 -4.59
C GLU I 167 -17.39 -14.70 -5.02
N ILE I 168 -17.83 -13.72 -5.81
CA ILE I 168 -19.23 -13.62 -6.22
C ILE I 168 -19.30 -13.36 -7.73
N ARG I 169 -20.00 -14.23 -8.45
CA ARG I 169 -20.15 -14.15 -9.90
C ARG I 169 -21.61 -13.99 -10.28
N ALA I 170 -21.93 -13.07 -11.18
CA ALA I 170 -23.27 -12.92 -11.73
C ALA I 170 -23.23 -13.12 -13.24
N PHE I 171 -24.07 -14.01 -13.76
CA PHE I 171 -23.90 -14.47 -15.14
C PHE I 171 -25.24 -14.87 -15.76
N CYS I 172 -25.19 -15.27 -17.04
CA CYS I 172 -26.38 -15.62 -17.83
C CYS I 172 -25.99 -16.61 -18.92
N ALA I 173 -26.29 -17.89 -18.71
CA ALA I 173 -26.12 -18.92 -19.73
C ALA I 173 -27.47 -19.38 -20.24
N LYS I 174 -27.53 -19.74 -21.53
CA LYS I 174 -28.78 -20.21 -22.13
C LYS I 174 -29.33 -21.41 -21.39
N SER I 175 -28.47 -22.39 -21.12
CA SER I 175 -28.88 -23.58 -20.40
C SER I 175 -29.17 -23.23 -18.94
N ILE I 176 -29.69 -24.23 -18.22
CA ILE I 176 -30.16 -24.05 -16.84
C ILE I 176 -28.96 -23.75 -15.94
N GLU I 177 -29.25 -23.27 -14.72
CA GLU I 177 -28.24 -22.87 -13.76
C GLU I 177 -27.13 -23.90 -13.59
N GLU I 178 -27.37 -25.15 -13.94
CA GLU I 178 -26.40 -26.22 -13.79
C GLU I 178 -25.34 -26.21 -14.88
N LYS I 179 -25.37 -25.21 -15.76
CA LYS I 179 -24.31 -24.99 -16.75
C LYS I 179 -24.05 -23.50 -16.86
N SER I 180 -22.82 -23.15 -17.21
CA SER I 180 -22.43 -21.75 -17.34
C SER I 180 -21.13 -21.67 -18.13
N HIS I 181 -20.69 -20.44 -18.38
CA HIS I 181 -19.57 -20.22 -19.29
C HIS I 181 -18.98 -18.82 -19.07
N LYS I 182 -18.26 -18.35 -20.09
CA LYS I 182 -17.77 -16.98 -20.23
C LYS I 182 -18.92 -16.06 -20.61
N ARG I 183 -18.60 -14.89 -21.16
CA ARG I 183 -19.51 -14.09 -21.98
C ARG I 183 -20.75 -13.62 -21.23
N ASN I 184 -20.79 -13.72 -19.90
CA ASN I 184 -21.71 -12.85 -19.15
C ASN I 184 -21.21 -12.53 -17.74
N SER I 185 -20.05 -13.04 -17.36
CA SER I 185 -19.74 -13.21 -15.95
C SER I 185 -19.20 -11.94 -15.31
N VAL I 186 -19.69 -11.64 -14.12
CA VAL I 186 -19.26 -10.50 -13.32
C VAL I 186 -18.71 -11.05 -12.01
N ARG I 187 -17.42 -10.84 -11.76
CA ARG I 187 -16.75 -11.44 -10.62
C ARG I 187 -16.23 -10.39 -9.67
N LEU I 188 -16.37 -10.63 -8.38
CA LEU I 188 -15.79 -9.72 -7.40
C LEU I 188 -15.30 -10.50 -6.20
N ILE I 189 -14.12 -10.13 -5.73
CA ILE I 189 -13.54 -10.74 -4.55
C ILE I 189 -14.20 -10.17 -3.30
N ILE I 190 -14.66 -11.05 -2.42
CA ILE I 190 -15.08 -10.65 -1.09
C ILE I 190 -14.21 -11.47 -0.14
N ARG I 191 -14.46 -11.36 1.16
CA ARG I 191 -13.55 -11.94 2.13
C ARG I 191 -14.33 -12.47 3.31
N LYS I 192 -13.80 -13.52 3.93
CA LYS I 192 -14.41 -14.17 5.09
C LYS I 192 -13.30 -14.48 6.08
N VAL I 193 -13.68 -14.59 7.36
CA VAL I 193 -12.73 -14.41 8.45
C VAL I 193 -13.12 -15.29 9.65
N GLN I 194 -12.11 -15.85 10.32
CA GLN I 194 -12.32 -16.38 11.66
C GLN I 194 -12.12 -15.26 12.68
N PHE I 195 -12.84 -15.37 13.79
CA PHE I 195 -12.83 -14.33 14.81
C PHE I 195 -13.05 -15.03 16.15
N ALA I 196 -11.98 -15.15 16.93
CA ALA I 196 -11.97 -16.07 18.07
C ALA I 196 -12.94 -15.62 19.17
N PRO I 197 -13.33 -16.54 20.06
CA PRO I 197 -14.41 -16.26 21.00
C PRO I 197 -14.12 -15.25 22.11
N GLU I 198 -15.11 -15.13 22.99
CA GLU I 198 -15.06 -14.21 24.11
C GLU I 198 -13.93 -14.52 25.07
N THR I 199 -13.62 -15.81 25.25
CA THR I 199 -12.86 -16.23 26.41
C THR I 199 -11.47 -16.68 26.02
N PRO I 200 -10.45 -16.21 26.71
CA PRO I 200 -9.12 -16.84 26.60
C PRO I 200 -9.06 -18.11 27.42
N GLY I 201 -8.16 -19.00 27.02
CA GLY I 201 -7.88 -20.17 27.80
C GLY I 201 -7.19 -19.78 29.10
N PRO I 202 -6.54 -20.74 29.75
CA PRO I 202 -5.70 -20.39 30.91
C PRO I 202 -4.60 -19.43 30.49
N GLN I 203 -4.11 -18.68 31.46
CA GLN I 203 -3.01 -17.76 31.19
C GLN I 203 -1.75 -18.60 31.01
N PRO I 204 -1.28 -18.78 29.76
CA PRO I 204 -0.28 -19.81 29.49
C PRO I 204 1.11 -19.36 29.93
N SER I 205 1.80 -20.23 30.64
CA SER I 205 3.11 -19.93 31.18
C SER I 205 4.04 -21.10 30.88
N ALA I 206 5.29 -21.00 31.34
CA ALA I 206 6.30 -22.01 30.98
C ALA I 206 7.37 -22.08 32.06
N GLU I 207 7.68 -23.28 32.58
CA GLU I 207 8.80 -23.42 33.52
C GLU I 207 9.34 -24.86 33.52
N THR I 208 10.39 -25.11 32.74
CA THR I 208 10.89 -26.46 32.58
C THR I 208 12.25 -26.66 33.25
N THR I 209 12.59 -27.93 33.43
CA THR I 209 13.92 -28.36 33.87
C THR I 209 14.69 -28.94 32.69
N ARG I 210 16.00 -29.09 32.88
CA ARG I 210 16.87 -29.59 31.82
C ARG I 210 18.02 -30.36 32.44
N HIS I 211 18.28 -31.57 31.92
CA HIS I 211 19.30 -32.44 32.46
C HIS I 211 20.23 -32.91 31.34
N PHE I 212 21.49 -33.09 31.69
CA PHE I 212 22.59 -33.07 30.74
C PHE I 212 23.51 -34.27 30.99
N LEU I 213 24.71 -34.20 30.43
CA LEU I 213 25.79 -35.12 30.78
C LEU I 213 26.85 -34.50 31.66
N MET I 214 27.04 -33.18 31.62
CA MET I 214 28.22 -32.56 32.18
C MET I 214 27.99 -31.71 33.42
N SER I 215 26.83 -31.09 33.58
CA SER I 215 26.52 -30.33 34.79
C SER I 215 25.27 -30.91 35.43
N ASP I 216 25.36 -31.22 36.72
CA ASP I 216 24.37 -32.02 37.44
C ASP I 216 23.17 -31.22 37.92
N ARG I 217 23.43 -30.13 38.65
CA ARG I 217 22.39 -29.29 39.24
C ARG I 217 21.33 -28.92 38.20
N ARG I 218 20.09 -28.64 38.64
CA ARG I 218 18.97 -28.60 37.71
C ARG I 218 19.18 -27.56 36.60
N SER I 219 20.01 -26.55 36.84
CA SER I 219 20.75 -25.77 35.85
C SER I 219 19.89 -24.89 34.94
N LEU I 220 18.62 -25.25 34.77
CA LEU I 220 17.72 -24.36 34.03
C LEU I 220 16.31 -24.66 34.53
N HIS I 221 15.94 -24.00 35.62
CA HIS I 221 14.55 -23.66 35.88
C HIS I 221 14.28 -22.40 35.09
N LEU I 222 13.30 -22.43 34.20
CA LEU I 222 13.10 -21.32 33.27
C LEU I 222 11.61 -21.02 33.16
N GLU I 223 11.15 -20.01 33.90
CA GLU I 223 9.72 -19.71 34.02
C GLU I 223 9.31 -18.63 33.02
N ALA I 224 8.88 -19.05 31.83
CA ALA I 224 8.39 -18.11 30.84
C ALA I 224 6.90 -17.88 31.06
N SER I 225 6.59 -17.05 32.05
CA SER I 225 5.23 -16.69 32.38
C SER I 225 4.69 -15.63 31.42
N LEU I 226 3.38 -15.67 31.18
CA LEU I 226 2.75 -14.74 30.26
C LEU I 226 1.48 -14.15 30.86
N ASP I 227 0.71 -13.45 30.02
CA ASP I 227 -0.46 -12.72 30.49
C ASP I 227 -1.73 -13.15 29.80
N LYS I 228 -1.72 -13.31 28.48
CA LYS I 228 -2.92 -13.55 27.71
C LYS I 228 -2.69 -14.69 26.74
N GLU I 229 -3.75 -15.12 26.10
CA GLU I 229 -3.79 -16.34 25.31
C GLU I 229 -4.17 -16.10 23.86
N LEU I 230 -5.11 -15.20 23.59
CA LEU I 230 -5.57 -14.90 22.23
C LEU I 230 -5.39 -13.42 21.98
N TYR I 231 -4.25 -13.06 21.42
CA TYR I 231 -3.99 -11.71 20.96
C TYR I 231 -4.53 -11.54 19.53
N TYR I 232 -4.39 -10.33 19.01
CA TYR I 232 -4.89 -9.89 17.71
C TYR I 232 -3.77 -9.12 17.05
N HIS I 233 -4.06 -8.14 16.21
CA HIS I 233 -3.02 -7.29 15.63
C HIS I 233 -3.05 -5.91 16.28
N GLY I 234 -1.99 -5.57 17.00
CA GLY I 234 -1.89 -4.27 17.64
C GLY I 234 -1.64 -4.30 19.13
N GLU I 235 -1.06 -5.39 19.62
CA GLU I 235 -0.78 -5.63 21.03
C GLU I 235 0.71 -5.93 21.21
N PRO I 236 1.23 -5.95 22.43
CA PRO I 236 2.66 -6.23 22.60
C PRO I 236 2.94 -7.72 22.56
N LEU I 237 4.23 -8.07 22.57
CA LEU I 237 4.64 -9.45 22.81
C LEU I 237 5.64 -9.47 23.97
N ASN I 238 5.12 -9.46 25.19
CA ASN I 238 5.95 -9.56 26.39
C ASN I 238 5.96 -10.98 26.89
N VAL I 239 7.14 -11.47 27.30
CA VAL I 239 7.28 -12.79 27.91
C VAL I 239 8.14 -12.63 29.15
N ASN I 240 7.55 -12.86 30.33
CA ASN I 240 8.23 -12.69 31.61
C ASN I 240 9.02 -13.96 31.91
N VAL I 241 10.32 -13.96 31.63
CA VAL I 241 11.16 -15.14 31.74
C VAL I 241 11.93 -15.05 33.07
N HIS I 242 11.61 -15.96 34.00
CA HIS I 242 12.19 -16.05 35.34
C HIS I 242 13.17 -17.22 35.37
N VAL I 243 14.46 -16.95 35.24
CA VAL I 243 15.45 -17.99 35.45
C VAL I 243 15.62 -18.23 36.94
N THR I 244 15.57 -19.50 37.35
CA THR I 244 15.96 -19.95 38.67
C THR I 244 17.22 -20.79 38.52
N ASN I 245 18.32 -20.35 39.12
CA ASN I 245 19.66 -20.80 38.77
C ASN I 245 20.40 -21.25 40.01
N ASN I 246 21.08 -22.40 39.90
CA ASN I 246 22.17 -22.74 40.79
C ASN I 246 23.03 -23.76 40.04
N SER I 247 24.10 -23.29 39.42
CA SER I 247 24.86 -24.17 38.53
C SER I 247 26.14 -23.49 38.08
N ALA I 248 26.95 -24.29 37.40
CA ALA I 248 28.06 -23.86 36.56
C ALA I 248 27.54 -23.74 35.12
N LYS I 249 28.44 -23.78 34.13
CA LYS I 249 28.09 -23.73 32.72
C LYS I 249 27.46 -22.39 32.36
N THR I 250 28.32 -21.37 32.39
CA THR I 250 27.96 -19.97 32.16
C THR I 250 27.00 -19.81 31.00
N VAL I 251 25.81 -19.29 31.30
CA VAL I 251 24.82 -18.98 30.28
C VAL I 251 25.21 -17.67 29.61
N LYS I 252 24.95 -17.57 28.30
CA LYS I 252 25.31 -16.37 27.55
C LYS I 252 24.13 -15.44 27.35
N LYS I 253 23.04 -15.93 26.76
CA LYS I 253 21.97 -15.04 26.31
C LYS I 253 20.62 -15.75 26.34
N ILE I 254 19.57 -14.95 26.28
CA ILE I 254 18.21 -15.44 26.03
C ILE I 254 17.66 -14.67 24.84
N ARG I 255 17.71 -15.30 23.67
CA ARG I 255 16.98 -14.89 22.49
C ARG I 255 15.51 -15.26 22.65
N VAL I 256 14.59 -14.39 22.20
CA VAL I 256 13.17 -14.73 22.18
C VAL I 256 12.69 -14.59 20.74
N SER I 257 11.88 -15.56 20.30
CA SER I 257 11.64 -15.78 18.88
C SER I 257 10.19 -16.17 18.66
N VAL I 258 9.47 -15.39 17.86
CA VAL I 258 8.07 -15.67 17.57
C VAL I 258 8.01 -16.64 16.38
N ARG I 259 7.88 -17.93 16.65
CA ARG I 259 7.72 -18.91 15.59
C ARG I 259 6.34 -18.79 14.97
N GLN I 260 6.30 -18.75 13.64
CA GLN I 260 5.09 -19.08 12.90
C GLN I 260 5.15 -20.54 12.48
N TYR I 261 4.04 -21.26 12.68
CA TYR I 261 3.87 -22.61 12.18
C TYR I 261 2.90 -22.56 11.00
N ALA I 262 3.43 -22.86 9.82
CA ALA I 262 2.66 -22.86 8.58
C ALA I 262 2.24 -24.30 8.27
N ASP I 263 1.18 -24.72 8.94
CA ASP I 263 0.58 -26.04 8.72
C ASP I 263 -0.13 -26.05 7.37
N ILE I 264 0.12 -27.06 6.53
CA ILE I 264 -0.51 -27.11 5.21
C ILE I 264 -0.87 -28.54 4.83
N CYS I 265 -2.16 -28.89 4.90
CA CYS I 265 -2.65 -30.25 4.65
C CYS I 265 -3.18 -30.35 3.22
N LEU I 266 -2.27 -30.56 2.26
CA LEU I 266 -2.73 -30.72 0.88
C LEU I 266 -2.72 -32.16 0.39
N PHE I 267 -1.51 -32.70 0.22
CA PHE I 267 -1.27 -34.12 0.14
C PHE I 267 -0.79 -34.64 1.47
N SER I 268 -0.47 -33.71 2.37
CA SER I 268 -0.17 -33.95 3.78
C SER I 268 0.02 -32.61 4.47
N THR I 269 -0.39 -32.57 5.74
CA THR I 269 -0.08 -31.46 6.64
C THR I 269 1.43 -31.28 6.76
N ALA I 270 1.91 -30.06 6.57
CA ALA I 270 3.32 -29.77 6.85
C ALA I 270 3.43 -28.45 7.57
N GLN I 271 4.39 -28.35 8.48
CA GLN I 271 4.73 -27.11 9.14
C GLN I 271 6.03 -26.57 8.56
N TYR I 272 6.10 -25.25 8.36
CA TYR I 272 7.25 -24.62 7.71
C TYR I 272 7.78 -23.52 8.63
N LYS I 273 8.79 -23.88 9.43
CA LYS I 273 9.33 -22.99 10.45
C LYS I 273 9.94 -21.74 9.83
N CYS I 274 9.59 -20.58 10.38
CA CYS I 274 10.18 -19.29 10.05
C CYS I 274 9.79 -18.27 11.10
N PRO I 275 10.73 -17.56 11.71
CA PRO I 275 10.38 -16.59 12.76
C PRO I 275 9.91 -15.27 12.17
N VAL I 276 8.65 -14.92 12.46
CA VAL I 276 8.13 -13.63 12.02
C VAL I 276 8.92 -12.50 12.65
N ALA I 277 9.34 -12.67 13.90
CA ALA I 277 10.15 -11.66 14.56
C ALA I 277 10.98 -12.35 15.65
N GLN I 278 12.03 -11.64 16.07
CA GLN I 278 12.90 -12.10 17.13
C GLN I 278 13.49 -10.88 17.79
N LEU I 279 13.53 -10.88 19.11
CA LEU I 279 14.29 -9.88 19.83
C LEU I 279 15.17 -10.59 20.84
N GLU I 280 16.10 -9.82 21.42
CA GLU I 280 16.90 -10.32 22.52
C GLU I 280 17.75 -9.18 23.04
N GLN I 281 18.01 -9.22 24.33
CA GLN I 281 18.91 -8.32 25.03
C GLN I 281 20.01 -9.19 25.62
N ASP I 282 21.08 -8.55 26.10
CA ASP I 282 22.25 -9.29 26.55
C ASP I 282 22.17 -9.70 28.01
N ASP I 283 20.97 -9.77 28.58
CA ASP I 283 20.81 -9.93 30.01
C ASP I 283 21.34 -11.28 30.50
N GLN I 284 22.48 -11.24 31.17
CA GLN I 284 23.20 -12.44 31.58
C GLN I 284 22.83 -12.81 33.02
N VAL I 285 22.87 -14.11 33.31
CA VAL I 285 22.36 -14.66 34.56
C VAL I 285 23.53 -15.20 35.37
N SER I 286 23.56 -14.86 36.66
CA SER I 286 24.57 -15.34 37.58
C SER I 286 24.26 -16.74 38.07
N PRO I 287 25.26 -17.47 38.53
CA PRO I 287 24.99 -18.73 39.22
C PRO I 287 24.36 -18.51 40.60
N SER I 288 23.42 -19.39 40.94
CA SER I 288 22.79 -19.44 42.26
C SER I 288 21.99 -18.20 42.66
N SER I 289 20.93 -17.88 41.91
CA SER I 289 19.86 -16.99 42.37
C SER I 289 18.72 -17.06 41.36
N THR I 290 17.70 -16.22 41.59
CA THR I 290 16.58 -16.11 40.65
C THR I 290 16.59 -14.72 40.03
N PHE I 291 16.75 -14.68 38.70
CA PHE I 291 16.72 -13.43 37.94
C PHE I 291 15.56 -13.53 36.95
N CYS I 292 15.07 -12.38 36.48
CA CYS I 292 13.93 -12.42 35.59
C CYS I 292 13.87 -11.17 34.72
N LYS I 293 13.63 -11.37 33.43
CA LYS I 293 13.45 -10.27 32.49
C LYS I 293 12.24 -10.53 31.61
N VAL I 294 11.48 -9.47 31.34
CA VAL I 294 10.43 -9.53 30.33
C VAL I 294 11.07 -9.21 28.97
N TYR I 295 10.97 -10.15 28.04
CA TYR I 295 11.48 -9.94 26.70
C TYR I 295 10.33 -9.62 25.77
N THR I 296 10.50 -8.55 25.00
CA THR I 296 9.37 -7.75 24.55
C THR I 296 9.53 -7.43 23.07
N ILE I 297 8.57 -7.89 22.26
CA ILE I 297 8.72 -8.09 20.82
C ILE I 297 7.53 -7.48 20.08
N THR I 298 7.81 -6.96 18.88
CA THR I 298 6.81 -6.68 17.85
C THR I 298 7.08 -7.53 16.62
N PRO I 299 6.18 -8.40 16.22
CA PRO I 299 6.10 -8.78 14.82
C PRO I 299 5.24 -7.80 14.03
N LEU I 300 5.84 -7.04 13.13
CA LEU I 300 5.10 -6.18 12.23
C LEU I 300 5.03 -6.82 10.85
N LEU I 301 3.95 -6.53 10.12
CA LEU I 301 3.85 -6.97 8.74
C LEU I 301 4.88 -6.26 7.87
N SER I 302 5.15 -4.98 8.16
CA SER I 302 6.06 -4.19 7.34
C SER I 302 7.51 -4.65 7.45
N ASP I 303 7.87 -5.35 8.54
CA ASP I 303 9.23 -5.83 8.68
C ASP I 303 9.46 -7.10 7.85
N ASN I 304 8.46 -7.97 7.80
CA ASN I 304 8.56 -9.22 7.05
C ASN I 304 8.02 -9.10 5.63
N ARG I 305 7.82 -7.88 5.13
CA ARG I 305 7.45 -7.73 3.72
C ARG I 305 8.67 -7.95 2.84
N GLU I 306 8.40 -8.49 1.64
CA GLU I 306 9.41 -9.05 0.74
C GLU I 306 10.30 -10.08 1.47
N LYS I 307 9.62 -11.04 2.09
CA LYS I 307 10.24 -12.15 2.81
C LYS I 307 9.44 -13.41 2.51
N ARG I 308 10.04 -14.58 2.73
CA ARG I 308 9.42 -15.83 2.31
C ARG I 308 8.63 -16.48 3.44
N GLY I 309 7.57 -17.19 3.06
CA GLY I 309 7.00 -18.27 3.85
C GLY I 309 6.42 -17.87 5.19
N LEU I 310 5.73 -16.73 5.25
CA LEU I 310 5.11 -16.25 6.47
C LEU I 310 3.65 -15.96 6.17
N ALA I 311 2.78 -16.95 6.42
CA ALA I 311 1.36 -16.85 6.13
C ALA I 311 0.82 -15.48 6.49
N LEU I 312 0.16 -14.85 5.52
CA LEU I 312 -0.51 -13.58 5.72
C LEU I 312 -2.00 -13.78 5.49
N ASP I 313 -2.82 -12.95 6.14
CA ASP I 313 -4.25 -13.02 5.90
C ASP I 313 -4.53 -12.72 4.43
N GLY I 314 -5.39 -13.53 3.82
CA GLY I 314 -5.63 -13.44 2.39
C GLY I 314 -6.13 -12.09 1.93
N GLN I 315 -5.33 -11.39 1.12
CA GLN I 315 -5.61 -10.01 0.78
C GLN I 315 -6.41 -9.88 -0.51
N LEU I 316 -7.08 -8.74 -0.64
CA LEU I 316 -8.02 -8.48 -1.73
C LEU I 316 -7.27 -7.94 -2.95
N LYS I 317 -6.55 -8.85 -3.59
CA LYS I 317 -5.85 -8.79 -4.88
C LYS I 317 -4.62 -7.89 -4.90
N HIS I 318 -4.62 -6.82 -4.11
CA HIS I 318 -3.46 -5.96 -4.03
C HIS I 318 -3.38 -5.30 -2.67
N GLU I 319 -4.50 -5.29 -1.97
CA GLU I 319 -4.64 -4.48 -0.77
C GLU I 319 -3.74 -5.02 0.32
N ASP I 320 -3.36 -4.12 1.24
CA ASP I 320 -2.52 -4.54 2.34
C ASP I 320 -3.33 -5.34 3.35
N THR I 321 -2.77 -6.46 3.77
CA THR I 321 -3.33 -7.39 4.72
C THR I 321 -2.64 -7.23 6.08
N ASN I 322 -2.91 -8.16 6.98
CA ASN I 322 -2.14 -8.34 8.20
C ASN I 322 -1.45 -9.69 8.17
N LEU I 323 -0.62 -9.94 9.18
CA LEU I 323 -0.04 -11.27 9.36
C LEU I 323 -1.16 -12.25 9.69
N ALA I 324 -1.09 -13.44 9.10
CA ALA I 324 -2.22 -14.37 9.11
C ALA I 324 -2.67 -14.65 10.54
N SER I 325 -3.98 -14.64 10.73
CA SER I 325 -4.53 -15.01 12.03
C SER I 325 -4.37 -16.52 12.24
N SER I 326 -4.13 -16.90 13.49
CA SER I 326 -4.15 -18.31 13.83
C SER I 326 -5.47 -18.91 13.42
N THR I 327 -5.42 -20.08 12.81
CA THR I 327 -6.62 -20.85 12.54
C THR I 327 -6.67 -22.02 13.51
N ILE I 328 -7.89 -22.38 13.90
CA ILE I 328 -8.06 -23.47 14.86
C ILE I 328 -8.87 -24.57 14.19
N VAL I 329 -8.64 -25.80 14.62
CA VAL I 329 -9.24 -26.99 14.05
C VAL I 329 -10.29 -27.50 15.02
N LYS I 330 -11.55 -27.51 14.57
CA LYS I 330 -12.66 -27.85 15.46
C LYS I 330 -12.44 -29.20 16.14
N GLU I 331 -12.93 -29.30 17.37
CA GLU I 331 -12.64 -30.37 18.32
C GLU I 331 -12.69 -31.77 17.73
N GLY I 332 -13.64 -32.04 16.84
CA GLY I 332 -13.66 -33.33 16.17
C GLY I 332 -14.66 -33.42 15.04
N ALA I 333 -14.21 -33.87 13.86
CA ALA I 333 -15.08 -33.97 12.70
C ALA I 333 -14.75 -35.24 11.93
N ASN I 334 -15.66 -35.62 11.04
CA ASN I 334 -15.44 -36.80 10.20
C ASN I 334 -14.34 -36.56 9.19
N LYS I 335 -14.29 -35.36 8.61
CA LYS I 335 -13.26 -34.99 7.66
C LYS I 335 -12.20 -34.15 8.36
N GLU I 336 -10.94 -34.43 8.06
CA GLU I 336 -9.85 -33.58 8.53
C GLU I 336 -9.80 -32.31 7.68
N VAL I 337 -9.59 -31.17 8.34
CA VAL I 337 -9.62 -29.89 7.64
C VAL I 337 -8.37 -29.77 6.78
N LEU I 338 -8.57 -29.69 5.47
CA LEU I 338 -7.47 -29.65 4.51
C LEU I 338 -7.06 -28.21 4.24
N GLY I 339 -5.76 -27.98 4.14
CA GLY I 339 -5.26 -26.66 3.83
C GLY I 339 -4.40 -26.05 4.91
N ILE I 340 -4.26 -24.73 4.90
CA ILE I 340 -3.33 -24.05 5.80
C ILE I 340 -3.99 -23.88 7.17
N LEU I 341 -3.30 -24.36 8.20
CA LEU I 341 -3.74 -24.30 9.60
C LEU I 341 -2.72 -23.49 10.38
N VAL I 342 -2.90 -22.16 10.37
CA VAL I 342 -1.92 -21.26 10.97
C VAL I 342 -1.85 -21.50 12.47
N SER I 343 -0.64 -21.74 12.99
CA SER I 343 -0.43 -21.69 14.42
C SER I 343 0.77 -20.79 14.72
N TYR I 344 0.84 -20.30 15.95
CA TYR I 344 1.89 -19.36 16.35
C TYR I 344 2.39 -19.74 17.73
N ARG I 345 3.70 -19.87 17.88
CA ARG I 345 4.27 -20.30 19.16
C ARG I 345 5.52 -19.48 19.45
N VAL I 346 5.62 -18.92 20.65
CA VAL I 346 6.77 -18.09 21.01
C VAL I 346 7.83 -19.00 21.64
N LYS I 347 8.87 -19.28 20.87
CA LYS I 347 10.04 -20.02 21.33
C LYS I 347 10.93 -19.10 22.16
N VAL I 348 11.45 -19.64 23.27
CA VAL I 348 12.41 -18.88 24.05
C VAL I 348 13.78 -19.53 23.93
N LYS I 349 14.56 -19.06 22.96
CA LYS I 349 15.84 -19.64 22.59
C LYS I 349 16.92 -19.16 23.56
N LEU I 350 17.80 -20.06 24.00
CA LEU I 350 18.86 -19.65 24.90
C LEU I 350 20.23 -19.96 24.31
N VAL I 351 21.25 -19.29 24.83
CA VAL I 351 22.65 -19.54 24.46
C VAL I 351 23.42 -19.72 25.75
N VAL I 352 24.07 -20.88 25.89
CA VAL I 352 24.86 -21.23 27.07
C VAL I 352 26.22 -21.70 26.59
N SER I 353 27.28 -21.25 27.27
CA SER I 353 28.65 -21.53 26.86
C SER I 353 28.87 -23.02 26.63
N ARG I 354 29.49 -23.36 25.52
CA ARG I 354 30.09 -22.37 24.62
C ARG I 354 29.16 -21.95 23.48
N GLY I 355 27.84 -22.05 23.69
CA GLY I 355 26.91 -21.66 22.64
C GLY I 355 25.75 -22.60 22.34
N GLY I 356 25.49 -23.57 23.21
CA GLY I 356 24.38 -24.49 22.98
C GLY I 356 23.04 -23.77 23.06
N ASP I 357 22.19 -23.98 22.06
CA ASP I 357 20.95 -23.22 21.89
C ASP I 357 19.73 -24.03 22.33
N VAL I 358 19.46 -24.00 23.64
CA VAL I 358 18.37 -24.74 24.25
C VAL I 358 17.11 -23.88 24.27
N SER I 359 15.94 -24.50 24.14
CA SER I 359 14.69 -23.75 24.08
C SER I 359 13.48 -24.67 24.26
N VAL I 360 12.29 -24.10 24.08
CA VAL I 360 11.02 -24.80 24.29
C VAL I 360 9.93 -24.03 23.56
N GLU I 361 8.76 -24.67 23.40
CA GLU I 361 7.58 -24.04 22.80
C GLU I 361 6.38 -24.15 23.73
N LEU I 362 5.37 -23.32 23.46
CA LEU I 362 4.10 -23.28 24.15
C LEU I 362 3.00 -23.17 23.12
N PRO I 363 1.72 -23.35 23.52
CA PRO I 363 0.62 -22.97 22.62
C PRO I 363 0.06 -21.57 22.85
N PHE I 364 -0.03 -20.75 21.80
CA PHE I 364 -0.73 -19.48 21.90
C PHE I 364 -1.27 -19.10 20.53
N VAL I 365 -2.28 -18.23 20.52
CA VAL I 365 -3.20 -18.09 19.39
C VAL I 365 -3.36 -16.62 19.02
N LEU I 366 -3.34 -16.33 17.72
CA LEU I 366 -3.62 -15.00 17.18
C LEU I 366 -4.85 -15.11 16.28
N MET I 367 -6.03 -14.91 16.85
CA MET I 367 -7.24 -14.96 16.03
C MET I 367 -8.03 -13.66 16.14
N LYS J 3 -9.91 -28.88 -15.40
CA LYS J 3 -10.23 -27.63 -16.09
C LYS J 3 -10.92 -26.65 -15.14
N TYR J 4 -12.18 -26.36 -15.44
CA TYR J 4 -13.04 -25.53 -14.59
C TYR J 4 -12.49 -24.12 -14.33
N SEP J 5 -12.32 -23.38 -15.41
CA SEP J 5 -12.40 -21.91 -15.42
CB SEP J 5 -13.62 -21.49 -14.59
OG SEP J 5 -14.61 -20.91 -15.44
C SEP J 5 -11.21 -21.08 -14.97
O SEP J 5 -10.23 -21.58 -14.41
P SEP J 5 -15.50 -22.01 -16.24
O1P SEP J 5 -14.63 -23.25 -16.82
O2P SEP J 5 -16.21 -21.27 -17.47
O3P SEP J 5 -16.62 -22.60 -15.24
N ALA J 6 -11.33 -19.77 -15.22
CA ALA J 6 -10.25 -18.82 -15.09
C ALA J 6 -10.70 -17.48 -14.52
N LYS J 7 -10.28 -16.39 -15.16
CA LYS J 7 -10.36 -15.07 -14.56
C LYS J 7 -10.42 -13.92 -15.57
N TPO J 8 -10.35 -12.70 -15.05
CA TPO J 8 -9.93 -11.54 -15.83
CB TPO J 8 -11.04 -10.47 -15.92
CG2 TPO J 8 -10.52 -9.04 -15.78
OG1 TPO J 8 -11.61 -10.62 -17.20
P TPO J 8 -12.75 -9.53 -17.48
O1P TPO J 8 -13.65 -10.13 -18.46
O2P TPO J 8 -12.16 -8.19 -18.15
O3P TPO J 8 -13.59 -9.19 -16.14
C TPO J 8 -8.64 -10.98 -15.24
O TPO J 8 -7.61 -10.98 -15.89
N GLY J 9 -8.69 -10.55 -13.99
CA GLY J 9 -7.51 -10.03 -13.31
C GLY J 9 -7.40 -8.54 -13.14
N LEU J 10 -8.33 -7.96 -12.37
CA LEU J 10 -8.21 -6.68 -11.63
C LEU J 10 -9.44 -5.77 -11.69
N TPO J 11 -9.80 -5.29 -10.50
CA TPO J 11 -10.90 -4.36 -10.26
CB TPO J 11 -12.27 -5.03 -10.44
CG2 TPO J 11 -12.18 -6.49 -9.98
OG1 TPO J 11 -13.27 -4.23 -9.77
P TPO J 11 -14.13 -4.92 -8.58
O1P TPO J 11 -14.97 -6.19 -9.08
O2P TPO J 11 -13.22 -5.31 -7.31
O3P TPO J 11 -15.11 -3.90 -8.11
C TPO J 11 -10.72 -3.89 -8.83
O TPO J 11 -11.04 -4.61 -7.89
N LYS J 12 -10.20 -2.68 -8.63
CA LYS J 12 -9.76 -2.33 -7.28
C LYS J 12 -10.78 -1.55 -6.45
N LEU J 13 -11.80 -0.99 -7.10
CA LEU J 13 -12.92 -0.38 -6.38
C LEU J 13 -14.11 -0.28 -7.33
N ILE J 14 -15.07 0.57 -6.97
CA ILE J 14 -16.22 0.97 -7.80
C ILE J 14 -15.99 0.88 -9.31
N ARG K 29 33.89 -26.97 -28.83
CA ARG K 29 34.47 -26.87 -30.15
C ARG K 29 35.21 -25.54 -30.31
N VAL K 30 36.32 -25.58 -31.03
CA VAL K 30 37.23 -24.45 -31.19
C VAL K 30 37.23 -24.03 -32.65
N PHE K 31 37.50 -22.76 -32.91
CA PHE K 31 37.57 -22.31 -34.30
C PHE K 31 38.72 -21.33 -34.47
N LYS K 32 39.38 -21.41 -35.61
CA LYS K 32 40.55 -20.59 -35.89
C LYS K 32 40.31 -19.74 -37.13
N LYS K 33 41.22 -18.80 -37.32
CA LYS K 33 41.29 -18.04 -38.56
C LYS K 33 42.74 -17.73 -38.86
N SER K 34 43.22 -18.22 -40.00
CA SER K 34 44.58 -18.00 -40.47
C SER K 34 44.55 -17.05 -41.66
N SER K 35 45.34 -15.99 -41.59
CA SER K 35 45.45 -15.08 -42.72
C SER K 35 46.18 -15.77 -43.86
N PRO K 36 45.94 -15.35 -45.10
CA PRO K 36 46.62 -15.98 -46.24
C PRO K 36 48.12 -15.72 -46.27
N ASN K 37 48.68 -15.10 -45.23
CA ASN K 37 50.13 -15.05 -45.10
C ASN K 37 50.63 -15.79 -43.86
N CYS K 38 49.78 -16.62 -43.25
CA CYS K 38 50.19 -17.57 -42.22
C CYS K 38 50.91 -16.93 -41.05
N LYS K 39 50.72 -15.63 -40.87
CA LYS K 39 51.47 -14.85 -39.89
C LYS K 39 50.75 -14.73 -38.56
N LEU K 40 49.51 -14.25 -38.56
CA LEU K 40 48.71 -14.13 -37.34
C LEU K 40 47.53 -15.09 -37.47
N THR K 41 47.50 -16.11 -36.59
CA THR K 41 46.48 -17.15 -36.65
C THR K 41 45.74 -17.18 -35.32
N VAL K 42 44.46 -16.87 -35.34
CA VAL K 42 43.70 -16.75 -34.09
C VAL K 42 42.95 -18.04 -33.82
N TYR K 43 42.90 -18.45 -32.55
CA TYR K 43 42.10 -19.57 -32.07
C TYR K 43 41.18 -19.09 -30.96
N LEU K 44 39.90 -19.39 -31.07
CA LEU K 44 38.88 -18.88 -30.17
C LEU K 44 37.88 -19.98 -29.84
N GLY K 45 37.18 -19.80 -28.72
CA GLY K 45 36.18 -20.73 -28.27
C GLY K 45 34.80 -20.59 -28.88
N LYS K 46 34.17 -19.43 -28.69
CA LYS K 46 32.77 -19.22 -29.04
C LYS K 46 32.63 -17.97 -29.91
N ARG K 47 31.82 -18.08 -30.97
CA ARG K 47 31.47 -16.89 -31.74
C ARG K 47 30.40 -16.07 -31.04
N ASP K 48 29.46 -16.75 -30.37
CA ASP K 48 28.43 -16.09 -29.59
C ASP K 48 28.94 -15.89 -28.18
N PHE K 49 29.07 -14.64 -27.76
CA PHE K 49 29.52 -14.30 -26.41
C PHE K 49 28.33 -13.83 -25.59
N VAL K 50 28.12 -14.47 -24.45
CA VAL K 50 26.90 -14.35 -23.65
C VAL K 50 26.94 -13.03 -22.90
N ASP K 51 26.20 -12.04 -23.40
CA ASP K 51 26.16 -10.71 -22.79
C ASP K 51 25.28 -10.73 -21.55
N HIS K 52 25.87 -11.13 -20.42
CA HIS K 52 25.26 -10.85 -19.13
C HIS K 52 25.27 -9.34 -18.94
N LEU K 53 24.72 -8.81 -17.85
CA LEU K 53 24.73 -7.36 -17.67
C LEU K 53 25.33 -6.87 -16.36
N ASP K 54 25.43 -7.69 -15.32
CA ASP K 54 26.36 -7.34 -14.25
C ASP K 54 27.79 -7.48 -14.74
N LYS K 55 28.03 -8.49 -15.56
CA LYS K 55 29.28 -8.68 -16.27
C LYS K 55 28.89 -8.77 -17.73
N VAL K 56 29.83 -9.24 -18.55
CA VAL K 56 29.58 -9.53 -19.95
C VAL K 56 30.53 -10.67 -20.27
N ASP K 57 30.24 -11.41 -21.35
CA ASP K 57 31.11 -12.53 -21.68
C ASP K 57 32.43 -11.99 -22.24
N PRO K 58 33.54 -12.18 -21.54
CA PRO K 58 34.82 -11.70 -22.06
C PRO K 58 35.30 -12.58 -23.19
N VAL K 59 36.22 -12.05 -23.99
CA VAL K 59 36.77 -12.87 -25.06
C VAL K 59 37.89 -13.74 -24.50
N ASP K 60 37.99 -14.96 -25.02
CA ASP K 60 39.07 -15.89 -24.68
C ASP K 60 39.64 -16.47 -25.96
N GLY K 61 40.96 -16.45 -26.09
CA GLY K 61 41.58 -16.98 -27.28
C GLY K 61 43.07 -16.76 -27.27
N VAL K 62 43.73 -17.29 -28.30
CA VAL K 62 45.17 -17.16 -28.47
C VAL K 62 45.46 -16.80 -29.93
N VAL K 63 46.68 -16.33 -30.16
CA VAL K 63 47.17 -15.96 -31.49
C VAL K 63 48.51 -16.62 -31.72
N LEU K 64 48.55 -17.58 -32.63
CA LEU K 64 49.78 -18.23 -33.06
C LEU K 64 50.41 -17.39 -34.17
N VAL K 65 51.58 -16.83 -33.90
CA VAL K 65 52.31 -16.05 -34.88
C VAL K 65 53.64 -16.76 -35.14
N ASP K 66 54.24 -16.47 -36.29
CA ASP K 66 55.52 -17.04 -36.67
C ASP K 66 56.61 -15.99 -36.57
N PRO K 67 57.76 -16.30 -35.96
CA PRO K 67 58.72 -15.26 -35.57
C PRO K 67 59.82 -14.92 -36.56
N ASP K 68 60.07 -15.73 -37.59
CA ASP K 68 61.15 -15.43 -38.52
C ASP K 68 60.71 -14.42 -39.59
N TYR K 69 59.41 -14.36 -39.91
CA TYR K 69 58.87 -13.20 -40.60
C TYR K 69 58.73 -12.05 -39.62
N LEU K 70 58.34 -12.36 -38.40
CA LEU K 70 58.12 -11.38 -37.35
C LEU K 70 59.38 -11.13 -36.52
N LYS K 71 60.48 -10.86 -37.20
CA LYS K 71 61.71 -10.48 -36.53
C LYS K 71 61.67 -8.97 -36.29
N ASP K 72 61.55 -8.57 -35.03
CA ASP K 72 61.30 -7.17 -34.66
C ASP K 72 60.03 -6.66 -35.33
N ARG K 73 58.96 -7.45 -35.19
CA ARG K 73 57.62 -7.10 -35.64
C ARG K 73 56.67 -7.41 -34.49
N LYS K 74 55.68 -6.56 -34.28
CA LYS K 74 55.01 -6.47 -32.99
C LYS K 74 53.53 -6.81 -33.15
N VAL K 75 53.11 -7.97 -32.58
CA VAL K 75 51.74 -8.46 -32.69
C VAL K 75 50.85 -7.78 -31.67
N PHE K 76 49.58 -7.60 -32.03
CA PHE K 76 48.61 -7.02 -31.12
C PHE K 76 47.33 -7.85 -31.10
N VAL K 77 46.28 -7.30 -30.48
CA VAL K 77 44.94 -7.85 -30.64
C VAL K 77 43.93 -6.80 -30.22
N THR K 78 42.79 -6.75 -30.91
CA THR K 78 41.77 -5.74 -30.68
C THR K 78 40.39 -6.32 -30.89
N LEU K 79 39.42 -5.56 -30.40
CA LEU K 79 38.01 -5.92 -30.41
C LEU K 79 37.21 -4.67 -30.74
N THR K 80 36.52 -4.70 -31.89
CA THR K 80 35.83 -3.53 -32.42
C THR K 80 34.32 -3.70 -32.25
N CYS K 81 33.73 -2.83 -31.42
CA CYS K 81 32.28 -2.65 -31.32
C CYS K 81 31.90 -1.53 -32.28
N ALA K 82 31.28 -1.93 -33.39
CA ALA K 82 31.10 -1.09 -34.57
C ALA K 82 29.63 -0.98 -34.97
N PHE K 83 29.32 0.11 -35.67
CA PHE K 83 27.98 0.46 -36.11
C PHE K 83 28.05 0.77 -37.60
N ARG K 84 27.20 0.11 -38.39
CA ARG K 84 27.15 0.29 -39.83
C ARG K 84 25.77 0.79 -40.23
N TYR K 85 25.72 1.71 -41.20
CA TYR K 85 24.45 2.13 -41.77
C TYR K 85 24.56 2.36 -43.28
N GLY K 86 25.26 1.46 -43.99
CA GLY K 86 25.30 1.60 -45.43
C GLY K 86 26.43 0.88 -46.14
N ARG K 87 26.98 1.53 -47.16
CA ARG K 87 28.00 0.93 -48.00
C ARG K 87 29.39 1.20 -47.45
N GLU K 88 30.29 0.24 -47.68
CA GLU K 88 31.66 0.40 -47.23
C GLU K 88 32.28 1.64 -47.85
N ASP K 89 32.53 1.63 -49.16
CA ASP K 89 33.24 2.77 -49.72
C ASP K 89 32.39 4.03 -49.69
N LEU K 90 31.06 3.91 -49.85
CA LEU K 90 30.23 5.11 -49.96
C LEU K 90 29.99 5.79 -48.62
N ASP K 91 29.75 5.06 -47.54
CA ASP K 91 29.63 5.80 -46.30
C ASP K 91 30.98 5.98 -45.62
N VAL K 92 31.97 5.16 -45.98
CA VAL K 92 33.34 5.64 -46.04
C VAL K 92 33.37 6.99 -46.76
N LEU K 93 32.79 7.05 -47.96
CA LEU K 93 32.70 8.32 -48.68
C LEU K 93 31.67 9.21 -47.96
N GLY K 94 32.09 9.79 -46.83
CA GLY K 94 31.17 10.62 -46.06
C GLY K 94 31.85 11.78 -45.36
N LEU K 95 31.03 12.66 -44.78
CA LEU K 95 31.51 13.63 -43.81
C LEU K 95 31.82 12.97 -42.49
N SER K 96 31.43 11.71 -42.33
CA SER K 96 31.84 10.90 -41.21
C SER K 96 32.12 9.50 -41.72
N PHE K 97 32.61 8.67 -40.81
CA PHE K 97 32.84 7.26 -41.06
C PHE K 97 32.14 6.56 -39.91
N ARG K 98 32.42 5.28 -39.72
CA ARG K 98 31.93 4.57 -38.54
C ARG K 98 32.26 5.35 -37.28
N LYS K 99 31.23 5.66 -36.50
CA LYS K 99 31.42 6.12 -35.12
C LYS K 99 31.39 4.84 -34.28
N ASP K 100 32.56 4.24 -34.12
CA ASP K 100 32.69 3.04 -33.30
C ASP K 100 32.33 3.37 -31.87
N LEU K 101 31.37 2.63 -31.31
CA LEU K 101 31.12 2.77 -29.88
C LEU K 101 32.33 2.31 -29.07
N PHE K 102 33.05 1.28 -29.52
CA PHE K 102 34.11 0.81 -28.64
C PHE K 102 35.21 0.11 -29.43
N ILE K 103 36.43 0.20 -28.90
CA ILE K 103 37.54 -0.61 -29.41
C ILE K 103 38.51 -0.90 -28.28
N ALA K 104 38.77 -2.18 -28.04
CA ALA K 104 39.74 -2.62 -27.05
C ALA K 104 41.01 -3.07 -27.74
N THR K 105 42.16 -2.68 -27.19
CA THR K 105 43.46 -3.04 -27.75
C THR K 105 44.36 -3.59 -26.65
N TYR K 106 45.16 -4.59 -26.99
CA TYR K 106 46.09 -5.17 -26.04
C TYR K 106 47.31 -5.72 -26.78
N GLN K 107 48.42 -5.78 -26.03
CA GLN K 107 49.74 -6.11 -26.55
C GLN K 107 49.94 -7.62 -26.54
N ALA K 108 49.88 -8.25 -27.71
CA ALA K 108 50.22 -9.66 -27.80
C ALA K 108 51.74 -9.86 -27.86
N PHE K 109 52.37 -9.34 -28.90
CA PHE K 109 53.82 -9.41 -29.01
C PHE K 109 54.41 -8.02 -29.27
N PRO K 110 55.53 -7.68 -28.61
CA PRO K 110 56.21 -8.49 -27.60
C PRO K 110 55.35 -8.52 -26.34
N PRO K 111 55.49 -9.56 -25.54
CA PRO K 111 54.44 -9.86 -24.57
C PRO K 111 54.40 -8.88 -23.41
N MET K 112 54.29 -7.56 -23.66
CA MET K 112 55.25 -6.66 -23.01
C MET K 112 55.71 -7.10 -21.61
N PRO K 113 54.88 -7.35 -20.54
CA PRO K 113 55.37 -8.27 -19.51
C PRO K 113 54.73 -9.66 -19.43
N ASN K 114 54.53 -10.39 -20.55
CA ASN K 114 53.74 -11.62 -20.54
C ASN K 114 52.65 -11.50 -19.47
N PRO K 115 51.75 -10.53 -19.57
CA PRO K 115 51.10 -10.00 -18.37
C PRO K 115 49.76 -10.64 -18.02
N PRO K 116 49.33 -11.78 -18.64
CA PRO K 116 48.07 -12.34 -18.13
C PRO K 116 48.24 -12.98 -16.76
N ARG K 117 47.72 -12.32 -15.71
CA ARG K 117 47.70 -12.96 -14.39
C ARG K 117 46.83 -14.20 -14.40
N PRO K 118 45.53 -14.14 -14.73
CA PRO K 118 44.76 -15.37 -14.90
C PRO K 118 44.82 -15.87 -16.34
N PRO K 119 45.45 -17.02 -16.57
CA PRO K 119 45.28 -17.69 -17.87
C PRO K 119 43.97 -18.47 -17.89
N THR K 120 43.29 -18.41 -19.02
CA THR K 120 41.99 -19.05 -19.13
C THR K 120 42.15 -20.54 -19.44
N ARG K 121 41.11 -21.31 -19.10
CA ARG K 121 41.14 -22.74 -19.37
C ARG K 121 41.08 -23.03 -20.86
N LEU K 122 40.47 -22.15 -21.66
CA LEU K 122 40.59 -22.27 -23.10
C LEU K 122 42.02 -22.05 -23.55
N GLN K 123 42.68 -21.03 -23.00
CA GLN K 123 44.10 -20.88 -23.24
C GLN K 123 44.88 -22.04 -22.66
N ASP K 124 44.37 -22.67 -21.60
CA ASP K 124 44.99 -23.87 -21.05
C ASP K 124 44.90 -25.04 -22.02
N ARG K 125 43.85 -25.08 -22.85
CA ARG K 125 43.77 -26.12 -23.87
C ARG K 125 44.63 -25.76 -25.09
N LEU K 126 44.63 -24.49 -25.49
CA LEU K 126 45.29 -24.10 -26.73
C LEU K 126 46.82 -24.03 -26.56
N LEU K 127 47.30 -23.57 -25.41
CA LEU K 127 48.74 -23.50 -25.18
C LEU K 127 49.35 -24.89 -25.12
N LYS K 128 48.60 -25.86 -24.58
CA LYS K 128 49.05 -27.24 -24.59
C LYS K 128 48.94 -27.84 -25.99
N LYS K 129 47.87 -27.50 -26.71
CA LYS K 129 47.69 -28.02 -28.06
C LYS K 129 48.73 -27.44 -29.01
N LEU K 130 48.86 -26.12 -29.05
CA LEU K 130 49.68 -25.48 -30.05
C LEU K 130 51.15 -25.50 -29.65
N GLY K 131 51.99 -24.93 -30.52
CA GLY K 131 53.29 -24.48 -30.08
C GLY K 131 53.12 -23.29 -29.16
N GLN K 132 53.91 -23.26 -28.09
CA GLN K 132 53.78 -22.23 -27.06
C GLN K 132 53.89 -20.82 -27.61
N HIS K 133 54.22 -20.65 -28.89
CA HIS K 133 54.19 -19.34 -29.52
C HIS K 133 52.80 -18.74 -29.54
N ALA K 134 51.78 -19.52 -29.18
CA ALA K 134 50.45 -18.99 -28.98
C ALA K 134 50.49 -17.92 -27.90
N HIS K 135 50.15 -16.68 -28.30
CA HIS K 135 50.03 -15.58 -27.37
C HIS K 135 48.60 -15.51 -26.85
N PRO K 136 48.37 -15.65 -25.56
CA PRO K 136 47.00 -15.52 -25.04
C PRO K 136 46.48 -14.10 -25.23
N PHE K 137 45.16 -13.97 -25.17
CA PHE K 137 44.53 -12.66 -25.21
C PHE K 137 43.15 -12.75 -24.57
N PHE K 138 42.65 -11.60 -24.15
CA PHE K 138 41.44 -11.53 -23.34
C PHE K 138 40.86 -10.14 -23.49
N PHE K 139 39.54 -10.05 -23.70
CA PHE K 139 38.89 -8.77 -23.96
C PHE K 139 37.78 -8.54 -22.95
N THR K 140 37.95 -7.49 -22.14
CA THR K 140 36.95 -7.01 -21.22
C THR K 140 36.02 -6.04 -21.94
N ILE K 141 34.72 -6.20 -21.74
CA ILE K 141 33.69 -5.37 -22.38
C ILE K 141 33.11 -4.44 -21.33
N PRO K 142 32.96 -3.15 -21.63
CA PRO K 142 32.33 -2.23 -20.68
C PRO K 142 30.81 -2.28 -20.74
N GLN K 143 30.18 -1.58 -19.80
CA GLN K 143 28.76 -1.68 -19.55
C GLN K 143 27.89 -0.85 -20.49
N ASN K 144 28.47 0.07 -21.25
CA ASN K 144 27.71 0.99 -22.08
C ASN K 144 27.61 0.52 -23.53
N LEU K 145 27.84 -0.76 -23.80
CA LEU K 145 27.97 -1.25 -25.16
C LEU K 145 26.67 -1.88 -25.61
N PRO K 146 26.09 -1.45 -26.73
CA PRO K 146 24.87 -2.06 -27.24
C PRO K 146 25.17 -3.35 -28.01
N CYS K 147 24.10 -4.09 -28.29
CA CYS K 147 24.23 -5.46 -28.76
C CYS K 147 24.30 -5.53 -30.29
N SER K 148 24.35 -6.77 -30.80
CA SER K 148 24.50 -7.02 -32.23
C SER K 148 23.12 -7.12 -32.85
N VAL K 149 22.78 -6.14 -33.70
CA VAL K 149 21.47 -6.10 -34.34
C VAL K 149 21.61 -5.43 -35.70
N THR K 150 21.03 -6.04 -36.73
CA THR K 150 21.05 -5.52 -38.09
C THR K 150 19.62 -5.34 -38.59
N LEU K 151 19.35 -4.19 -39.20
CA LEU K 151 18.11 -4.02 -39.94
C LEU K 151 18.08 -4.99 -41.11
N GLN K 152 16.90 -5.54 -41.38
CA GLN K 152 16.78 -6.49 -42.49
C GLN K 152 16.88 -5.74 -43.81
N PRO K 153 17.68 -6.23 -44.76
CA PRO K 153 17.68 -5.62 -46.09
C PRO K 153 16.34 -5.82 -46.78
N GLY K 154 16.08 -4.97 -47.77
CA GLY K 154 14.96 -5.16 -48.63
C GLY K 154 15.17 -6.31 -49.58
N PRO K 155 14.13 -6.63 -50.36
CA PRO K 155 14.32 -7.58 -51.46
C PRO K 155 14.80 -6.87 -52.71
N GLU K 156 14.45 -5.58 -52.81
CA GLU K 156 14.73 -4.77 -53.99
C GLU K 156 15.94 -3.86 -53.81
N ASP K 157 16.24 -3.43 -52.59
CA ASP K 157 17.47 -2.69 -52.32
C ASP K 157 18.60 -3.69 -52.17
N THR K 158 19.54 -3.69 -53.12
CA THR K 158 20.64 -4.64 -53.08
C THR K 158 21.77 -4.14 -52.18
N GLY K 159 22.26 -2.93 -52.43
CA GLY K 159 23.34 -2.37 -51.65
C GLY K 159 22.90 -1.47 -50.51
N LYS K 160 22.09 -2.01 -49.59
CA LYS K 160 21.68 -1.27 -48.40
C LYS K 160 21.87 -2.16 -47.18
N ALA K 161 22.49 -1.61 -46.14
CA ALA K 161 22.77 -2.38 -44.94
C ALA K 161 22.82 -1.45 -43.74
N CYS K 162 22.55 -2.03 -42.57
CA CYS K 162 22.62 -1.31 -41.30
C CYS K 162 22.66 -2.30 -40.15
N GLY K 163 23.67 -2.21 -39.29
CA GLY K 163 23.80 -3.15 -38.21
C GLY K 163 24.93 -2.88 -37.23
N VAL K 164 24.69 -3.16 -35.96
CA VAL K 164 25.73 -3.14 -34.94
C VAL K 164 26.40 -4.51 -34.94
N ASP K 165 27.68 -4.55 -34.55
CA ASP K 165 28.43 -5.79 -34.62
C ASP K 165 29.67 -5.69 -33.72
N PHE K 166 30.22 -6.86 -33.40
CA PHE K 166 31.45 -6.97 -32.63
C PHE K 166 32.40 -7.90 -33.37
N GLU K 167 33.64 -7.46 -33.54
CA GLU K 167 34.64 -8.24 -34.24
C GLU K 167 35.95 -8.21 -33.46
N ILE K 168 36.91 -8.99 -33.95
CA ILE K 168 38.20 -9.15 -33.28
C ILE K 168 39.29 -9.24 -34.35
N ARG K 169 40.28 -8.34 -34.29
CA ARG K 169 41.41 -8.34 -35.22
C ARG K 169 42.70 -8.42 -34.44
N ALA K 170 43.51 -9.44 -34.70
CA ALA K 170 44.89 -9.47 -34.24
C ALA K 170 45.78 -9.03 -35.38
N PHE K 171 46.57 -7.97 -35.18
CA PHE K 171 47.20 -7.30 -36.32
C PHE K 171 48.52 -6.67 -35.93
N CYS K 172 49.25 -6.24 -36.97
CA CYS K 172 50.57 -5.64 -36.82
C CYS K 172 50.78 -4.56 -37.88
N ALA K 173 51.50 -3.52 -37.48
CA ALA K 173 52.09 -2.55 -38.40
C ALA K 173 53.41 -2.11 -37.81
N LYS K 174 54.33 -1.71 -38.68
CA LYS K 174 55.64 -1.26 -38.21
C LYS K 174 55.50 -0.13 -37.20
N SER K 175 54.58 0.80 -37.45
CA SER K 175 54.30 1.86 -36.50
C SER K 175 53.89 1.30 -35.15
N ILE K 176 54.15 2.08 -34.10
CA ILE K 176 53.71 1.69 -32.78
C ILE K 176 52.18 1.62 -32.79
N GLU K 177 51.63 0.99 -31.74
CA GLU K 177 50.26 0.48 -31.71
C GLU K 177 49.22 1.49 -32.16
N GLU K 178 49.59 2.76 -32.30
CA GLU K 178 48.62 3.79 -32.66
C GLU K 178 47.95 3.49 -34.01
N LYS K 179 48.69 3.00 -34.99
CA LYS K 179 48.12 2.76 -36.32
C LYS K 179 48.23 1.32 -36.82
N SER K 180 47.87 1.12 -38.09
CA SER K 180 47.81 -0.19 -38.74
C SER K 180 47.60 0.04 -40.24
N HIS K 181 47.61 -1.05 -40.99
CA HIS K 181 46.97 -1.07 -42.30
C HIS K 181 46.42 -2.47 -42.54
N LYS K 182 45.56 -2.58 -43.56
CA LYS K 182 44.69 -3.75 -43.70
C LYS K 182 45.45 -5.06 -43.68
N ARG K 183 46.66 -5.08 -44.25
CA ARG K 183 47.43 -6.32 -44.28
C ARG K 183 47.91 -6.68 -42.88
N ASN K 184 48.07 -7.99 -42.66
CA ASN K 184 48.48 -8.60 -41.39
C ASN K 184 47.33 -8.57 -40.40
N SER K 185 46.29 -7.83 -40.75
CA SER K 185 45.11 -7.76 -39.89
C SER K 185 44.20 -8.94 -40.20
N VAL K 186 43.85 -9.68 -39.17
CA VAL K 186 43.07 -10.90 -39.30
C VAL K 186 41.71 -10.61 -38.70
N ARG K 187 40.68 -10.61 -39.53
CA ARG K 187 39.32 -10.31 -39.10
C ARG K 187 38.82 -11.41 -38.16
N LEU K 188 37.60 -11.22 -37.65
CA LEU K 188 36.68 -12.31 -37.33
C LEU K 188 35.40 -11.70 -36.77
N ILE K 189 34.25 -12.24 -37.12
CA ILE K 189 32.99 -11.72 -36.59
C ILE K 189 32.56 -12.58 -35.40
N ILE K 190 32.22 -11.90 -34.30
CA ILE K 190 31.60 -12.52 -33.14
C ILE K 190 30.32 -11.78 -32.84
N ARG K 191 29.63 -12.20 -31.79
CA ARG K 191 28.37 -11.56 -31.39
C ARG K 191 28.42 -11.18 -29.93
N LYS K 192 27.92 -9.99 -29.63
CA LYS K 192 27.55 -9.63 -28.25
C LYS K 192 26.03 -9.50 -28.25
N VAL K 193 25.37 -10.64 -28.11
CA VAL K 193 23.92 -10.69 -28.08
C VAL K 193 23.47 -10.72 -26.62
N GLN K 194 22.50 -9.87 -26.29
CA GLN K 194 22.02 -9.75 -24.92
C GLN K 194 21.29 -11.03 -24.53
N PHE K 195 21.89 -11.82 -23.65
CA PHE K 195 21.21 -12.99 -23.10
C PHE K 195 20.34 -12.57 -21.93
N GLN K 203 3.97 -9.47 -14.46
CA GLN K 203 3.06 -10.16 -15.35
C GLN K 203 2.19 -9.12 -16.08
N PRO K 204 2.77 -8.45 -17.08
CA PRO K 204 2.19 -7.18 -17.56
C PRO K 204 0.82 -7.33 -18.20
N SER K 205 -0.20 -6.83 -17.49
CA SER K 205 -1.56 -6.81 -17.98
C SER K 205 -1.89 -5.45 -18.57
N ALA K 206 -2.73 -5.45 -19.59
CA ALA K 206 -3.23 -4.23 -20.20
C ALA K 206 -4.75 -4.24 -20.16
N GLU K 207 -5.34 -3.14 -19.73
CA GLU K 207 -6.80 -3.01 -19.71
C GLU K 207 -7.13 -1.55 -19.90
N THR K 208 -7.83 -1.22 -20.98
CA THR K 208 -8.13 0.17 -21.28
C THR K 208 -9.49 0.27 -21.96
N THR K 209 -10.16 1.40 -21.72
CA THR K 209 -11.51 1.66 -22.19
C THR K 209 -11.48 2.53 -23.44
N ARG K 210 -12.56 2.49 -24.21
CA ARG K 210 -12.63 3.13 -25.52
C ARG K 210 -13.97 3.82 -25.68
N HIS K 211 -13.95 5.16 -25.71
CA HIS K 211 -15.16 5.95 -25.84
C HIS K 211 -15.12 6.75 -27.14
N PHE K 212 -16.30 6.96 -27.71
CA PHE K 212 -16.44 7.20 -29.15
C PHE K 212 -17.32 8.43 -29.37
N LEU K 213 -17.80 8.57 -30.62
CA LEU K 213 -18.77 9.59 -30.98
C LEU K 213 -20.21 9.09 -30.91
N MET K 214 -20.56 8.09 -31.72
CA MET K 214 -21.94 7.69 -31.93
C MET K 214 -22.33 6.48 -31.09
N SER K 215 -21.50 6.09 -30.14
CA SER K 215 -21.81 4.98 -29.25
C SER K 215 -21.12 5.29 -27.92
N ASP K 216 -21.91 5.79 -26.97
CA ASP K 216 -21.33 6.37 -25.77
C ASP K 216 -20.89 5.33 -24.75
N ARG K 217 -21.33 4.08 -24.90
CA ARG K 217 -21.00 3.03 -23.95
C ARG K 217 -19.50 2.83 -23.82
N ARG K 218 -19.08 2.20 -22.72
CA ARG K 218 -17.66 1.89 -22.52
C ARG K 218 -17.11 1.13 -23.72
N SER K 219 -17.91 0.21 -24.29
CA SER K 219 -17.85 -0.24 -25.67
C SER K 219 -16.62 -1.05 -26.04
N LEU K 220 -15.49 -0.85 -25.35
CA LEU K 220 -14.37 -1.78 -25.44
C LEU K 220 -13.46 -1.58 -24.22
N HIS K 221 -13.75 -2.32 -23.16
CA HIS K 221 -12.74 -2.78 -22.22
C HIS K 221 -12.08 -4.01 -22.82
N LEU K 222 -10.78 -4.15 -22.62
CA LEU K 222 -10.11 -5.30 -23.20
C LEU K 222 -8.87 -5.59 -22.37
N GLU K 223 -8.69 -6.84 -21.96
CA GLU K 223 -7.52 -7.19 -21.15
C GLU K 223 -6.64 -8.18 -21.91
N ALA K 224 -5.52 -7.69 -22.45
CA ALA K 224 -4.55 -8.57 -23.09
C ALA K 224 -3.59 -9.07 -22.00
N SER K 225 -4.07 -10.02 -21.22
CA SER K 225 -3.27 -10.62 -20.17
C SER K 225 -2.36 -11.71 -20.74
N LEU K 226 -1.31 -12.03 -19.99
CA LEU K 226 -0.27 -12.94 -20.46
C LEU K 226 0.18 -13.78 -19.27
N ASP K 227 1.32 -14.46 -19.41
CA ASP K 227 1.96 -15.12 -18.29
C ASP K 227 3.40 -14.66 -18.06
N LYS K 228 4.19 -14.50 -19.12
CA LYS K 228 5.60 -14.16 -19.01
C LYS K 228 5.90 -12.89 -19.79
N GLU K 229 7.10 -12.35 -19.57
CA GLU K 229 7.53 -11.14 -20.25
C GLU K 229 8.72 -11.36 -21.17
N LEU K 230 9.75 -12.06 -20.71
CA LEU K 230 10.99 -12.22 -21.48
C LEU K 230 11.09 -13.66 -21.96
N TYR K 231 10.76 -13.87 -23.23
CA TYR K 231 10.94 -15.15 -23.91
C TYR K 231 12.20 -15.10 -24.77
N TYR K 232 12.44 -16.18 -25.50
CA TYR K 232 13.56 -16.28 -26.45
C TYR K 232 13.11 -17.19 -27.59
N HIS K 233 14.08 -17.72 -28.33
CA HIS K 233 13.76 -18.60 -29.45
C HIS K 233 13.38 -19.98 -28.93
N GLY K 234 12.11 -20.34 -29.08
CA GLY K 234 11.66 -21.67 -28.72
C GLY K 234 10.32 -21.73 -28.02
N GLU K 235 9.91 -20.63 -27.38
CA GLU K 235 8.70 -20.64 -26.58
C GLU K 235 7.74 -19.57 -27.11
N PRO K 236 6.55 -19.97 -27.60
CA PRO K 236 5.71 -19.06 -28.40
C PRO K 236 4.91 -18.03 -27.59
N LEU K 237 4.02 -17.32 -28.29
CA LEU K 237 3.29 -16.18 -27.75
C LEU K 237 1.79 -16.50 -27.67
N ASN K 238 1.36 -16.97 -26.50
CA ASN K 238 -0.07 -16.97 -26.18
C ASN K 238 -0.42 -15.61 -25.60
N VAL K 239 -1.50 -15.02 -26.09
CA VAL K 239 -2.03 -13.78 -25.53
C VAL K 239 -3.48 -14.03 -25.13
N ASN K 240 -3.73 -14.08 -23.82
CA ASN K 240 -5.06 -14.27 -23.27
C ASN K 240 -5.76 -12.92 -23.33
N VAL K 241 -6.47 -12.64 -24.42
CA VAL K 241 -7.19 -11.40 -24.57
C VAL K 241 -8.63 -11.63 -24.12
N HIS K 242 -9.03 -10.90 -23.08
CA HIS K 242 -10.34 -10.99 -22.49
C HIS K 242 -11.17 -9.86 -23.09
N VAL K 243 -12.12 -10.24 -23.95
CA VAL K 243 -13.04 -9.28 -24.54
C VAL K 243 -13.96 -8.76 -23.46
N THR K 244 -14.20 -7.45 -23.47
CA THR K 244 -14.88 -6.86 -22.35
C THR K 244 -15.68 -5.71 -22.96
N ASN K 245 -16.87 -6.00 -23.48
CA ASN K 245 -17.49 -5.12 -24.48
C ASN K 245 -19.00 -5.05 -24.25
N ASN K 246 -19.60 -3.87 -24.51
CA ASN K 246 -21.00 -3.73 -24.13
C ASN K 246 -22.04 -4.14 -25.17
N SER K 247 -22.50 -3.21 -26.02
CA SER K 247 -23.70 -3.59 -26.77
C SER K 247 -23.66 -3.35 -28.27
N ALA K 248 -23.62 -2.09 -28.68
CA ALA K 248 -23.86 -1.77 -30.08
C ALA K 248 -22.53 -1.84 -30.81
N LYS K 249 -22.52 -1.47 -32.08
CA LYS K 249 -21.28 -1.48 -32.88
C LYS K 249 -20.65 -2.87 -32.90
N THR K 250 -21.34 -3.77 -33.58
CA THR K 250 -20.89 -5.14 -33.79
C THR K 250 -19.39 -5.21 -34.06
N VAL K 251 -18.67 -5.95 -33.23
CA VAL K 251 -17.25 -6.14 -33.44
C VAL K 251 -17.04 -7.08 -34.62
N LYS K 252 -16.11 -6.72 -35.51
CA LYS K 252 -15.82 -7.61 -36.64
C LYS K 252 -14.90 -8.75 -36.22
N LYS K 253 -13.74 -8.43 -35.64
CA LYS K 253 -12.75 -9.47 -35.41
C LYS K 253 -11.64 -8.96 -34.48
N ILE K 254 -10.87 -9.93 -33.95
CA ILE K 254 -9.64 -9.67 -33.20
C ILE K 254 -8.51 -10.47 -33.85
N ARG K 255 -7.32 -9.87 -33.86
CA ARG K 255 -6.14 -10.39 -34.54
C ARG K 255 -4.94 -9.79 -33.85
N VAL K 256 -3.93 -10.59 -33.57
CA VAL K 256 -2.82 -10.16 -32.75
C VAL K 256 -1.53 -10.26 -33.56
N SER K 257 -0.76 -9.18 -33.59
CA SER K 257 0.37 -9.03 -34.49
C SER K 257 1.60 -8.72 -33.66
N VAL K 258 2.53 -9.66 -33.61
CA VAL K 258 3.84 -9.37 -33.03
C VAL K 258 4.51 -8.32 -33.89
N ARG K 259 4.79 -7.16 -33.30
CA ARG K 259 5.28 -6.00 -34.03
C ARG K 259 6.67 -5.64 -33.48
N GLN K 260 7.65 -5.57 -34.38
CA GLN K 260 9.05 -5.35 -34.02
C GLN K 260 9.40 -3.89 -34.15
N TYR K 261 9.88 -3.28 -33.07
CA TYR K 261 10.38 -1.92 -33.07
C TYR K 261 11.89 -1.92 -33.29
N ALA K 262 12.34 -1.04 -34.19
CA ALA K 262 13.75 -0.89 -34.56
C ALA K 262 14.13 0.59 -34.41
N ASP K 263 14.65 0.97 -33.25
CA ASP K 263 14.96 2.36 -32.93
C ASP K 263 16.41 2.65 -33.33
N ILE K 264 16.62 3.57 -34.28
CA ILE K 264 17.95 3.80 -34.83
C ILE K 264 18.37 5.23 -34.51
N CYS K 265 19.49 5.37 -33.79
CA CYS K 265 20.00 6.67 -33.33
C CYS K 265 21.38 6.93 -33.93
N LEU K 266 21.42 7.62 -35.08
CA LEU K 266 22.68 8.06 -35.67
C LEU K 266 22.79 9.58 -35.71
N PHE K 267 21.86 10.23 -36.40
CA PHE K 267 21.64 11.67 -36.31
C PHE K 267 20.19 11.97 -35.95
N SER K 268 19.28 11.05 -36.24
CA SER K 268 17.89 11.11 -35.82
C SER K 268 17.49 9.76 -35.27
N THR K 269 16.90 9.75 -34.08
CA THR K 269 16.25 8.55 -33.57
C THR K 269 15.10 8.17 -34.49
N ALA K 270 14.96 6.88 -34.80
CA ALA K 270 13.99 6.45 -35.79
C ALA K 270 13.50 5.05 -35.50
N GLN K 271 12.18 4.86 -35.62
CA GLN K 271 11.48 3.62 -35.26
C GLN K 271 10.77 3.09 -36.49
N TYR K 272 11.02 1.82 -36.83
CA TYR K 272 10.57 1.23 -38.09
C TYR K 272 9.59 0.09 -37.78
N LYS K 273 8.31 0.35 -37.99
CA LYS K 273 7.24 -0.60 -37.64
C LYS K 273 6.99 -1.56 -38.80
N CYS K 274 7.07 -2.87 -38.52
CA CYS K 274 6.82 -3.90 -39.52
C CYS K 274 6.43 -5.21 -38.85
N PRO K 275 5.37 -5.87 -39.32
CA PRO K 275 4.84 -7.06 -38.62
C PRO K 275 5.61 -8.32 -38.98
N VAL K 276 6.31 -8.88 -37.99
CA VAL K 276 7.01 -10.15 -38.19
C VAL K 276 6.02 -11.30 -38.33
N ALA K 277 4.96 -11.28 -37.53
CA ALA K 277 3.99 -12.35 -37.52
C ALA K 277 2.68 -11.78 -37.00
N GLN K 278 1.58 -12.32 -37.53
CA GLN K 278 0.26 -11.93 -37.05
C GLN K 278 -0.64 -13.14 -37.21
N LEU K 279 -1.38 -13.47 -36.16
CA LEU K 279 -2.28 -14.61 -36.22
C LEU K 279 -3.63 -14.22 -35.65
N GLU K 280 -4.65 -14.96 -36.09
CA GLU K 280 -6.03 -14.53 -35.89
C GLU K 280 -6.96 -15.64 -36.30
N GLN K 281 -8.22 -15.48 -35.90
CA GLN K 281 -9.29 -16.43 -36.16
C GLN K 281 -10.52 -15.60 -36.48
N ASP K 282 -11.72 -16.19 -36.35
CA ASP K 282 -12.95 -15.43 -36.56
C ASP K 282 -13.89 -15.50 -35.36
N ASP K 283 -13.36 -15.64 -34.16
CA ASP K 283 -14.16 -15.80 -32.94
C ASP K 283 -14.80 -14.45 -32.57
N GLN K 284 -16.06 -14.27 -32.95
CA GLN K 284 -16.75 -13.01 -32.71
C GLN K 284 -17.38 -12.97 -31.33
N VAL K 285 -17.62 -11.75 -30.86
CA VAL K 285 -18.22 -11.50 -29.56
C VAL K 285 -19.61 -10.90 -29.77
N SER K 286 -20.45 -11.03 -28.75
CA SER K 286 -21.83 -10.59 -28.84
C SER K 286 -22.05 -9.30 -28.06
N PRO K 287 -23.07 -8.52 -28.43
CA PRO K 287 -23.49 -7.42 -27.56
C PRO K 287 -23.81 -7.93 -26.17
N SER K 288 -23.37 -7.18 -25.16
CA SER K 288 -23.66 -7.51 -23.78
C SER K 288 -23.16 -8.91 -23.41
N SER K 289 -21.83 -9.05 -23.46
CA SER K 289 -21.17 -10.28 -23.05
C SER K 289 -19.71 -9.98 -22.75
N THR K 290 -19.03 -10.97 -22.15
CA THR K 290 -17.61 -10.86 -21.78
C THR K 290 -16.88 -12.10 -22.32
N PHE K 291 -16.41 -12.00 -23.56
CA PHE K 291 -15.76 -13.14 -24.21
C PHE K 291 -14.28 -13.18 -23.83
N CYS K 292 -13.59 -14.22 -24.30
CA CYS K 292 -12.19 -14.42 -23.99
C CYS K 292 -11.59 -15.39 -24.98
N LYS K 293 -10.45 -15.03 -25.57
CA LYS K 293 -9.72 -15.92 -26.46
C LYS K 293 -8.24 -15.84 -26.16
N VAL K 294 -7.58 -16.99 -26.15
CA VAL K 294 -6.12 -17.03 -26.18
C VAL K 294 -5.70 -17.14 -27.64
N TYR K 295 -4.91 -16.18 -28.10
CA TYR K 295 -4.43 -16.19 -29.47
C TYR K 295 -2.95 -16.53 -29.48
N THR K 296 -2.60 -17.55 -30.27
CA THR K 296 -1.28 -18.18 -30.22
C THR K 296 -0.52 -17.85 -31.50
N ILE K 297 0.51 -17.02 -31.36
CA ILE K 297 1.35 -16.56 -32.46
C ILE K 297 2.76 -17.06 -32.20
N THR K 298 3.53 -17.20 -33.28
CA THR K 298 4.93 -17.62 -33.19
C THR K 298 5.70 -17.04 -34.37
N PRO K 299 6.40 -15.93 -34.17
CA PRO K 299 7.29 -15.43 -35.23
C PRO K 299 8.41 -16.42 -35.50
N LEU K 300 8.50 -16.86 -36.75
CA LEU K 300 9.53 -17.80 -37.17
C LEU K 300 10.53 -17.09 -38.06
N LEU K 301 11.82 -17.39 -37.83
CA LEU K 301 12.86 -16.92 -38.73
C LEU K 301 12.62 -17.41 -40.16
N SER K 302 12.14 -18.64 -40.31
CA SER K 302 12.00 -19.24 -41.64
C SER K 302 10.94 -18.55 -42.47
N ASP K 303 9.94 -17.95 -41.83
CA ASP K 303 8.82 -17.36 -42.57
C ASP K 303 9.16 -15.98 -43.11
N ASN K 304 9.90 -15.18 -42.34
CA ASN K 304 10.29 -13.84 -42.76
C ASN K 304 11.62 -13.82 -43.49
N ARG K 305 12.13 -14.99 -43.86
CA ARG K 305 13.18 -15.09 -44.87
C ARG K 305 12.68 -14.49 -46.18
N GLU K 306 13.57 -13.76 -46.87
CA GLU K 306 13.24 -13.10 -48.14
C GLU K 306 12.17 -12.02 -47.94
N LYS K 307 12.49 -11.03 -47.12
CA LYS K 307 11.53 -9.97 -46.80
C LYS K 307 12.31 -8.68 -46.51
N ARG K 308 11.58 -7.56 -46.49
CA ARG K 308 12.12 -6.26 -46.13
C ARG K 308 11.66 -5.86 -44.73
N GLY K 309 12.55 -5.23 -43.98
CA GLY K 309 12.19 -4.62 -42.71
C GLY K 309 11.88 -5.54 -41.55
N LEU K 310 12.90 -6.25 -41.04
CA LEU K 310 12.76 -6.97 -39.78
C LEU K 310 14.16 -7.16 -39.19
N ALA K 311 14.46 -6.41 -38.13
CA ALA K 311 15.77 -6.51 -37.49
C ALA K 311 16.10 -7.95 -37.14
N LEU K 312 17.25 -8.42 -37.61
CA LEU K 312 17.78 -9.73 -37.28
C LEU K 312 18.96 -9.59 -36.36
N ASP K 313 19.22 -10.64 -35.58
CA ASP K 313 20.50 -10.74 -34.90
C ASP K 313 21.61 -10.81 -35.95
N GLY K 314 22.75 -10.23 -35.62
CA GLY K 314 23.87 -10.28 -36.56
C GLY K 314 24.26 -11.71 -36.87
N GLN K 315 24.58 -11.97 -38.13
CA GLN K 315 25.04 -13.30 -38.50
C GLN K 315 26.56 -13.37 -38.40
N LEU K 316 27.07 -14.60 -38.35
CA LEU K 316 28.50 -14.82 -38.40
C LEU K 316 28.90 -15.04 -39.87
N LYS K 317 28.70 -13.94 -40.60
CA LYS K 317 29.12 -13.62 -41.97
C LYS K 317 28.34 -14.34 -43.07
N HIS K 318 27.78 -15.51 -42.80
CA HIS K 318 26.92 -16.15 -43.78
C HIS K 318 25.87 -17.04 -43.11
N GLU K 319 26.11 -17.37 -41.84
CA GLU K 319 25.39 -18.45 -41.19
C GLU K 319 23.98 -18.01 -40.81
N ASP K 320 23.10 -19.00 -40.64
CA ASP K 320 21.72 -18.71 -40.30
C ASP K 320 21.62 -18.19 -38.87
N THR K 321 20.85 -17.13 -38.69
CA THR K 321 20.73 -16.40 -37.45
C THR K 321 19.29 -16.49 -36.96
N ASN K 322 18.92 -15.66 -35.99
CA ASN K 322 17.57 -15.59 -35.48
C ASN K 322 16.98 -14.20 -35.70
N LEU K 323 15.71 -14.08 -35.37
CA LEU K 323 15.11 -12.75 -35.21
C LEU K 323 15.85 -12.01 -34.11
N ALA K 324 16.08 -10.71 -34.32
CA ALA K 324 16.89 -9.93 -33.40
C ALA K 324 16.36 -10.02 -31.98
N SER K 325 17.27 -10.16 -31.03
CA SER K 325 16.90 -10.07 -29.63
C SER K 325 16.66 -8.63 -29.26
N SER K 326 15.66 -8.39 -28.41
CA SER K 326 15.38 -7.05 -27.96
C SER K 326 16.58 -6.49 -27.21
N THR K 327 17.11 -5.38 -27.68
CA THR K 327 18.11 -4.64 -26.92
C THR K 327 17.41 -3.64 -26.01
N ILE K 328 18.16 -3.06 -25.08
CA ILE K 328 17.64 -2.05 -24.18
C ILE K 328 18.78 -1.13 -23.78
N VAL K 329 18.44 0.10 -23.41
CA VAL K 329 19.37 1.04 -22.80
C VAL K 329 19.20 0.89 -21.29
N LYS K 330 20.27 0.45 -20.62
CA LYS K 330 20.18 -0.04 -19.25
C LYS K 330 19.44 0.92 -18.32
N GLU K 331 20.01 2.10 -18.10
CA GLU K 331 19.32 3.18 -17.43
C GLU K 331 19.61 4.52 -18.09
N GLY K 332 20.39 4.53 -19.17
CA GLY K 332 20.70 5.72 -19.92
C GLY K 332 22.07 6.22 -19.54
N ALA K 333 23.08 5.85 -20.32
CA ALA K 333 24.42 6.33 -20.03
C ALA K 333 24.50 7.83 -20.33
N ASN K 334 25.52 8.49 -19.76
CA ASN K 334 25.70 9.91 -20.00
C ASN K 334 25.77 10.21 -21.50
N LYS K 335 26.31 9.29 -22.29
CA LYS K 335 26.32 9.39 -23.74
C LYS K 335 25.25 8.49 -24.32
N GLU K 336 24.48 9.03 -25.27
CA GLU K 336 23.40 8.25 -25.89
C GLU K 336 23.95 7.00 -26.55
N VAL K 337 23.17 5.92 -26.50
CA VAL K 337 23.54 4.69 -27.19
C VAL K 337 23.27 4.90 -28.68
N LEU K 338 24.33 4.93 -29.48
CA LEU K 338 24.21 5.06 -30.93
C LEU K 338 24.13 3.65 -31.50
N GLY K 339 22.94 3.24 -31.89
CA GLY K 339 22.80 1.93 -32.50
C GLY K 339 21.37 1.65 -32.86
N ILE K 340 21.15 0.43 -33.33
CA ILE K 340 19.80 -0.10 -33.48
C ILE K 340 19.36 -0.67 -32.15
N LEU K 341 18.14 -0.34 -31.75
CA LEU K 341 17.60 -0.56 -30.41
C LEU K 341 16.33 -1.35 -30.66
N VAL K 342 16.43 -2.66 -30.54
CA VAL K 342 15.31 -3.53 -30.87
C VAL K 342 14.41 -3.69 -29.66
N SER K 343 13.11 -3.49 -29.86
CA SER K 343 12.11 -3.93 -28.90
C SER K 343 11.07 -4.75 -29.64
N TYR K 344 10.30 -5.52 -28.88
CA TYR K 344 9.20 -6.29 -29.44
C TYR K 344 7.91 -5.91 -28.74
N ARG K 345 6.79 -6.15 -29.42
CA ARG K 345 5.51 -6.05 -28.74
C ARG K 345 4.52 -6.99 -29.40
N VAL K 346 3.44 -7.28 -28.67
CA VAL K 346 2.21 -7.81 -29.23
C VAL K 346 1.27 -6.63 -29.40
N LYS K 347 1.03 -6.21 -30.64
CA LYS K 347 -0.02 -5.26 -30.92
C LYS K 347 -1.33 -6.03 -31.06
N VAL K 348 -2.24 -5.86 -30.12
CA VAL K 348 -3.52 -6.54 -30.21
C VAL K 348 -4.49 -5.60 -30.91
N LYS K 349 -4.94 -6.00 -32.09
CA LYS K 349 -5.77 -5.19 -32.96
C LYS K 349 -7.14 -5.83 -33.04
N LEU K 350 -8.16 -4.99 -33.18
CA LEU K 350 -9.54 -5.39 -33.41
C LEU K 350 -10.09 -4.61 -34.60
N VAL K 351 -11.10 -5.16 -35.25
CA VAL K 351 -11.94 -4.44 -36.19
C VAL K 351 -13.37 -4.44 -35.65
N VAL K 352 -13.99 -3.26 -35.67
CA VAL K 352 -15.37 -3.07 -35.24
C VAL K 352 -16.13 -2.44 -36.40
N SER K 353 -17.44 -2.75 -36.48
CA SER K 353 -18.27 -2.29 -37.59
C SER K 353 -18.06 -0.81 -37.86
N ARG K 354 -17.79 -0.47 -39.12
CA ARG K 354 -17.75 -1.44 -40.22
C ARG K 354 -16.34 -1.88 -40.57
N GLY K 355 -15.45 -1.95 -39.57
CA GLY K 355 -14.09 -2.37 -39.83
C GLY K 355 -12.99 -1.43 -39.39
N GLY K 356 -13.29 -0.58 -38.40
CA GLY K 356 -12.25 0.24 -37.81
C GLY K 356 -11.27 -0.60 -37.01
N ASP K 357 -9.98 -0.24 -37.14
CA ASP K 357 -8.86 -1.05 -36.64
C ASP K 357 -8.38 -0.54 -35.29
N VAL K 358 -9.22 -0.74 -34.29
CA VAL K 358 -8.86 -0.36 -32.93
C VAL K 358 -7.72 -1.26 -32.46
N SER K 359 -6.95 -0.82 -31.47
CA SER K 359 -5.84 -1.66 -31.03
C SER K 359 -5.26 -1.12 -29.72
N VAL K 360 -4.32 -1.87 -29.17
CA VAL K 360 -3.51 -1.41 -28.04
C VAL K 360 -2.21 -2.19 -27.97
N GLU K 361 -1.22 -1.61 -27.27
CA GLU K 361 0.17 -2.08 -27.24
C GLU K 361 0.68 -2.03 -25.81
N LEU K 362 1.88 -2.61 -25.60
CA LEU K 362 2.46 -2.81 -24.26
C LEU K 362 3.98 -2.81 -24.31
N PRO K 363 4.68 -3.01 -23.16
CA PRO K 363 6.10 -3.44 -23.22
C PRO K 363 6.32 -4.95 -23.04
N PHE K 364 7.26 -5.53 -23.78
CA PHE K 364 7.84 -6.84 -23.44
C PHE K 364 9.07 -7.08 -24.32
N VAL K 365 9.95 -7.97 -23.84
CA VAL K 365 11.34 -8.04 -24.28
C VAL K 365 11.68 -9.46 -24.73
N LEU K 366 12.49 -9.57 -25.78
CA LEU K 366 13.02 -10.84 -26.27
C LEU K 366 14.53 -10.85 -26.16
N MET K 367 15.08 -11.75 -25.35
CA MET K 367 16.53 -11.91 -25.20
C MET K 367 16.86 -13.38 -24.98
N HIS K 368 18.15 -13.71 -25.12
CA HIS K 368 18.61 -15.09 -25.26
C HIS K 368 18.65 -15.83 -23.92
N PRO K 369 18.68 -17.17 -23.96
CA PRO K 369 18.93 -17.96 -22.75
C PRO K 369 20.40 -18.33 -22.58
N LYS K 370 20.88 -18.26 -21.27
CA LYS K 370 22.30 -18.51 -21.02
C LYS K 370 22.58 -19.98 -20.75
N PRO K 371 23.76 -20.45 -21.14
CA PRO K 371 24.28 -21.79 -20.78
C PRO K 371 24.88 -21.83 -19.38
N ALA L 6 38.00 -1.82 -44.49
CA ALA L 6 37.78 -2.72 -45.61
C ALA L 6 37.75 -4.18 -45.17
N LYS L 7 37.72 -5.08 -46.15
CA LYS L 7 37.36 -6.47 -45.91
C LYS L 7 38.33 -7.46 -46.57
N TPO L 8 37.92 -8.72 -46.64
CA TPO L 8 38.60 -9.70 -47.47
CB TPO L 8 39.70 -10.42 -46.66
CG2 TPO L 8 39.35 -11.89 -46.40
OG1 TPO L 8 40.93 -10.34 -47.37
P TPO L 8 42.12 -10.96 -46.49
O1P TPO L 8 42.43 -12.46 -46.98
O2P TPO L 8 43.35 -10.15 -46.69
O3P TPO L 8 41.76 -10.94 -44.91
C TPO L 8 37.60 -10.69 -48.09
O TPO L 8 37.77 -11.10 -49.23
N GLY L 9 36.56 -11.04 -47.33
CA GLY L 9 35.62 -12.06 -47.76
C GLY L 9 36.21 -13.45 -47.79
N LEU L 10 36.34 -14.08 -46.63
CA LEU L 10 36.92 -15.42 -46.53
C LEU L 10 36.12 -16.35 -45.60
N TPO L 11 36.82 -16.96 -44.64
CA TPO L 11 36.39 -18.07 -43.75
CB TPO L 11 37.15 -17.91 -42.49
CG2 TPO L 11 38.64 -18.22 -42.69
OG1 TPO L 11 36.97 -16.53 -42.09
P TPO L 11 36.65 -16.40 -40.52
O1P TPO L 11 37.51 -17.44 -39.65
O2P TPO L 11 35.08 -16.42 -40.17
O3P TPO L 11 37.15 -15.06 -40.17
C TPO L 11 34.92 -18.29 -43.35
O TPO L 11 34.03 -17.55 -43.74
N LYS L 12 34.69 -19.33 -42.56
CA LYS L 12 33.37 -19.57 -42.00
C LYS L 12 33.46 -20.30 -40.65
N LEU L 13 34.21 -21.41 -40.56
CA LEU L 13 34.40 -22.07 -39.27
C LEU L 13 35.85 -22.15 -38.82
N ILE L 14 36.70 -22.88 -39.53
CA ILE L 14 37.98 -23.31 -38.94
C ILE L 14 39.14 -22.79 -39.77
#